data_9KQG
#
_entry.id   9KQG
#
_cell.length_a   1.00
_cell.length_b   1.00
_cell.length_c   1.00
_cell.angle_alpha   90.00
_cell.angle_beta   90.00
_cell.angle_gamma   90.00
#
_symmetry.space_group_name_H-M   'P 1'
#
loop_
_entity.id
_entity.type
_entity.pdbx_description
1 polymer '3-ketoacyl-CoA synthase'
2 polymer CsCER2
3 non-polymer DODECANE
#
loop_
_entity_poly.entity_id
_entity_poly.type
_entity_poly.pdbx_seq_one_letter_code
_entity_poly.pdbx_strand_id
1 'polypeptide(L)'
;IFIATVYFMSKPRHVYLVDYACYKPPVTCRVPFATFMEHSRLILKNNPKSVEFQMRILERSGLGEETCLPPAIHYIPPTP
TMEAARGEAELVIFSAMDSLLQKTGLKPKDIDILIVNCSLFSPTPSLSAMVINKYKLRSNIKSFNLSGMGCSAGLISIDL
ARDLLQVHPNSNAVVVSTEIITPNYYQGNERAMLLPNCLFRMGGAAILLSNRRRNRSRAKYRLVHVVRTHKGADDKAYRC
VFEEEDKEGKVGISLSKDLMAIAGEALKSNITTIGPLVLPASEQLLFLMTLIGRKIFNPKWKPYIPDFKQAFEHFCIHAG
GRAVIDELQKNLQLSAEQVEASRMTLHRFGNTSSSSLWYEMSYIEEKGRMKKGDRVWQIAFGSGFKCNSAVWKCNKTIKT
TTDNPWSDCIDRYPVHIPEIVKL
;
A,B
2 'polypeptide(L)'
;NPENRVSGIKLSSVVPAKATGNQDYELKNIDLAMKLHYIKGVYFFNREAVRGLTIFDLKRPMFQLLDIFYTASGRIRRPE
TAGAGRPFIKCNDGGVRIVEAFCDDQTIAEWLAMDHESRDDCLAYGSELGPDLAFSPLVFVQFTSFKCGGMSLGLSWAHV
LGDPFSASAFVSMWAQIMAGRVPPKSLHEPEPEKSETETQTRASESVAGNLYPIKRVDPVGDHWQFPNNCNMKTHTFQFT
KKQLDQMASNLRYRGIREAAAVSHFEVISATIWKLLAKASEDSGPGVVTICRYNGQRENETASNDMVLSTAEVDFDVSKS
DVWELSTLIADKRKDVDEKVLSESSDFIMYGANLTFVDMEEADVYGLKLQGQKPVDVNYSINGVGEQGVVLVLAGPEEDS
GRGRDRGSTVTVVLPENQLEKLMNELNQEWNLA
;
C,D
#
loop_
_chem_comp.id
_chem_comp.type
_chem_comp.name
_chem_comp.formula
D12 non-polymer DODECANE 'C12 H26'
#
# COMPACT_ATOMS: atom_id res chain seq x y z
N ILE A 1 -49.35 41.43 -5.85
CA ILE A 1 -48.16 40.95 -6.54
C ILE A 1 -46.99 40.83 -5.57
N PHE A 2 -47.05 41.59 -4.47
CA PHE A 2 -45.96 41.59 -3.51
C PHE A 2 -45.78 40.21 -2.87
N ILE A 3 -46.87 39.65 -2.33
CA ILE A 3 -46.76 38.37 -1.64
C ILE A 3 -46.37 37.27 -2.62
N ALA A 4 -46.93 37.31 -3.84
CA ALA A 4 -46.57 36.31 -4.83
C ALA A 4 -45.09 36.36 -5.16
N THR A 5 -44.54 37.56 -5.33
CA THR A 5 -43.12 37.69 -5.63
C THR A 5 -42.28 37.20 -4.46
N VAL A 6 -42.67 37.54 -3.23
CA VAL A 6 -41.93 37.07 -2.07
C VAL A 6 -41.92 35.55 -2.04
N TYR A 7 -43.08 34.93 -2.25
CA TYR A 7 -43.16 33.47 -2.22
C TYR A 7 -42.31 32.84 -3.31
N PHE A 8 -42.38 33.40 -4.53
CA PHE A 8 -41.63 32.82 -5.64
C PHE A 8 -40.12 32.94 -5.41
N MET A 9 -39.66 34.09 -4.90
CA MET A 9 -38.24 34.24 -4.64
C MET A 9 -37.77 33.45 -3.42
N SER A 10 -38.69 33.10 -2.51
CA SER A 10 -38.33 32.35 -1.32
C SER A 10 -38.54 30.85 -1.45
N LYS A 11 -39.24 30.40 -2.49
CA LYS A 11 -39.51 28.97 -2.65
C LYS A 11 -38.25 28.25 -3.12
N PRO A 12 -37.90 27.11 -2.53
CA PRO A 12 -36.72 26.38 -3.01
C PRO A 12 -36.94 25.81 -4.41
N ARG A 13 -35.85 25.65 -5.14
CA ARG A 13 -35.94 25.06 -6.47
C ARG A 13 -36.26 23.57 -6.36
N HIS A 14 -36.81 23.04 -7.45
CA HIS A 14 -37.15 21.63 -7.53
C HIS A 14 -36.01 20.87 -8.19
N VAL A 15 -35.53 19.83 -7.52
CA VAL A 15 -34.47 18.97 -8.04
C VAL A 15 -35.13 17.70 -8.54
N TYR A 16 -34.78 17.29 -9.76
CA TYR A 16 -35.42 16.19 -10.44
C TYR A 16 -34.38 15.13 -10.78
N LEU A 17 -34.69 13.87 -10.47
CA LEU A 17 -33.87 12.75 -10.91
C LEU A 17 -34.30 12.38 -12.32
N VAL A 18 -33.66 13.03 -13.30
CA VAL A 18 -34.07 12.86 -14.69
C VAL A 18 -33.94 11.40 -15.11
N ASP A 19 -32.84 10.75 -14.75
CA ASP A 19 -32.63 9.35 -15.08
C ASP A 19 -31.36 8.88 -14.38
N TYR A 20 -31.05 7.60 -14.55
CA TYR A 20 -29.87 7.00 -13.96
C TYR A 20 -29.59 5.67 -14.63
N ALA A 21 -28.30 5.35 -14.76
CA ALA A 21 -27.85 4.11 -15.38
C ALA A 21 -27.01 3.33 -14.38
N CYS A 22 -27.30 2.04 -14.25
CA CYS A 22 -26.55 1.15 -13.38
C CYS A 22 -25.60 0.29 -14.19
N TYR A 23 -24.45 -0.02 -13.61
CA TYR A 23 -23.50 -0.91 -14.25
C TYR A 23 -24.03 -2.33 -14.22
N LYS A 24 -23.99 -2.99 -15.39
CA LYS A 24 -24.39 -4.39 -15.50
C LYS A 24 -23.13 -5.22 -15.72
N PRO A 25 -22.63 -5.94 -14.71
CA PRO A 25 -21.41 -6.71 -14.89
C PRO A 25 -21.58 -7.72 -16.02
N PRO A 26 -20.56 -7.93 -16.84
CA PRO A 26 -20.67 -8.93 -17.90
C PRO A 26 -20.70 -10.33 -17.30
N VAL A 27 -21.25 -11.27 -18.06
CA VAL A 27 -21.26 -12.64 -17.57
C VAL A 27 -19.94 -13.28 -18.00
N THR A 28 -18.85 -12.83 -17.37
CA THR A 28 -17.56 -13.49 -17.42
C THR A 28 -16.82 -13.44 -16.09
N CYS A 29 -17.27 -12.62 -15.14
CA CYS A 29 -16.58 -12.37 -13.88
C CYS A 29 -17.31 -12.97 -12.69
N ARG A 30 -18.45 -13.64 -12.90
CA ARG A 30 -19.25 -14.11 -11.79
C ARG A 30 -18.46 -15.10 -10.94
N VAL A 31 -18.72 -15.08 -9.64
CA VAL A 31 -17.94 -15.85 -8.67
C VAL A 31 -18.87 -16.75 -7.88
N PRO A 32 -19.13 -17.97 -8.33
CA PRO A 32 -19.97 -18.88 -7.55
C PRO A 32 -19.38 -19.13 -6.17
N PHE A 33 -20.22 -19.69 -5.29
CA PHE A 33 -19.78 -19.94 -3.92
C PHE A 33 -18.62 -20.92 -3.88
N ALA A 34 -18.72 -22.01 -4.65
CA ALA A 34 -17.69 -23.03 -4.62
C ALA A 34 -16.34 -22.50 -5.09
N THR A 35 -16.34 -21.71 -6.16
CA THR A 35 -15.09 -21.15 -6.66
C THR A 35 -14.46 -20.20 -5.65
N PHE A 36 -15.28 -19.37 -5.00
CA PHE A 36 -14.78 -18.47 -3.98
C PHE A 36 -14.15 -19.25 -2.84
N MET A 37 -14.83 -20.30 -2.37
CA MET A 37 -14.30 -21.09 -1.27
C MET A 37 -13.02 -21.81 -1.67
N GLU A 38 -12.95 -22.30 -2.90
CA GLU A 38 -11.74 -22.98 -3.36
C GLU A 38 -10.56 -22.03 -3.42
N HIS A 39 -10.78 -20.82 -3.96
CA HIS A 39 -9.71 -19.83 -3.98
C HIS A 39 -9.29 -19.43 -2.56
N SER A 40 -10.27 -19.34 -1.65
CA SER A 40 -9.95 -19.02 -0.26
C SER A 40 -9.08 -20.11 0.36
N ARG A 41 -9.43 -21.38 0.13
CA ARG A 41 -8.62 -22.47 0.66
C ARG A 41 -7.22 -22.43 0.07
N LEU A 42 -7.10 -22.18 -1.24
CA LEU A 42 -5.77 -22.14 -1.85
C LEU A 42 -4.94 -20.99 -1.29
N ILE A 43 -5.56 -19.83 -1.09
CA ILE A 43 -4.81 -18.65 -0.65
C ILE A 43 -4.45 -18.76 0.82
N LEU A 44 -5.47 -18.83 1.69
CA LEU A 44 -5.25 -18.89 3.12
C LEU A 44 -5.01 -20.33 3.58
N LYS A 45 -4.07 -21.01 2.94
CA LYS A 45 -3.75 -22.38 3.33
C LYS A 45 -3.17 -22.43 4.74
N ASN A 46 -2.35 -21.44 5.11
CA ASN A 46 -1.63 -21.51 6.37
C ASN A 46 -2.58 -21.51 7.56
N ASN A 47 -3.66 -20.73 7.49
CA ASN A 47 -4.59 -20.55 8.61
C ASN A 47 -5.94 -21.15 8.25
N PRO A 48 -6.20 -22.41 8.62
CA PRO A 48 -7.52 -23.00 8.34
C PRO A 48 -8.67 -22.26 9.01
N LYS A 49 -8.45 -21.70 10.20
CA LYS A 49 -9.56 -21.08 10.93
C LYS A 49 -10.13 -19.89 10.17
N SER A 50 -9.27 -19.11 9.50
CA SER A 50 -9.77 -18.00 8.71
C SER A 50 -10.64 -18.49 7.55
N VAL A 51 -10.24 -19.59 6.92
CA VAL A 51 -11.04 -20.15 5.84
C VAL A 51 -12.39 -20.63 6.37
N GLU A 52 -12.38 -21.29 7.53
CA GLU A 52 -13.64 -21.75 8.11
C GLU A 52 -14.53 -20.56 8.46
N PHE A 53 -13.95 -19.48 8.98
CA PHE A 53 -14.71 -18.27 9.26
C PHE A 53 -15.34 -17.70 7.98
N GLN A 54 -14.54 -17.65 6.91
CA GLN A 54 -15.07 -17.14 5.64
C GLN A 54 -16.22 -17.99 5.15
N MET A 55 -16.08 -19.32 5.23
CA MET A 55 -17.17 -20.19 4.81
C MET A 55 -18.40 -19.97 5.67
N ARG A 56 -18.22 -19.85 6.98
CA ARG A 56 -19.36 -19.68 7.88
C ARG A 56 -20.11 -18.38 7.59
N ILE A 57 -19.38 -17.29 7.32
CA ILE A 57 -20.03 -16.00 7.10
C ILE A 57 -20.43 -15.79 5.64
N LEU A 58 -20.04 -16.69 4.73
CA LEU A 58 -20.47 -16.59 3.35
C LEU A 58 -21.60 -17.57 3.00
N GLU A 59 -21.73 -18.66 3.74
CA GLU A 59 -22.83 -19.59 3.49
C GLU A 59 -24.16 -19.04 3.97
N ARG A 60 -24.15 -18.10 4.91
CA ARG A 60 -25.37 -17.45 5.39
C ARG A 60 -25.32 -15.95 5.12
N SER A 61 -24.64 -15.55 4.04
CA SER A 61 -24.55 -14.16 3.66
C SER A 61 -25.72 -13.71 2.79
N GLY A 62 -26.47 -14.63 2.21
CA GLY A 62 -27.59 -14.28 1.37
C GLY A 62 -27.22 -13.86 -0.03
N LEU A 63 -26.00 -14.12 -0.49
CA LEU A 63 -25.61 -13.80 -1.85
C LEU A 63 -26.05 -14.91 -2.79
N GLY A 64 -25.69 -14.77 -4.06
CA GLY A 64 -26.03 -15.76 -5.06
C GLY A 64 -24.82 -16.20 -5.85
N GLU A 65 -25.06 -16.81 -7.01
CA GLU A 65 -23.99 -17.33 -7.86
C GLU A 65 -23.67 -16.42 -9.03
N GLU A 66 -24.28 -15.23 -9.10
CA GLU A 66 -24.08 -14.32 -10.21
C GLU A 66 -23.32 -13.06 -9.81
N THR A 67 -22.96 -12.91 -8.55
CA THR A 67 -22.19 -11.75 -8.12
C THR A 67 -20.85 -11.73 -8.84
N CYS A 68 -20.32 -10.53 -9.06
CA CYS A 68 -19.13 -10.34 -9.89
C CYS A 68 -18.01 -9.67 -9.09
N LEU A 69 -16.78 -10.02 -9.44
CA LEU A 69 -15.57 -9.44 -8.89
C LEU A 69 -14.67 -9.03 -10.04
N PRO A 70 -13.76 -8.07 -9.81
CA PRO A 70 -12.93 -7.55 -10.90
C PRO A 70 -11.93 -8.60 -11.36
N PRO A 71 -11.30 -8.40 -12.55
CA PRO A 71 -10.35 -9.37 -13.10
C PRO A 71 -8.93 -9.25 -12.54
N ALA A 72 -8.84 -9.01 -11.25
CA ALA A 72 -7.59 -9.09 -10.50
C ALA A 72 -7.72 -10.02 -9.32
N ILE A 73 -8.90 -10.10 -8.71
CA ILE A 73 -9.17 -11.08 -7.66
C ILE A 73 -9.32 -12.48 -8.23
N HIS A 74 -9.50 -12.61 -9.55
CA HIS A 74 -9.62 -13.91 -10.16
C HIS A 74 -8.38 -14.77 -9.95
N TYR A 75 -7.23 -14.15 -9.71
CA TYR A 75 -5.96 -14.85 -9.67
C TYR A 75 -5.71 -15.45 -8.29
N ILE A 76 -4.63 -16.21 -8.18
CA ILE A 76 -4.30 -16.92 -6.95
C ILE A 76 -2.79 -16.78 -6.70
N PRO A 77 -2.35 -15.90 -5.80
CA PRO A 77 -3.14 -14.91 -5.03
C PRO A 77 -3.48 -13.69 -5.86
N PRO A 78 -4.48 -12.89 -5.46
CA PRO A 78 -4.77 -11.66 -6.20
C PRO A 78 -3.57 -10.72 -6.21
N THR A 79 -3.48 -9.94 -7.27
CA THR A 79 -2.41 -8.96 -7.45
C THR A 79 -3.01 -7.60 -7.74
N PRO A 80 -3.55 -6.93 -6.72
CA PRO A 80 -4.16 -5.61 -6.93
C PRO A 80 -3.11 -4.54 -7.14
N THR A 81 -2.98 -4.05 -8.38
CA THR A 81 -2.06 -2.97 -8.71
C THR A 81 -2.85 -1.71 -9.03
N MET A 82 -2.13 -0.59 -9.13
CA MET A 82 -2.78 0.66 -9.48
C MET A 82 -3.38 0.58 -10.88
N GLU A 83 -2.69 -0.07 -11.81
CA GLU A 83 -3.19 -0.20 -13.17
C GLU A 83 -4.50 -0.99 -13.20
N ALA A 84 -4.58 -2.07 -12.43
CA ALA A 84 -5.80 -2.86 -12.39
C ALA A 84 -6.96 -2.04 -11.80
N ALA A 85 -6.69 -1.28 -10.75
CA ALA A 85 -7.73 -0.45 -10.15
C ALA A 85 -8.21 0.61 -11.13
N ARG A 86 -7.28 1.27 -11.84
CA ARG A 86 -7.68 2.26 -12.83
C ARG A 86 -8.47 1.61 -13.96
N GLY A 87 -8.07 0.42 -14.39
CA GLY A 87 -8.81 -0.27 -15.44
C GLY A 87 -10.22 -0.61 -15.02
N GLU A 88 -10.39 -1.08 -13.78
CA GLU A 88 -11.73 -1.36 -13.27
C GLU A 88 -12.55 -0.07 -13.16
N ALA A 89 -11.93 1.01 -12.69
CA ALA A 89 -12.65 2.28 -12.61
C ALA A 89 -13.14 2.71 -13.98
N GLU A 90 -12.28 2.62 -14.99
CA GLU A 90 -12.72 2.93 -16.34
C GLU A 90 -13.87 2.03 -16.75
N LEU A 91 -13.68 0.71 -16.62
CA LEU A 91 -14.69 -0.24 -17.07
C LEU A 91 -16.06 0.05 -16.46
N VAL A 92 -16.10 0.35 -15.17
CA VAL A 92 -17.38 0.56 -14.50
C VAL A 92 -17.94 1.95 -14.82
N ILE A 93 -17.14 2.99 -14.56
CA ILE A 93 -17.66 4.34 -14.62
C ILE A 93 -17.99 4.74 -16.05
N PHE A 94 -17.13 4.41 -17.01
CA PHE A 94 -17.43 4.78 -18.39
C PHE A 94 -18.65 4.03 -18.92
N SER A 95 -18.81 2.76 -18.53
CA SER A 95 -20.00 2.02 -18.93
C SER A 95 -21.25 2.67 -18.38
N ALA A 96 -21.26 3.00 -17.09
CA ALA A 96 -22.43 3.63 -16.49
C ALA A 96 -22.71 4.99 -17.11
N MET A 97 -21.67 5.78 -17.34
CA MET A 97 -21.85 7.10 -17.93
C MET A 97 -22.37 7.01 -19.35
N ASP A 98 -21.85 6.06 -20.14
CA ASP A 98 -22.37 5.87 -21.49
C ASP A 98 -23.83 5.46 -21.47
N SER A 99 -24.21 4.56 -20.56
CA SER A 99 -25.61 4.19 -20.45
C SER A 99 -26.46 5.39 -20.09
N LEU A 100 -26.00 6.23 -19.17
CA LEU A 100 -26.74 7.42 -18.78
C LEU A 100 -26.92 8.37 -19.95
N LEU A 101 -25.83 8.64 -20.68
CA LEU A 101 -25.89 9.59 -21.78
C LEU A 101 -26.76 9.07 -22.92
N GLN A 102 -26.80 7.75 -23.12
CA GLN A 102 -27.67 7.20 -24.15
C GLN A 102 -29.13 7.19 -23.70
N LYS A 103 -29.39 6.95 -22.42
CA LYS A 103 -30.76 6.95 -21.92
C LYS A 103 -31.36 8.36 -21.97
N THR A 104 -30.62 9.35 -21.48
CA THR A 104 -31.16 10.71 -21.33
C THR A 104 -30.90 11.60 -22.54
N GLY A 105 -30.05 11.19 -23.47
CA GLY A 105 -29.69 12.06 -24.57
C GLY A 105 -29.01 13.33 -24.12
N LEU A 106 -28.19 13.24 -23.07
CA LEU A 106 -27.57 14.41 -22.47
C LEU A 106 -26.25 14.72 -23.15
N LYS A 107 -26.11 15.94 -23.65
CA LYS A 107 -24.84 16.35 -24.23
C LYS A 107 -23.81 16.58 -23.12
N PRO A 108 -22.54 16.20 -23.33
CA PRO A 108 -21.55 16.42 -22.26
C PRO A 108 -21.43 17.88 -21.86
N LYS A 109 -21.57 18.81 -22.80
CA LYS A 109 -21.45 20.22 -22.46
C LYS A 109 -22.55 20.69 -21.52
N ASP A 110 -23.69 20.00 -21.49
CA ASP A 110 -24.80 20.39 -20.63
C ASP A 110 -24.56 20.02 -19.17
N ILE A 111 -23.51 19.26 -18.87
CA ILE A 111 -23.23 18.88 -17.49
C ILE A 111 -22.54 20.05 -16.79
N ASP A 112 -23.15 20.55 -15.72
CA ASP A 112 -22.63 21.67 -14.96
C ASP A 112 -21.96 21.26 -13.67
N ILE A 113 -22.41 20.18 -13.04
CA ILE A 113 -21.87 19.69 -11.78
C ILE A 113 -21.57 18.21 -11.95
N LEU A 114 -20.48 17.75 -11.34
CA LEU A 114 -20.06 16.35 -11.44
C LEU A 114 -19.52 15.92 -10.09
N ILE A 115 -20.27 15.08 -9.39
CA ILE A 115 -19.87 14.60 -8.07
C ILE A 115 -19.59 13.10 -8.19
N VAL A 116 -18.34 12.72 -7.99
CA VAL A 116 -17.95 11.31 -8.03
C VAL A 116 -17.70 10.83 -6.61
N ASN A 117 -17.98 9.55 -6.37
CA ASN A 117 -17.99 8.99 -5.03
C ASN A 117 -17.38 7.60 -5.09
N CYS A 118 -16.29 7.40 -4.36
CA CYS A 118 -15.65 6.10 -4.23
C CYS A 118 -14.87 6.10 -2.93
N SER A 119 -15.11 5.10 -2.08
CA SER A 119 -14.60 5.15 -0.71
C SER A 119 -13.08 4.98 -0.67
N LEU A 120 -12.57 3.82 -1.10
CA LEU A 120 -11.19 3.48 -0.86
C LEU A 120 -10.27 3.68 -2.06
N PHE A 121 -10.79 4.01 -3.23
CA PHE A 121 -9.97 4.29 -4.40
C PHE A 121 -10.02 5.79 -4.67
N SER A 122 -8.88 6.46 -4.44
CA SER A 122 -8.75 7.90 -4.62
C SER A 122 -7.50 8.18 -5.43
N PRO A 123 -7.52 7.89 -6.72
CA PRO A 123 -6.35 8.18 -7.56
C PRO A 123 -6.12 9.67 -7.67
N THR A 124 -5.01 10.01 -8.33
CA THR A 124 -4.67 11.39 -8.65
C THR A 124 -4.23 11.42 -10.10
N PRO A 125 -4.86 12.19 -10.97
CA PRO A 125 -6.02 13.07 -10.76
C PRO A 125 -7.28 12.28 -10.41
N SER A 126 -8.26 12.92 -9.79
CA SER A 126 -9.40 12.23 -9.24
C SER A 126 -10.17 11.49 -10.34
N LEU A 127 -11.14 10.68 -9.91
CA LEU A 127 -12.02 10.01 -10.85
C LEU A 127 -12.90 11.00 -11.61
N SER A 128 -13.23 12.13 -10.97
CA SER A 128 -13.98 13.17 -11.67
C SER A 128 -13.17 13.74 -12.83
N ALA A 129 -11.86 13.92 -12.63
CA ALA A 129 -11.00 14.34 -13.72
C ALA A 129 -10.94 13.29 -14.81
N MET A 130 -10.98 12.01 -14.42
CA MET A 130 -11.02 10.94 -15.40
C MET A 130 -12.27 11.05 -16.27
N VAL A 131 -13.42 11.28 -15.64
CA VAL A 131 -14.67 11.46 -16.40
C VAL A 131 -14.58 12.68 -17.29
N ILE A 132 -14.03 13.78 -16.78
CA ILE A 132 -13.95 15.02 -17.54
C ILE A 132 -13.07 14.84 -18.77
N ASN A 133 -11.96 14.12 -18.61
CA ASN A 133 -11.11 13.82 -19.76
C ASN A 133 -11.84 12.91 -20.75
N LYS A 134 -12.53 11.89 -20.25
CA LYS A 134 -13.17 10.92 -21.15
C LYS A 134 -14.25 11.59 -22.00
N TYR A 135 -15.14 12.35 -21.37
CA TYR A 135 -16.28 12.93 -22.06
C TYR A 135 -16.08 14.41 -22.41
N LYS A 136 -14.88 14.95 -22.18
CA LYS A 136 -14.55 16.31 -22.58
C LYS A 136 -15.54 17.32 -22.02
N LEU A 137 -15.82 17.20 -20.73
CA LEU A 137 -16.69 18.18 -20.07
C LEU A 137 -16.03 19.55 -20.09
N ARG A 138 -16.80 20.55 -19.66
CA ARG A 138 -16.36 21.94 -19.76
C ARG A 138 -15.27 22.24 -18.73
N SER A 139 -14.60 23.38 -18.94
CA SER A 139 -13.52 23.80 -18.05
C SER A 139 -14.01 24.60 -16.85
N ASN A 140 -15.30 24.93 -16.78
CA ASN A 140 -15.88 25.57 -15.60
C ASN A 140 -16.90 24.66 -14.92
N ILE A 141 -16.67 23.35 -15.00
CA ILE A 141 -17.53 22.37 -14.35
C ILE A 141 -17.23 22.34 -12.86
N LYS A 142 -18.28 22.30 -12.05
CA LYS A 142 -18.15 22.14 -10.61
C LYS A 142 -17.96 20.66 -10.32
N SER A 143 -16.69 20.24 -10.24
CA SER A 143 -16.33 18.85 -10.09
C SER A 143 -15.87 18.59 -8.67
N PHE A 144 -16.43 17.55 -8.05
CA PHE A 144 -16.07 17.15 -6.69
C PHE A 144 -15.86 15.64 -6.67
N ASN A 145 -14.97 15.20 -5.80
CA ASN A 145 -14.65 13.78 -5.64
C ASN A 145 -14.64 13.47 -4.14
N LEU A 146 -15.71 12.85 -3.67
CA LEU A 146 -15.83 12.48 -2.26
C LEU A 146 -15.29 11.07 -2.07
N SER A 147 -14.44 10.90 -1.06
CA SER A 147 -13.82 9.60 -0.80
C SER A 147 -13.62 9.42 0.69
N GLY A 148 -13.56 8.17 1.12
CA GLY A 148 -13.40 7.83 2.51
C GLY A 148 -14.67 7.87 3.31
N MET A 149 -15.80 8.22 2.70
CA MET A 149 -17.05 8.43 3.42
C MET A 149 -17.92 7.18 3.46
N GLY A 150 -17.43 6.05 2.96
CA GLY A 150 -18.11 4.79 3.19
C GLY A 150 -19.29 4.55 2.27
N CYS A 151 -20.17 3.66 2.73
CA CYS A 151 -21.29 3.21 1.90
C CYS A 151 -22.38 4.26 1.80
N SER A 152 -22.61 5.03 2.87
CA SER A 152 -23.64 6.06 2.84
C SER A 152 -23.27 7.24 1.95
N ALA A 153 -22.03 7.30 1.47
CA ALA A 153 -21.61 8.44 0.66
C ALA A 153 -22.50 8.61 -0.57
N GLY A 154 -23.12 7.53 -1.03
CA GLY A 154 -24.02 7.64 -2.18
C GLY A 154 -25.13 8.64 -1.94
N LEU A 155 -25.68 8.67 -0.73
CA LEU A 155 -26.70 9.65 -0.40
C LEU A 155 -26.11 10.98 0.04
N ILE A 156 -24.81 11.01 0.37
CA ILE A 156 -24.15 12.30 0.57
C ILE A 156 -24.01 13.03 -0.75
N SER A 157 -23.54 12.33 -1.78
CA SER A 157 -23.26 12.98 -3.06
C SER A 157 -24.51 13.65 -3.60
N ILE A 158 -25.61 12.90 -3.72
CA ILE A 158 -26.83 13.50 -4.24
C ILE A 158 -27.24 14.68 -3.38
N ASP A 159 -27.09 14.55 -2.06
CA ASP A 159 -27.41 15.67 -1.19
C ASP A 159 -26.64 16.91 -1.61
N LEU A 160 -25.32 16.78 -1.77
CA LEU A 160 -24.52 17.90 -2.22
C LEU A 160 -25.05 18.44 -3.53
N ALA A 161 -25.39 17.55 -4.46
CA ALA A 161 -25.91 17.99 -5.75
C ALA A 161 -27.12 18.89 -5.55
N ARG A 162 -28.04 18.47 -4.68
CA ARG A 162 -29.20 19.31 -4.41
C ARG A 162 -28.76 20.68 -3.93
N ASP A 163 -27.85 20.73 -2.95
CA ASP A 163 -27.40 22.00 -2.43
C ASP A 163 -26.70 22.83 -3.48
N LEU A 164 -26.20 22.21 -4.55
CA LEU A 164 -25.57 22.96 -5.62
C LEU A 164 -26.54 23.33 -6.73
N LEU A 165 -27.67 22.63 -6.84
CA LEU A 165 -28.64 22.99 -7.85
C LEU A 165 -29.50 24.16 -7.40
N GLN A 166 -29.72 24.29 -6.09
CA GLN A 166 -30.49 25.41 -5.56
C GLN A 166 -29.70 26.71 -5.57
N VAL A 167 -28.41 26.68 -5.90
CA VAL A 167 -27.60 27.89 -5.98
C VAL A 167 -27.41 28.27 -7.45
N HIS A 168 -27.40 27.27 -8.33
CA HIS A 168 -27.16 27.49 -9.76
C HIS A 168 -28.42 27.12 -10.55
N PRO A 169 -29.18 28.09 -11.06
CA PRO A 169 -30.39 27.75 -11.80
C PRO A 169 -30.08 27.15 -13.16
N ASN A 170 -31.00 26.31 -13.62
CA ASN A 170 -30.94 25.71 -14.95
C ASN A 170 -29.59 25.01 -15.17
N SER A 171 -29.37 23.95 -14.39
CA SER A 171 -28.11 23.23 -14.44
C SER A 171 -28.34 21.73 -14.24
N ASN A 172 -27.41 20.95 -14.75
CA ASN A 172 -27.42 19.50 -14.62
C ASN A 172 -26.28 19.06 -13.72
N ALA A 173 -26.55 18.07 -12.86
CA ALA A 173 -25.56 17.51 -11.96
C ALA A 173 -25.52 16.01 -12.16
N VAL A 174 -24.37 15.48 -12.53
CA VAL A 174 -24.17 14.05 -12.69
C VAL A 174 -23.45 13.54 -11.45
N VAL A 175 -24.05 12.57 -10.77
CA VAL A 175 -23.50 11.95 -9.58
C VAL A 175 -23.15 10.52 -9.92
N VAL A 176 -21.87 10.18 -9.85
CA VAL A 176 -21.39 8.83 -10.04
C VAL A 176 -21.01 8.26 -8.68
N SER A 177 -21.54 7.09 -8.36
CA SER A 177 -21.25 6.42 -7.10
C SER A 177 -20.82 4.99 -7.39
N THR A 178 -19.64 4.62 -6.90
CA THR A 178 -19.09 3.30 -7.16
C THR A 178 -18.27 2.85 -5.96
N GLU A 179 -17.65 1.67 -6.10
CA GLU A 179 -16.70 1.17 -5.11
C GLU A 179 -15.77 0.21 -5.85
N ILE A 180 -14.57 0.69 -6.18
CA ILE A 180 -13.61 -0.12 -6.91
C ILE A 180 -13.07 -1.19 -5.97
N ILE A 181 -13.25 -2.45 -6.34
CA ILE A 181 -12.94 -3.55 -5.44
C ILE A 181 -11.48 -3.96 -5.47
N THR A 182 -10.76 -3.67 -6.56
CA THR A 182 -9.36 -4.07 -6.63
C THR A 182 -8.53 -3.47 -5.51
N PRO A 183 -8.58 -2.16 -5.25
CA PRO A 183 -7.90 -1.63 -4.06
C PRO A 183 -8.77 -1.74 -2.82
N ASN A 184 -9.37 -2.91 -2.64
CA ASN A 184 -10.29 -3.17 -1.53
C ASN A 184 -10.13 -4.56 -0.95
N TYR A 185 -9.25 -5.38 -1.51
CA TYR A 185 -9.15 -6.78 -1.12
C TYR A 185 -8.14 -6.93 0.01
N TYR A 186 -8.57 -7.54 1.10
CA TYR A 186 -7.68 -7.85 2.21
C TYR A 186 -6.78 -9.02 1.82
N GLN A 187 -5.47 -8.84 1.99
CA GLN A 187 -4.49 -9.86 1.64
C GLN A 187 -3.96 -10.61 2.84
N GLY A 188 -4.50 -10.37 4.03
CA GLY A 188 -4.10 -11.05 5.24
C GLY A 188 -5.00 -12.23 5.54
N ASN A 189 -4.97 -12.67 6.80
CA ASN A 189 -5.76 -13.83 7.22
C ASN A 189 -6.42 -13.63 8.57
N GLU A 190 -6.47 -12.40 9.09
CA GLU A 190 -7.13 -12.14 10.35
C GLU A 190 -8.64 -12.23 10.17
N ARG A 191 -9.32 -12.83 11.16
CA ARG A 191 -10.77 -12.97 11.09
C ARG A 191 -11.49 -11.71 11.55
N ALA A 192 -11.11 -10.56 11.02
CA ALA A 192 -11.83 -9.31 11.24
C ALA A 192 -11.92 -8.44 9.99
N MET A 193 -11.01 -8.59 9.03
CA MET A 193 -11.04 -7.82 7.80
C MET A 193 -11.30 -8.70 6.59
N LEU A 194 -11.84 -9.91 6.81
CA LEU A 194 -12.18 -10.82 5.73
C LEU A 194 -13.64 -10.73 5.33
N LEU A 195 -14.53 -10.32 6.23
CA LEU A 195 -15.94 -10.15 5.88
C LEU A 195 -16.13 -9.22 4.69
N PRO A 196 -15.49 -8.06 4.62
CA PRO A 196 -15.62 -7.23 3.40
C PRO A 196 -15.16 -7.95 2.14
N ASN A 197 -14.20 -8.88 2.24
CA ASN A 197 -13.86 -9.68 1.07
C ASN A 197 -15.04 -10.55 0.64
N CYS A 198 -15.72 -11.17 1.61
CA CYS A 198 -16.82 -12.07 1.29
C CYS A 198 -18.03 -11.33 0.74
N LEU A 199 -18.31 -10.12 1.24
CA LEU A 199 -19.56 -9.46 0.88
C LEU A 199 -19.43 -8.55 -0.35
N PHE A 200 -18.35 -7.78 -0.43
CA PHE A 200 -18.30 -6.70 -1.42
C PHE A 200 -18.09 -7.24 -2.82
N ARG A 201 -18.89 -6.72 -3.76
CA ARG A 201 -18.82 -7.09 -5.16
C ARG A 201 -18.86 -5.81 -5.99
N MET A 202 -18.48 -5.93 -7.27
CA MET A 202 -18.29 -4.75 -8.08
C MET A 202 -19.60 -4.28 -8.70
N GLY A 203 -19.78 -2.96 -8.72
CA GLY A 203 -20.97 -2.33 -9.28
C GLY A 203 -20.79 -0.84 -9.27
N GLY A 204 -21.76 -0.15 -9.86
CA GLY A 204 -21.70 1.30 -9.93
C GLY A 204 -23.02 1.88 -10.38
N ALA A 205 -23.09 3.21 -10.33
CA ALA A 205 -24.29 3.90 -10.79
C ALA A 205 -23.94 5.32 -11.17
N ALA A 206 -24.60 5.84 -12.20
CA ALA A 206 -24.53 7.23 -12.60
C ALA A 206 -25.94 7.80 -12.61
N ILE A 207 -26.09 9.03 -12.13
CA ILE A 207 -27.39 9.62 -11.88
C ILE A 207 -27.38 11.04 -12.43
N LEU A 208 -28.43 11.42 -13.16
CA LEU A 208 -28.58 12.77 -13.68
C LEU A 208 -29.66 13.47 -12.89
N LEU A 209 -29.28 14.50 -12.15
CA LEU A 209 -30.22 15.38 -11.46
C LEU A 209 -30.25 16.71 -12.19
N SER A 210 -31.37 17.41 -12.10
CA SER A 210 -31.52 18.65 -12.85
C SER A 210 -32.69 19.44 -12.29
N ASN A 211 -32.52 20.76 -12.23
CA ASN A 211 -33.58 21.67 -11.84
C ASN A 211 -34.17 22.41 -13.04
N ARG A 212 -33.79 22.05 -14.26
CA ARG A 212 -34.34 22.67 -15.44
C ARG A 212 -35.81 22.34 -15.59
N ARG A 213 -36.58 23.29 -16.13
CA ARG A 213 -38.00 23.07 -16.33
C ARG A 213 -38.25 22.11 -17.49
N ARG A 214 -37.37 22.10 -18.50
CA ARG A 214 -37.54 21.17 -19.60
C ARG A 214 -37.40 19.72 -19.13
N ASN A 215 -36.49 19.46 -18.19
CA ASN A 215 -36.37 18.15 -17.54
C ASN A 215 -37.30 18.05 -16.34
N ARG A 216 -38.59 18.32 -16.57
CA ARG A 216 -39.59 18.27 -15.49
C ARG A 216 -40.69 17.26 -15.78
N SER A 217 -41.19 17.21 -17.02
CA SER A 217 -42.17 16.20 -17.36
C SER A 217 -41.54 14.83 -17.51
N ARG A 218 -40.34 14.77 -18.09
CA ARG A 218 -39.66 13.51 -18.32
C ARG A 218 -38.90 13.02 -17.10
N ALA A 219 -38.76 13.84 -16.07
CA ALA A 219 -38.03 13.41 -14.87
C ALA A 219 -38.68 12.17 -14.28
N LYS A 220 -37.84 11.23 -13.84
CA LYS A 220 -38.35 10.00 -13.24
C LYS A 220 -38.85 10.24 -11.81
N TYR A 221 -38.12 11.03 -11.02
CA TYR A 221 -38.46 11.27 -9.63
C TYR A 221 -38.22 12.73 -9.31
N ARG A 222 -38.77 13.16 -8.18
CA ARG A 222 -38.51 14.47 -7.60
C ARG A 222 -37.95 14.26 -6.21
N LEU A 223 -36.79 14.84 -5.93
CA LEU A 223 -36.14 14.66 -4.64
C LEU A 223 -36.93 15.42 -3.58
N VAL A 224 -37.60 14.68 -2.69
CA VAL A 224 -38.35 15.30 -1.61
C VAL A 224 -37.42 15.69 -0.46
N HIS A 225 -36.76 14.69 0.14
CA HIS A 225 -36.01 14.91 1.37
C HIS A 225 -34.66 14.21 1.31
N VAL A 226 -33.70 14.75 2.05
CA VAL A 226 -32.44 14.08 2.35
C VAL A 226 -32.08 14.41 3.80
N VAL A 227 -31.99 13.38 4.65
CA VAL A 227 -31.72 13.53 6.07
C VAL A 227 -30.44 12.79 6.40
N ARG A 228 -29.48 13.50 6.98
CA ARG A 228 -28.17 12.94 7.29
C ARG A 228 -27.98 12.82 8.79
N THR A 229 -27.35 11.73 9.22
CA THR A 229 -26.98 11.52 10.61
C THR A 229 -25.55 11.02 10.65
N HIS A 230 -24.79 11.47 11.65
CA HIS A 230 -23.38 11.12 11.78
C HIS A 230 -23.11 10.80 13.24
N LYS A 231 -23.22 9.51 13.60
CA LYS A 231 -22.83 9.05 14.93
C LYS A 231 -21.31 8.90 14.96
N GLY A 232 -20.65 10.05 14.99
CA GLY A 232 -19.20 10.10 14.98
C GLY A 232 -18.66 10.61 16.30
N ALA A 233 -19.47 11.37 17.02
CA ALA A 233 -19.04 11.85 18.33
C ALA A 233 -18.76 10.69 19.27
N ASP A 234 -19.59 9.66 19.23
CA ASP A 234 -19.33 8.47 20.02
C ASP A 234 -18.08 7.76 19.51
N ASP A 235 -17.24 7.32 20.45
CA ASP A 235 -16.03 6.60 20.05
C ASP A 235 -16.36 5.22 19.50
N LYS A 236 -17.30 4.52 20.13
CA LYS A 236 -17.68 3.20 19.65
C LYS A 236 -18.28 3.26 18.25
N ALA A 237 -19.15 4.25 18.00
CA ALA A 237 -19.72 4.42 16.67
C ALA A 237 -18.69 4.87 15.66
N TYR A 238 -17.61 5.50 16.11
CA TYR A 238 -16.55 5.93 15.21
C TYR A 238 -15.62 4.78 14.83
N ARG A 239 -15.33 3.88 15.78
CA ARG A 239 -14.40 2.80 15.56
C ARG A 239 -15.07 1.52 15.04
N CYS A 240 -16.38 1.53 14.83
CA CYS A 240 -17.08 0.30 14.49
C CYS A 240 -16.57 -0.28 13.17
N VAL A 241 -16.35 0.57 12.18
CA VAL A 241 -15.83 0.15 10.87
C VAL A 241 -14.55 0.97 10.65
N PHE A 242 -13.40 0.38 10.97
CA PHE A 242 -12.14 1.12 11.00
C PHE A 242 -11.14 0.50 10.04
N GLU A 243 -10.50 1.33 9.23
CA GLU A 243 -9.49 0.87 8.29
C GLU A 243 -8.13 0.93 8.96
N GLU A 244 -7.45 -0.20 9.03
CA GLU A 244 -6.20 -0.28 9.77
C GLU A 244 -5.40 -1.47 9.27
N GLU A 245 -4.12 -1.49 9.65
CA GLU A 245 -3.22 -2.58 9.32
C GLU A 245 -3.32 -3.69 10.36
N ASP A 246 -3.05 -4.92 9.91
CA ASP A 246 -3.05 -6.07 10.80
C ASP A 246 -1.64 -6.28 11.36
N LYS A 247 -1.43 -7.43 11.99
CA LYS A 247 -0.13 -7.74 12.58
C LYS A 247 0.96 -7.96 11.55
N GLU A 248 0.61 -8.13 10.27
CA GLU A 248 1.59 -8.42 9.24
C GLU A 248 1.85 -7.23 8.31
N GLY A 249 1.04 -6.19 8.35
CA GLY A 249 1.26 -5.02 7.52
C GLY A 249 0.36 -4.96 6.31
N LYS A 250 -0.89 -5.37 6.48
CA LYS A 250 -1.89 -5.38 5.42
C LYS A 250 -3.08 -4.55 5.86
N VAL A 251 -3.50 -3.62 5.01
CA VAL A 251 -4.61 -2.74 5.34
C VAL A 251 -5.93 -3.46 5.07
N GLY A 252 -6.87 -3.33 6.00
CA GLY A 252 -8.19 -3.90 5.84
C GLY A 252 -9.18 -3.15 6.70
N ILE A 253 -10.42 -3.59 6.64
CA ILE A 253 -11.53 -2.93 7.33
C ILE A 253 -11.94 -3.84 8.48
N SER A 254 -11.52 -3.48 9.69
CA SER A 254 -11.92 -4.20 10.89
C SER A 254 -13.30 -3.75 11.32
N LEU A 255 -14.14 -4.72 11.66
CA LEU A 255 -15.50 -4.50 12.13
C LEU A 255 -15.59 -4.94 13.59
N SER A 256 -16.10 -4.07 14.45
CA SER A 256 -16.20 -4.38 15.86
C SER A 256 -17.34 -5.36 16.10
N LYS A 257 -17.24 -6.09 17.21
CA LYS A 257 -18.29 -7.04 17.56
C LYS A 257 -19.60 -6.32 17.82
N ASP A 258 -19.54 -5.15 18.45
CA ASP A 258 -20.73 -4.35 18.74
C ASP A 258 -21.05 -3.40 17.59
N LEU A 259 -21.17 -3.96 16.38
CA LEU A 259 -21.50 -3.16 15.21
C LEU A 259 -22.99 -3.19 14.92
N MET A 260 -23.66 -4.31 15.18
CA MET A 260 -25.10 -4.39 14.94
C MET A 260 -25.83 -3.38 15.82
N ALA A 261 -25.44 -3.28 17.09
CA ALA A 261 -26.09 -2.32 17.99
C ALA A 261 -25.86 -0.89 17.52
N ILE A 262 -24.64 -0.57 17.09
CA ILE A 262 -24.34 0.78 16.64
C ILE A 262 -25.15 1.11 15.39
N ALA A 263 -25.19 0.19 14.43
CA ALA A 263 -25.96 0.41 13.22
C ALA A 263 -27.45 0.57 13.54
N GLY A 264 -27.96 -0.24 14.46
CA GLY A 264 -29.35 -0.11 14.86
C GLY A 264 -29.64 1.24 15.48
N GLU A 265 -28.75 1.71 16.35
CA GLU A 265 -28.93 3.02 16.95
C GLU A 265 -28.89 4.13 15.90
N ALA A 266 -27.97 4.04 14.95
CA ALA A 266 -27.90 5.04 13.90
C ALA A 266 -29.16 5.05 13.04
N LEU A 267 -29.65 3.87 12.68
CA LEU A 267 -30.89 3.79 11.92
C LEU A 267 -32.06 4.36 12.72
N LYS A 268 -32.10 4.06 14.02
CA LYS A 268 -33.19 4.56 14.86
C LYS A 268 -33.17 6.07 14.92
N SER A 269 -32.00 6.65 15.12
CA SER A 269 -31.90 8.12 15.18
C SER A 269 -32.28 8.73 13.84
N ASN A 270 -31.84 8.12 12.74
CA ASN A 270 -32.17 8.67 11.43
C ASN A 270 -33.67 8.63 11.17
N ILE A 271 -34.32 7.50 11.48
CA ILE A 271 -35.75 7.41 11.23
C ILE A 271 -36.51 8.33 12.18
N THR A 272 -36.02 8.53 13.40
CA THR A 272 -36.65 9.50 14.29
C THR A 272 -36.54 10.90 13.72
N THR A 273 -35.39 11.25 13.14
CA THR A 273 -35.23 12.58 12.58
C THR A 273 -36.06 12.78 11.32
N ILE A 274 -36.31 11.70 10.57
CA ILE A 274 -37.07 11.82 9.33
C ILE A 274 -38.57 11.60 9.50
N GLY A 275 -39.00 11.06 10.63
CA GLY A 275 -40.40 10.78 10.86
C GLY A 275 -41.29 11.99 10.77
N PRO A 276 -40.91 13.08 11.44
CA PRO A 276 -41.74 14.29 11.38
C PRO A 276 -41.96 14.80 9.97
N LEU A 277 -41.00 14.61 9.06
CA LEU A 277 -41.07 15.22 7.75
C LEU A 277 -41.98 14.48 6.77
N VAL A 278 -42.26 13.19 7.01
CA VAL A 278 -42.94 12.39 6.00
C VAL A 278 -44.22 11.75 6.55
N LEU A 279 -44.27 11.53 7.86
CA LEU A 279 -45.40 10.82 8.42
C LEU A 279 -46.67 11.67 8.29
N PRO A 280 -47.79 11.07 7.91
CA PRO A 280 -49.04 11.84 7.83
C PRO A 280 -49.52 12.25 9.21
N ALA A 281 -50.38 13.28 9.23
CA ALA A 281 -50.88 13.79 10.49
C ALA A 281 -51.57 12.72 11.30
N SER A 282 -52.11 11.68 10.65
CA SER A 282 -52.79 10.62 11.38
C SER A 282 -51.85 9.94 12.35
N GLU A 283 -50.62 9.62 11.92
CA GLU A 283 -49.68 8.93 12.80
C GLU A 283 -49.14 9.86 13.87
N GLN A 284 -48.87 11.12 13.52
CA GLN A 284 -48.34 12.08 14.47
C GLN A 284 -49.42 12.53 15.45
N ILE A 305 -45.46 4.19 18.61
CA ILE A 305 -44.69 3.77 17.45
C ILE A 305 -45.49 4.06 16.17
N PRO A 306 -45.37 5.28 15.65
CA PRO A 306 -46.03 5.58 14.38
C PRO A 306 -45.51 4.69 13.26
N ASP A 307 -46.42 4.27 12.39
CA ASP A 307 -46.07 3.29 11.35
C ASP A 307 -45.38 4.00 10.19
N PHE A 308 -44.12 3.63 9.95
CA PHE A 308 -43.41 4.13 8.78
C PHE A 308 -43.90 3.44 7.50
N LYS A 309 -44.40 2.21 7.62
CA LYS A 309 -44.92 1.51 6.46
C LYS A 309 -46.18 2.17 5.89
N GLN A 310 -46.81 3.06 6.65
CA GLN A 310 -47.99 3.76 6.19
C GLN A 310 -47.67 5.14 5.61
N ALA A 311 -46.39 5.51 5.54
CA ALA A 311 -45.98 6.78 4.97
C ALA A 311 -45.22 6.65 3.66
N PHE A 312 -44.73 5.45 3.33
CA PHE A 312 -43.96 5.22 2.13
C PHE A 312 -44.58 4.09 1.33
N GLU A 313 -44.40 4.14 0.02
CA GLU A 313 -44.83 3.05 -0.86
C GLU A 313 -43.73 2.03 -1.08
N HIS A 314 -42.49 2.48 -1.27
CA HIS A 314 -41.37 1.59 -1.55
C HIS A 314 -40.19 1.92 -0.66
N PHE A 315 -39.44 0.88 -0.29
CA PHE A 315 -38.28 0.99 0.57
C PHE A 315 -37.06 0.43 -0.13
N CYS A 316 -35.92 1.10 0.03
CA CYS A 316 -34.63 0.67 -0.53
C CYS A 316 -33.63 0.70 0.63
N ILE A 317 -33.53 -0.42 1.33
CA ILE A 317 -32.56 -0.56 2.41
C ILE A 317 -31.23 -0.97 1.81
N HIS A 318 -30.17 -0.32 2.26
CA HIS A 318 -28.83 -0.60 1.74
C HIS A 318 -28.51 -2.08 1.94
N ALA A 319 -27.92 -2.68 0.91
CA ALA A 319 -27.62 -4.11 0.92
C ALA A 319 -26.26 -4.37 1.58
N GLY A 320 -26.11 -3.86 2.80
CA GLY A 320 -24.89 -4.09 3.56
C GLY A 320 -24.78 -5.50 4.11
N GLY A 321 -25.91 -6.18 4.27
CA GLY A 321 -25.90 -7.54 4.75
C GLY A 321 -27.29 -7.97 5.13
N ARG A 322 -27.42 -9.27 5.38
CA ARG A 322 -28.71 -9.82 5.78
C ARG A 322 -29.10 -9.38 7.19
N ALA A 323 -28.11 -9.20 8.07
CA ALA A 323 -28.42 -8.84 9.46
C ALA A 323 -29.16 -7.52 9.54
N VAL A 324 -28.68 -6.50 8.81
CA VAL A 324 -29.29 -5.19 8.90
C VAL A 324 -30.69 -5.21 8.29
N ILE A 325 -30.88 -5.93 7.18
CA ILE A 325 -32.20 -6.02 6.58
C ILE A 325 -33.17 -6.71 7.53
N ASP A 326 -32.73 -7.78 8.18
CA ASP A 326 -33.58 -8.44 9.17
C ASP A 326 -33.92 -7.50 10.31
N GLU A 327 -32.92 -6.74 10.79
CA GLU A 327 -33.16 -5.81 11.89
C GLU A 327 -34.19 -4.76 11.51
N LEU A 328 -34.05 -4.18 10.32
CA LEU A 328 -35.00 -3.16 9.89
C LEU A 328 -36.38 -3.74 9.68
N GLN A 329 -36.46 -4.95 9.11
CA GLN A 329 -37.77 -5.57 8.91
C GLN A 329 -38.44 -5.87 10.25
N LYS A 330 -37.65 -6.21 11.27
CA LYS A 330 -38.22 -6.50 12.58
C LYS A 330 -38.63 -5.22 13.30
N ASN A 331 -37.85 -4.15 13.14
CA ASN A 331 -38.17 -2.89 13.83
C ASN A 331 -39.33 -2.18 13.15
N LEU A 332 -39.18 -1.81 11.89
CA LEU A 332 -40.23 -1.10 11.16
C LEU A 332 -41.41 -2.00 10.84
N GLN A 333 -41.32 -3.30 11.09
CA GLN A 333 -42.40 -4.24 10.81
C GLN A 333 -42.69 -4.30 9.31
N LEU A 334 -41.67 -4.06 8.49
CA LEU A 334 -41.85 -4.15 7.04
C LEU A 334 -42.25 -5.56 6.66
N SER A 335 -43.24 -5.66 5.77
CA SER A 335 -43.65 -6.96 5.27
C SER A 335 -42.56 -7.54 4.36
N ALA A 336 -42.65 -8.84 4.11
CA ALA A 336 -41.66 -9.50 3.27
C ALA A 336 -41.71 -8.97 1.84
N GLU A 337 -42.78 -8.30 1.45
CA GLU A 337 -42.92 -7.77 0.10
C GLU A 337 -42.32 -6.39 -0.06
N GLN A 338 -41.95 -5.71 1.04
CA GLN A 338 -41.37 -4.39 0.97
C GLN A 338 -39.85 -4.40 1.11
N VAL A 339 -39.28 -5.46 1.68
CA VAL A 339 -37.83 -5.61 1.73
C VAL A 339 -37.40 -6.52 0.60
N GLU A 340 -38.31 -6.77 -0.36
CA GLU A 340 -38.00 -7.66 -1.45
C GLU A 340 -36.88 -7.10 -2.33
N ALA A 341 -36.92 -5.80 -2.63
CA ALA A 341 -35.89 -5.21 -3.46
C ALA A 341 -34.52 -5.33 -2.80
N SER A 342 -34.44 -5.07 -1.50
CA SER A 342 -33.17 -5.15 -0.80
C SER A 342 -32.61 -6.57 -0.83
N ARG A 343 -33.43 -7.55 -0.46
CA ARG A 343 -32.97 -8.94 -0.42
C ARG A 343 -32.57 -9.40 -1.81
N MET A 344 -33.35 -9.07 -2.83
CA MET A 344 -33.06 -9.56 -4.16
C MET A 344 -31.83 -8.88 -4.74
N THR A 345 -31.62 -7.60 -4.45
CA THR A 345 -30.39 -6.96 -4.89
C THR A 345 -29.18 -7.56 -4.19
N LEU A 346 -29.29 -7.83 -2.89
CA LEU A 346 -28.20 -8.49 -2.19
C LEU A 346 -27.88 -9.83 -2.82
N HIS A 347 -28.91 -10.62 -3.12
CA HIS A 347 -28.70 -11.93 -3.73
C HIS A 347 -28.06 -11.80 -5.10
N ARG A 348 -28.57 -10.90 -5.94
CA ARG A 348 -28.14 -10.85 -7.33
C ARG A 348 -26.77 -10.20 -7.48
N PHE A 349 -26.62 -8.96 -7.02
CA PHE A 349 -25.40 -8.21 -7.23
C PHE A 349 -24.47 -8.18 -6.03
N GLY A 350 -24.94 -8.61 -4.87
CA GLY A 350 -24.12 -8.58 -3.68
C GLY A 350 -24.07 -7.20 -3.07
N ASN A 351 -23.02 -6.98 -2.27
CA ASN A 351 -22.84 -5.71 -1.56
C ASN A 351 -22.02 -4.78 -2.45
N THR A 352 -22.74 -4.12 -3.36
CA THR A 352 -22.12 -3.17 -4.29
C THR A 352 -21.85 -1.81 -3.66
N SER A 353 -21.97 -1.69 -2.34
CA SER A 353 -21.65 -0.46 -1.61
C SER A 353 -22.66 0.65 -1.90
N SER A 354 -22.18 1.88 -2.07
CA SER A 354 -23.08 3.03 -2.15
C SER A 354 -24.07 2.90 -3.30
N SER A 355 -23.67 2.27 -4.40
CA SER A 355 -24.54 2.15 -5.56
C SER A 355 -25.64 1.12 -5.38
N SER A 356 -25.60 0.32 -4.30
CA SER A 356 -26.59 -0.73 -4.13
C SER A 356 -28.00 -0.17 -4.19
N LEU A 357 -28.23 0.98 -3.55
CA LEU A 357 -29.56 1.60 -3.58
C LEU A 357 -30.07 1.74 -5.00
N TRP A 358 -29.20 2.19 -5.91
CA TRP A 358 -29.63 2.46 -7.27
C TRP A 358 -29.90 1.18 -8.05
N TYR A 359 -29.37 0.04 -7.59
CA TYR A 359 -29.84 -1.24 -8.11
C TYR A 359 -31.22 -1.57 -7.58
N GLU A 360 -31.44 -1.31 -6.29
CA GLU A 360 -32.71 -1.67 -5.67
C GLU A 360 -33.86 -0.92 -6.31
N MET A 361 -33.68 0.37 -6.57
CA MET A 361 -34.69 1.12 -7.33
C MET A 361 -35.00 0.41 -8.64
N SER A 362 -33.96 0.00 -9.37
CA SER A 362 -34.19 -0.62 -10.66
C SER A 362 -34.94 -1.94 -10.52
N TYR A 363 -34.97 -2.53 -9.33
CA TYR A 363 -35.76 -3.72 -9.13
C TYR A 363 -37.24 -3.40 -9.03
N ILE A 364 -37.59 -2.29 -8.39
CA ILE A 364 -39.00 -1.91 -8.24
C ILE A 364 -39.54 -1.19 -9.46
N GLU A 365 -38.67 -0.84 -10.42
CA GLU A 365 -39.12 -0.29 -11.69
C GLU A 365 -39.30 -1.34 -12.77
N GLU A 366 -38.71 -2.53 -12.59
CA GLU A 366 -38.73 -3.57 -13.61
C GLU A 366 -39.80 -4.62 -13.36
N LYS A 367 -39.95 -5.09 -12.13
CA LYS A 367 -41.14 -5.87 -11.82
C LYS A 367 -42.39 -5.09 -12.18
N GLY A 368 -42.33 -3.77 -11.99
CA GLY A 368 -43.36 -2.83 -12.37
C GLY A 368 -44.17 -2.46 -11.15
N ARG A 369 -43.72 -1.44 -10.45
CA ARG A 369 -44.45 -0.95 -9.28
C ARG A 369 -44.34 0.56 -9.12
N MET A 370 -43.68 1.27 -10.03
CA MET A 370 -43.43 2.70 -9.89
C MET A 370 -44.61 3.45 -10.49
N LYS A 371 -45.60 3.73 -9.66
CA LYS A 371 -46.76 4.51 -10.07
C LYS A 371 -46.50 5.98 -9.75
N LYS A 372 -47.17 6.86 -10.49
CA LYS A 372 -47.05 8.29 -10.25
C LYS A 372 -47.54 8.62 -8.84
N GLY A 373 -46.76 9.45 -8.14
CA GLY A 373 -47.08 9.84 -6.78
C GLY A 373 -46.56 8.91 -5.71
N ASP A 374 -45.96 7.79 -6.08
CA ASP A 374 -45.40 6.88 -5.09
C ASP A 374 -44.23 7.54 -4.37
N ARG A 375 -43.97 7.08 -3.16
CA ARG A 375 -42.87 7.59 -2.35
C ARG A 375 -41.85 6.49 -2.11
N VAL A 376 -40.58 6.81 -2.33
CA VAL A 376 -39.47 5.88 -2.18
C VAL A 376 -38.59 6.37 -1.05
N TRP A 377 -38.29 5.48 -0.10
CA TRP A 377 -37.43 5.79 1.03
C TRP A 377 -36.16 4.95 0.92
N GLN A 378 -35.04 5.61 0.65
CA GLN A 378 -33.74 4.95 0.55
C GLN A 378 -32.96 5.22 1.82
N ILE A 379 -32.47 4.17 2.46
CA ILE A 379 -31.71 4.28 3.70
C ILE A 379 -30.35 3.62 3.49
N ALA A 380 -29.27 4.39 3.67
CA ALA A 380 -27.92 3.90 3.47
C ALA A 380 -27.10 4.16 4.72
N PHE A 381 -26.49 3.11 5.25
CA PHE A 381 -25.63 3.18 6.42
C PHE A 381 -24.19 2.93 5.99
N GLY A 382 -23.25 3.38 6.80
CA GLY A 382 -21.86 3.22 6.46
C GLY A 382 -20.96 3.68 7.58
N SER A 383 -19.67 3.76 7.25
CA SER A 383 -18.66 4.12 8.22
C SER A 383 -18.82 5.57 8.65
N GLY A 384 -18.34 5.87 9.86
CA GLY A 384 -18.34 7.23 10.38
C GLY A 384 -18.80 7.47 11.80
N PHE A 385 -19.87 6.83 12.31
CA PHE A 385 -20.81 6.00 11.57
C PHE A 385 -21.89 6.88 10.93
N LYS A 386 -21.87 6.97 9.60
CA LYS A 386 -22.85 7.76 8.88
C LYS A 386 -24.12 6.94 8.62
N CYS A 387 -25.24 7.65 8.50
CA CYS A 387 -26.51 7.03 8.13
C CYS A 387 -27.39 8.09 7.49
N ASN A 388 -27.73 7.89 6.23
CA ASN A 388 -28.43 8.90 5.45
C ASN A 388 -29.67 8.31 4.81
N SER A 389 -30.76 9.06 4.86
CA SER A 389 -32.02 8.71 4.23
C SER A 389 -32.32 9.71 3.13
N ALA A 390 -33.00 9.24 2.10
CA ALA A 390 -33.53 10.09 1.04
C ALA A 390 -34.95 9.66 0.77
N VAL A 391 -35.81 10.63 0.50
CA VAL A 391 -37.18 10.38 0.12
C VAL A 391 -37.39 11.00 -1.25
N TRP A 392 -37.78 10.16 -2.20
CA TRP A 392 -38.13 10.58 -3.56
C TRP A 392 -39.62 10.39 -3.78
N LYS A 393 -40.16 11.13 -4.75
CA LYS A 393 -41.55 10.98 -5.17
C LYS A 393 -41.57 10.71 -6.66
N CYS A 394 -42.11 9.55 -7.04
CA CYS A 394 -42.21 9.18 -8.44
C CYS A 394 -42.90 10.27 -9.25
N ASN A 395 -42.15 10.91 -10.13
CA ASN A 395 -42.70 11.97 -10.96
C ASN A 395 -43.66 11.42 -12.01
N LYS A 396 -43.27 10.36 -12.71
CA LYS A 396 -44.07 9.76 -13.76
C LYS A 396 -44.06 8.25 -13.59
N THR A 397 -45.18 7.62 -13.96
CA THR A 397 -45.21 6.16 -13.99
C THR A 397 -44.12 5.65 -14.92
N ILE A 398 -43.29 4.75 -14.41
CA ILE A 398 -42.09 4.29 -15.11
C ILE A 398 -42.39 2.95 -15.75
N LYS A 399 -42.05 2.82 -17.02
CA LYS A 399 -42.32 1.63 -17.80
C LYS A 399 -41.09 0.72 -17.86
N THR A 400 -41.34 -0.58 -17.93
CA THR A 400 -40.25 -1.54 -17.98
C THR A 400 -39.41 -1.35 -19.25
N THR A 401 -38.12 -1.60 -19.13
CA THR A 401 -37.18 -1.45 -20.23
C THR A 401 -36.24 -2.66 -20.25
N THR A 402 -35.41 -2.75 -21.28
CA THR A 402 -34.47 -3.85 -21.44
C THR A 402 -33.02 -3.40 -21.37
N ASP A 403 -32.75 -2.18 -20.92
CA ASP A 403 -31.39 -1.66 -20.78
C ASP A 403 -31.06 -1.40 -19.31
N ASN A 404 -31.47 -2.32 -18.45
CA ASN A 404 -31.32 -2.22 -17.01
C ASN A 404 -30.42 -3.34 -16.50
N PRO A 405 -29.85 -3.19 -15.30
CA PRO A 405 -29.03 -4.28 -14.76
C PRO A 405 -29.79 -5.56 -14.51
N TRP A 406 -31.12 -5.50 -14.41
CA TRP A 406 -31.96 -6.67 -14.13
C TRP A 406 -32.57 -7.27 -15.39
N SER A 407 -32.13 -6.83 -16.57
CA SER A 407 -32.88 -7.15 -17.79
C SER A 407 -32.97 -8.66 -18.02
N ASP A 408 -31.87 -9.39 -17.82
CA ASP A 408 -31.81 -10.80 -18.19
C ASP A 408 -32.25 -11.74 -17.08
N CYS A 409 -32.57 -11.22 -15.89
CA CYS A 409 -32.90 -12.09 -14.76
C CYS A 409 -34.11 -11.65 -13.96
N ILE A 410 -34.75 -10.53 -14.31
CA ILE A 410 -35.88 -10.05 -13.51
C ILE A 410 -37.05 -11.01 -13.59
N ASP A 411 -37.14 -11.79 -14.66
CA ASP A 411 -38.26 -12.72 -14.80
C ASP A 411 -38.19 -13.85 -13.77
N ARG A 412 -36.98 -14.29 -13.41
CA ARG A 412 -36.82 -15.39 -12.46
C ARG A 412 -37.01 -14.94 -11.01
N TYR A 413 -36.98 -13.65 -10.74
CA TYR A 413 -37.10 -13.14 -9.38
C TYR A 413 -38.55 -12.83 -9.05
N PRO A 414 -38.91 -12.80 -7.76
CA PRO A 414 -38.07 -13.03 -6.58
C PRO A 414 -37.77 -14.51 -6.35
N VAL A 415 -36.58 -14.82 -5.87
CA VAL A 415 -36.17 -16.20 -5.61
C VAL A 415 -36.28 -16.45 -4.11
N HIS A 416 -36.29 -17.73 -3.75
CA HIS A 416 -36.29 -18.14 -2.36
C HIS A 416 -34.84 -18.22 -1.88
N ILE A 417 -34.47 -17.32 -0.98
CA ILE A 417 -33.10 -17.27 -0.45
C ILE A 417 -33.03 -18.21 0.75
N PRO A 418 -32.31 -19.32 0.66
CA PRO A 418 -32.24 -20.23 1.81
C PRO A 418 -31.40 -19.65 2.93
N GLU A 419 -31.72 -20.08 4.16
CA GLU A 419 -30.97 -19.60 5.31
C GLU A 419 -29.51 -20.03 5.24
N ILE A 420 -29.26 -21.28 4.84
CA ILE A 420 -27.91 -21.82 4.73
C ILE A 420 -27.74 -22.37 3.31
N VAL A 421 -26.63 -22.01 2.67
CA VAL A 421 -26.30 -22.47 1.34
C VAL A 421 -25.15 -23.46 1.46
N LYS A 422 -25.40 -24.73 1.12
CA LYS A 422 -24.38 -25.75 1.23
C LYS A 422 -23.25 -25.48 0.24
N LEU A 423 -22.02 -25.76 0.67
CA LEU A 423 -20.86 -25.56 -0.17
C LEU A 423 -20.69 -26.72 -1.14
N ILE B 1 -43.62 48.93 -3.89
CA ILE B 1 -42.22 48.50 -3.85
C ILE B 1 -42.06 47.17 -4.57
N PHE B 2 -41.32 47.18 -5.67
CA PHE B 2 -41.08 45.98 -6.46
C PHE B 2 -39.59 45.77 -6.68
N ILE B 3 -38.83 46.86 -6.72
CA ILE B 3 -37.38 46.76 -6.90
C ILE B 3 -36.74 46.05 -5.71
N ALA B 4 -37.16 46.41 -4.50
CA ALA B 4 -36.62 45.74 -3.31
C ALA B 4 -37.01 44.27 -3.28
N THR B 5 -38.25 43.96 -3.65
CA THR B 5 -38.70 42.57 -3.61
C THR B 5 -37.96 41.68 -4.59
N VAL B 6 -37.33 42.27 -5.61
CA VAL B 6 -36.57 41.50 -6.58
C VAL B 6 -35.06 41.62 -6.37
N TYR B 7 -34.61 42.58 -5.57
CA TYR B 7 -33.19 42.77 -5.32
C TYR B 7 -32.73 42.05 -4.05
N PHE B 8 -33.30 42.42 -2.90
CA PHE B 8 -32.87 41.81 -1.64
C PHE B 8 -33.18 40.33 -1.59
N MET B 9 -34.34 39.92 -2.10
CA MET B 9 -34.73 38.51 -2.04
C MET B 9 -33.77 37.65 -2.85
N SER B 10 -33.33 38.13 -4.01
CA SER B 10 -32.46 37.36 -4.90
C SER B 10 -31.02 37.84 -4.85
N LYS B 11 -30.61 38.45 -3.73
CA LYS B 11 -29.23 38.91 -3.57
C LYS B 11 -28.38 37.80 -2.97
N PRO B 12 -27.20 37.49 -3.53
CA PRO B 12 -26.36 36.46 -2.92
C PRO B 12 -25.93 36.86 -1.52
N ARG B 13 -25.83 35.86 -0.64
CA ARG B 13 -25.35 36.10 0.71
C ARG B 13 -23.85 36.42 0.69
N HIS B 14 -23.41 37.15 1.71
CA HIS B 14 -22.00 37.46 1.86
C HIS B 14 -21.33 36.40 2.71
N VAL B 15 -20.23 35.85 2.20
CA VAL B 15 -19.47 34.81 2.90
C VAL B 15 -18.20 35.45 3.44
N TYR B 16 -17.98 35.30 4.74
CA TYR B 16 -16.91 35.96 5.45
C TYR B 16 -15.86 34.95 5.89
N LEU B 17 -14.59 35.31 5.72
CA LEU B 17 -13.48 34.51 6.26
C LEU B 17 -13.26 34.99 7.69
N VAL B 18 -13.97 34.36 8.63
CA VAL B 18 -13.96 34.83 10.01
C VAL B 18 -12.55 34.77 10.57
N ASP B 19 -11.85 33.66 10.35
CA ASP B 19 -10.49 33.49 10.85
C ASP B 19 -9.92 32.21 10.24
N TYR B 20 -8.65 31.96 10.51
CA TYR B 20 -8.01 30.73 10.10
C TYR B 20 -6.76 30.52 10.93
N ALA B 21 -6.40 29.25 11.10
CA ALA B 21 -5.22 28.86 11.86
C ALA B 21 -4.37 27.98 10.98
N CYS B 22 -3.11 28.38 10.77
CA CYS B 22 -2.14 27.58 10.07
C CYS B 22 -1.36 26.73 11.07
N TYR B 23 -1.08 25.49 10.67
CA TYR B 23 -0.27 24.60 11.50
C TYR B 23 1.16 25.10 11.55
N LYS B 24 1.75 25.09 12.75
CA LYS B 24 3.16 25.45 12.92
C LYS B 24 3.94 24.17 13.21
N PRO B 25 4.73 23.67 12.26
CA PRO B 25 5.44 22.42 12.52
C PRO B 25 6.38 22.57 13.70
N PRO B 26 6.64 21.48 14.43
CA PRO B 26 7.50 21.60 15.61
C PRO B 26 8.86 22.16 15.25
N VAL B 27 9.39 22.99 16.16
CA VAL B 27 10.66 23.67 15.95
C VAL B 27 11.82 22.66 16.02
N THR B 28 11.49 21.40 16.30
CA THR B 28 12.46 20.32 16.37
C THR B 28 12.21 19.28 15.29
N CYS B 29 11.90 19.74 14.07
CA CYS B 29 11.62 18.85 12.96
C CYS B 29 12.33 19.23 11.67
N ARG B 30 13.00 20.38 11.62
CA ARG B 30 13.56 20.87 10.37
C ARG B 30 14.35 19.78 9.66
N VAL B 31 14.42 19.89 8.34
CA VAL B 31 15.12 18.92 7.49
C VAL B 31 16.13 19.68 6.64
N PRO B 32 17.33 19.96 7.16
CA PRO B 32 18.30 20.72 6.39
C PRO B 32 18.65 20.02 5.09
N PHE B 33 19.30 20.77 4.20
CA PHE B 33 19.69 20.23 2.91
C PHE B 33 20.68 19.08 3.06
N ALA B 34 21.67 19.25 3.93
CA ALA B 34 22.70 18.23 4.10
C ALA B 34 22.12 16.93 4.61
N THR B 35 21.22 17.01 5.61
CA THR B 35 20.59 15.80 6.13
C THR B 35 19.75 15.12 5.06
N PHE B 36 19.01 15.90 4.27
CA PHE B 36 18.23 15.33 3.19
C PHE B 36 19.12 14.58 2.21
N MET B 37 20.26 15.18 1.83
CA MET B 37 21.12 14.52 0.86
C MET B 37 21.81 13.30 1.46
N GLU B 38 22.17 13.35 2.74
CA GLU B 38 22.75 12.19 3.40
C GLU B 38 21.78 11.02 3.41
N HIS B 39 20.54 11.28 3.84
CA HIS B 39 19.54 10.22 3.83
C HIS B 39 19.30 9.73 2.41
N SER B 40 19.25 10.64 1.44
CA SER B 40 19.02 10.24 0.05
C SER B 40 20.12 9.32 -0.44
N ARG B 41 21.37 9.63 -0.13
CA ARG B 41 22.47 8.73 -0.47
C ARG B 41 22.29 7.39 0.21
N LEU B 42 21.79 7.38 1.45
CA LEU B 42 21.62 6.12 2.16
C LEU B 42 20.50 5.27 1.54
N ILE B 43 19.42 5.90 1.08
CA ILE B 43 18.31 5.12 0.53
C ILE B 43 18.62 4.67 -0.89
N LEU B 44 19.37 5.46 -1.65
CA LEU B 44 19.55 5.23 -3.07
C LEU B 44 21.00 4.87 -3.35
N LYS B 45 21.54 3.96 -2.53
CA LYS B 45 22.94 3.56 -2.70
C LYS B 45 23.21 3.04 -4.11
N ASN B 46 22.30 2.22 -4.63
CA ASN B 46 22.49 1.56 -5.92
C ASN B 46 22.08 2.42 -7.11
N ASN B 47 21.59 3.62 -6.87
CA ASN B 47 21.14 4.52 -7.94
C ASN B 47 21.79 5.89 -7.74
N PRO B 48 23.09 5.98 -8.01
CA PRO B 48 23.76 7.29 -7.89
C PRO B 48 23.16 8.35 -8.79
N LYS B 49 22.67 7.95 -9.97
CA LYS B 49 22.07 8.93 -10.87
C LYS B 49 20.83 9.55 -10.26
N SER B 50 20.02 8.73 -9.57
CA SER B 50 18.85 9.27 -8.87
C SER B 50 19.26 10.25 -7.79
N VAL B 51 20.33 9.93 -7.06
CA VAL B 51 20.80 10.83 -6.01
C VAL B 51 21.25 12.16 -6.61
N GLU B 52 22.00 12.10 -7.71
CA GLU B 52 22.44 13.34 -8.35
C GLU B 52 21.25 14.16 -8.85
N PHE B 53 20.25 13.48 -9.41
CA PHE B 53 19.05 14.18 -9.85
C PHE B 53 18.34 14.85 -8.68
N GLN B 54 18.21 14.14 -7.57
CA GLN B 54 17.55 14.72 -6.40
C GLN B 54 18.33 15.92 -5.88
N MET B 55 19.66 15.82 -5.85
CA MET B 55 20.47 16.95 -5.39
C MET B 55 20.30 18.15 -6.31
N ARG B 56 20.30 17.94 -7.62
CA ARG B 56 20.10 19.05 -8.55
C ARG B 56 18.72 19.67 -8.38
N ILE B 57 17.70 18.83 -8.18
CA ILE B 57 16.34 19.35 -8.06
C ILE B 57 16.18 20.12 -6.76
N LEU B 58 16.82 19.66 -5.68
CA LEU B 58 16.63 20.28 -4.38
C LEU B 58 17.53 21.49 -4.17
N GLU B 59 18.66 21.59 -4.88
CA GLU B 59 19.55 22.72 -4.68
C GLU B 59 19.09 23.99 -5.39
N ARG B 60 18.09 23.90 -6.25
CA ARG B 60 17.55 25.06 -6.96
C ARG B 60 16.04 25.15 -6.77
N SER B 61 15.54 24.59 -5.67
CA SER B 61 14.11 24.57 -5.38
C SER B 61 13.63 25.80 -4.62
N GLY B 62 14.53 26.57 -4.03
CA GLY B 62 14.15 27.71 -3.23
C GLY B 62 13.75 27.41 -1.81
N LEU B 63 13.81 26.15 -1.39
CA LEU B 63 13.47 25.79 -0.02
C LEU B 63 14.54 26.26 0.94
N GLY B 64 14.19 26.28 2.23
CA GLY B 64 15.07 26.70 3.28
C GLY B 64 15.57 25.55 4.12
N GLU B 65 16.03 25.88 5.33
CA GLU B 65 16.57 24.90 6.27
C GLU B 65 15.62 24.63 7.43
N GLU B 66 14.38 25.13 7.37
CA GLU B 66 13.42 24.96 8.44
C GLU B 66 12.20 24.17 8.03
N THR B 67 12.16 23.64 6.81
CA THR B 67 11.04 22.82 6.38
C THR B 67 10.96 21.55 7.20
N CYS B 68 9.75 21.05 7.40
CA CYS B 68 9.48 19.93 8.30
C CYS B 68 8.92 18.74 7.53
N LEU B 69 9.30 17.54 7.96
CA LEU B 69 8.81 16.28 7.43
C LEU B 69 8.27 15.44 8.56
N PRO B 70 7.37 14.50 8.27
CA PRO B 70 6.77 13.69 9.32
C PRO B 70 7.83 12.88 10.06
N PRO B 71 7.55 12.46 11.29
CA PRO B 71 8.50 11.56 11.97
C PRO B 71 8.74 10.26 11.25
N ALA B 72 7.71 9.70 10.60
CA ALA B 72 7.89 8.42 9.92
C ALA B 72 8.93 8.49 8.82
N ILE B 73 9.05 9.65 8.15
CA ILE B 73 10.04 9.82 7.09
C ILE B 73 11.43 10.10 7.64
N HIS B 74 11.60 10.12 8.96
CA HIS B 74 12.90 10.45 9.53
C HIS B 74 13.89 9.29 9.38
N TYR B 75 13.41 8.06 9.45
CA TYR B 75 14.30 6.90 9.40
C TYR B 75 14.89 6.74 8.00
N ILE B 76 16.14 6.28 7.94
CA ILE B 76 16.83 6.26 6.66
C ILE B 76 16.18 5.19 5.78
N PRO B 77 15.64 4.08 6.30
CA PRO B 77 14.53 3.45 5.60
C PRO B 77 13.22 4.09 6.01
N PRO B 78 12.63 4.94 5.17
CA PRO B 78 11.35 5.55 5.53
C PRO B 78 10.21 4.56 5.31
N THR B 79 9.62 4.09 6.41
CA THR B 79 8.56 3.09 6.38
C THR B 79 7.24 3.75 6.74
N PRO B 80 6.48 4.28 5.79
CA PRO B 80 5.20 4.91 6.10
C PRO B 80 4.10 3.87 6.25
N THR B 81 3.52 3.81 7.44
CA THR B 81 2.43 2.88 7.74
C THR B 81 1.11 3.63 7.78
N MET B 82 0.02 2.87 7.91
CA MET B 82 -1.29 3.48 8.10
C MET B 82 -1.36 4.20 9.44
N GLU B 83 -0.81 3.59 10.49
CA GLU B 83 -0.83 4.22 11.80
C GLU B 83 -0.03 5.52 11.80
N ALA B 84 1.13 5.53 11.13
CA ALA B 84 1.93 6.75 11.07
C ALA B 84 1.19 7.85 10.33
N ALA B 85 0.55 7.52 9.21
CA ALA B 85 -0.21 8.52 8.47
C ALA B 85 -1.37 9.06 9.29
N ARG B 86 -2.08 8.18 9.99
CA ARG B 86 -3.17 8.63 10.84
C ARG B 86 -2.66 9.51 11.97
N GLY B 87 -1.50 9.17 12.54
CA GLY B 87 -0.95 9.99 13.60
C GLY B 87 -0.54 11.37 13.12
N GLU B 88 0.09 11.45 11.94
CA GLU B 88 0.42 12.75 11.38
C GLU B 88 -0.84 13.55 11.07
N ALA B 89 -1.87 12.89 10.54
CA ALA B 89 -3.12 13.58 10.26
C ALA B 89 -3.72 14.15 11.52
N GLU B 90 -3.78 13.33 12.58
CA GLU B 90 -4.28 13.81 13.85
C GLU B 90 -3.47 15.01 14.32
N LEU B 91 -2.14 14.86 14.36
CA LEU B 91 -1.28 15.96 14.78
C LEU B 91 -1.64 17.25 14.07
N VAL B 92 -1.50 17.27 12.74
CA VAL B 92 -1.63 18.51 11.99
C VAL B 92 -3.06 19.04 12.08
N ILE B 93 -4.05 18.19 11.80
CA ILE B 93 -5.42 18.65 11.72
C ILE B 93 -5.89 19.14 13.08
N PHE B 94 -5.60 18.41 14.15
CA PHE B 94 -6.06 18.81 15.46
C PHE B 94 -5.33 20.04 15.96
N SER B 95 -4.05 20.21 15.61
CA SER B 95 -3.36 21.45 15.97
C SER B 95 -4.02 22.64 15.30
N ALA B 96 -4.26 22.55 13.98
CA ALA B 96 -4.88 23.66 13.28
C ALA B 96 -6.29 23.92 13.81
N MET B 97 -7.06 22.87 14.07
CA MET B 97 -8.42 23.05 14.54
C MET B 97 -8.45 23.65 15.94
N ASP B 98 -7.56 23.21 16.83
CA ASP B 98 -7.51 23.79 18.17
C ASP B 98 -7.14 25.28 18.09
N SER B 99 -6.16 25.62 17.26
CA SER B 99 -5.80 27.02 17.12
C SER B 99 -6.97 27.83 16.60
N LEU B 100 -7.68 27.30 15.60
CA LEU B 100 -8.84 28.01 15.06
C LEU B 100 -9.92 28.20 16.12
N LEU B 101 -10.21 27.16 16.88
CA LEU B 101 -11.28 27.24 17.86
C LEU B 101 -10.94 28.19 18.99
N GLN B 102 -9.65 28.26 19.37
CA GLN B 102 -9.27 29.22 20.41
C GLN B 102 -9.26 30.64 19.87
N LYS B 103 -8.84 30.83 18.61
CA LYS B 103 -8.85 32.16 18.02
C LYS B 103 -10.26 32.71 17.93
N THR B 104 -11.17 31.94 17.33
CA THR B 104 -12.52 32.43 17.04
C THR B 104 -13.49 32.26 18.20
N GLY B 105 -13.11 31.53 19.24
CA GLY B 105 -14.06 31.25 20.31
C GLY B 105 -15.25 30.44 19.86
N LEU B 106 -15.16 29.83 18.68
CA LEU B 106 -16.27 29.06 18.16
C LEU B 106 -16.48 27.80 18.98
N LYS B 107 -17.74 27.48 19.23
CA LYS B 107 -18.05 26.22 19.90
C LYS B 107 -18.19 25.11 18.87
N PRO B 108 -17.83 23.87 19.23
CA PRO B 108 -18.02 22.77 18.27
C PRO B 108 -19.47 22.59 17.84
N LYS B 109 -20.44 22.92 18.70
CA LYS B 109 -21.84 22.77 18.34
C LYS B 109 -22.31 23.81 17.33
N ASP B 110 -21.49 24.83 17.05
CA ASP B 110 -21.84 25.86 16.09
C ASP B 110 -21.39 25.55 14.67
N ILE B 111 -20.65 24.48 14.46
CA ILE B 111 -20.11 24.14 13.14
C ILE B 111 -21.19 23.43 12.36
N ASP B 112 -21.68 24.05 11.29
CA ASP B 112 -22.76 23.50 10.48
C ASP B 112 -22.27 22.78 9.23
N ILE B 113 -21.15 23.21 8.65
CA ILE B 113 -20.55 22.58 7.48
C ILE B 113 -19.10 22.29 7.81
N LEU B 114 -18.60 21.15 7.31
CA LEU B 114 -17.22 20.74 7.58
C LEU B 114 -16.68 20.07 6.33
N ILE B 115 -15.75 20.74 5.64
CA ILE B 115 -15.17 20.24 4.41
C ILE B 115 -13.68 20.02 4.65
N VAL B 116 -13.22 18.79 4.51
CA VAL B 116 -11.81 18.45 4.66
C VAL B 116 -11.26 18.01 3.32
N ASN B 117 -10.18 18.64 2.89
CA ASN B 117 -9.52 18.27 1.65
C ASN B 117 -8.08 17.85 1.94
N CYS B 118 -7.73 16.66 1.45
CA CYS B 118 -6.38 16.11 1.56
C CYS B 118 -6.24 15.07 0.46
N SER B 119 -5.33 15.31 -0.48
CA SER B 119 -5.32 14.55 -1.72
C SER B 119 -5.01 13.07 -1.47
N LEU B 120 -3.82 12.77 -0.93
CA LEU B 120 -3.34 11.40 -0.94
C LEU B 120 -3.95 10.56 0.17
N PHE B 121 -4.02 11.09 1.39
CA PHE B 121 -4.48 10.32 2.53
C PHE B 121 -6.01 10.37 2.58
N SER B 122 -6.64 9.21 2.36
CA SER B 122 -8.10 9.10 2.33
C SER B 122 -8.51 7.90 3.19
N PRO B 123 -8.36 8.00 4.51
CA PRO B 123 -8.68 6.85 5.37
C PRO B 123 -10.17 6.56 5.45
N THR B 124 -10.54 5.56 6.25
CA THR B 124 -11.94 5.23 6.49
C THR B 124 -12.11 4.85 7.96
N PRO B 125 -12.87 5.61 8.76
CA PRO B 125 -13.67 6.80 8.42
C PRO B 125 -12.83 7.96 7.89
N SER B 126 -13.48 8.88 7.18
CA SER B 126 -12.77 9.96 6.52
C SER B 126 -12.08 10.86 7.55
N LEU B 127 -11.32 11.83 7.04
CA LEU B 127 -10.71 12.83 7.91
C LEU B 127 -11.75 13.72 8.59
N SER B 128 -12.79 14.10 7.87
CA SER B 128 -13.88 14.82 8.51
C SER B 128 -14.52 14.01 9.63
N ALA B 129 -14.57 12.69 9.48
CA ALA B 129 -15.11 11.84 10.54
C ALA B 129 -14.26 11.93 11.80
N MET B 130 -12.93 11.93 11.64
CA MET B 130 -12.08 12.00 12.83
C MET B 130 -12.16 13.39 13.45
N VAL B 131 -12.32 14.44 12.64
CA VAL B 131 -12.53 15.77 13.22
C VAL B 131 -13.83 15.79 14.01
N ILE B 132 -14.90 15.22 13.45
CA ILE B 132 -16.19 15.20 14.14
C ILE B 132 -16.07 14.45 15.46
N ASN B 133 -15.40 13.30 15.43
CA ASN B 133 -15.23 12.52 16.66
C ASN B 133 -14.39 13.27 17.68
N LYS B 134 -13.35 13.97 17.22
CA LYS B 134 -12.47 14.69 18.13
C LYS B 134 -13.21 15.81 18.83
N TYR B 135 -14.04 16.56 18.10
CA TYR B 135 -14.71 17.72 18.66
C TYR B 135 -16.19 17.49 18.95
N LYS B 136 -16.66 16.25 18.84
CA LYS B 136 -18.05 15.91 19.15
C LYS B 136 -19.02 16.87 18.46
N LEU B 137 -18.87 16.98 17.14
CA LEU B 137 -19.73 17.90 16.38
C LEU B 137 -21.15 17.35 16.30
N ARG B 138 -22.05 18.19 15.81
CA ARG B 138 -23.46 17.84 15.77
C ARG B 138 -23.70 16.65 14.85
N SER B 139 -24.75 15.89 15.15
CA SER B 139 -25.09 14.70 14.38
C SER B 139 -25.70 15.03 13.02
N ASN B 140 -26.06 16.29 12.77
CA ASN B 140 -26.62 16.71 11.50
C ASN B 140 -25.70 17.70 10.79
N ILE B 141 -24.40 17.41 10.83
CA ILE B 141 -23.39 18.25 10.20
C ILE B 141 -23.24 17.86 8.74
N LYS B 142 -23.02 18.85 7.88
CA LYS B 142 -22.76 18.63 6.45
C LYS B 142 -21.26 18.36 6.30
N SER B 143 -20.90 17.09 6.37
CA SER B 143 -19.50 16.67 6.39
C SER B 143 -19.10 16.15 5.02
N PHE B 144 -18.11 16.80 4.41
CA PHE B 144 -17.59 16.41 3.11
C PHE B 144 -16.09 16.19 3.21
N ASN B 145 -15.60 15.16 2.53
CA ASN B 145 -14.18 14.83 2.48
C ASN B 145 -13.79 14.67 1.02
N LEU B 146 -13.05 15.65 0.50
CA LEU B 146 -12.56 15.62 -0.87
C LEU B 146 -11.14 15.08 -0.89
N SER B 147 -10.86 14.17 -1.82
CA SER B 147 -9.52 13.62 -1.96
C SER B 147 -9.24 13.36 -3.43
N GLY B 148 -7.94 13.29 -3.75
CA GLY B 148 -7.51 13.06 -5.10
C GLY B 148 -7.56 14.27 -6.01
N MET B 149 -7.91 15.43 -5.47
CA MET B 149 -8.17 16.61 -6.29
C MET B 149 -6.98 17.57 -6.35
N GLY B 150 -5.85 17.22 -5.76
CA GLY B 150 -4.62 17.96 -5.99
C GLY B 150 -4.41 19.14 -5.08
N CYS B 151 -3.45 19.98 -5.48
CA CYS B 151 -3.05 21.13 -4.70
C CYS B 151 -4.05 22.28 -4.82
N SER B 152 -4.84 22.32 -5.89
CA SER B 152 -5.87 23.34 -6.02
C SER B 152 -7.11 23.03 -5.19
N ALA B 153 -7.23 21.79 -4.69
CA ALA B 153 -8.43 21.41 -3.97
C ALA B 153 -8.74 22.35 -2.84
N GLY B 154 -7.72 22.97 -2.26
CA GLY B 154 -7.94 23.97 -1.24
C GLY B 154 -9.01 24.96 -1.67
N LEU B 155 -8.76 25.67 -2.77
CA LEU B 155 -9.75 26.63 -3.23
C LEU B 155 -11.06 25.96 -3.58
N ILE B 156 -11.00 24.72 -4.10
CA ILE B 156 -12.24 24.00 -4.39
C ILE B 156 -13.08 23.94 -3.13
N SER B 157 -12.46 23.56 -2.00
CA SER B 157 -13.18 23.48 -0.75
C SER B 157 -13.87 24.81 -0.47
N ILE B 158 -13.13 25.91 -0.61
CA ILE B 158 -13.71 27.22 -0.34
C ILE B 158 -14.95 27.39 -1.19
N ASP B 159 -14.83 27.11 -2.49
CA ASP B 159 -15.98 27.23 -3.39
C ASP B 159 -17.17 26.46 -2.83
N LEU B 160 -16.94 25.18 -2.49
CA LEU B 160 -18.02 24.37 -1.95
C LEU B 160 -18.66 25.06 -0.76
N ALA B 161 -17.83 25.48 0.19
CA ALA B 161 -18.36 26.16 1.37
C ALA B 161 -19.26 27.31 0.95
N ARG B 162 -18.75 28.17 0.06
CA ARG B 162 -19.53 29.32 -0.38
C ARG B 162 -20.90 28.88 -0.85
N ASP B 163 -20.95 27.88 -1.73
CA ASP B 163 -22.23 27.45 -2.28
C ASP B 163 -23.15 27.00 -1.16
N LEU B 164 -22.64 26.19 -0.24
CA LEU B 164 -23.48 25.72 0.86
C LEU B 164 -23.97 26.89 1.69
N LEU B 165 -23.12 27.89 1.88
CA LEU B 165 -23.49 29.04 2.69
C LEU B 165 -24.58 29.85 2.02
N GLN B 166 -24.74 29.73 0.70
CA GLN B 166 -25.86 30.40 0.04
C GLN B 166 -27.17 29.68 0.29
N VAL B 167 -27.13 28.38 0.57
CA VAL B 167 -28.35 27.60 0.75
C VAL B 167 -28.80 27.63 2.20
N HIS B 168 -27.85 27.62 3.15
CA HIS B 168 -28.17 27.55 4.57
C HIS B 168 -27.89 28.90 5.23
N PRO B 169 -28.90 29.63 5.68
CA PRO B 169 -28.63 30.89 6.38
C PRO B 169 -28.09 30.66 7.77
N ASN B 170 -27.31 31.64 8.25
CA ASN B 170 -26.75 31.61 9.60
C ASN B 170 -26.04 30.29 9.89
N SER B 171 -24.98 30.04 9.13
CA SER B 171 -24.21 28.81 9.23
C SER B 171 -22.71 29.12 9.26
N ASN B 172 -21.97 28.23 9.91
CA ASN B 172 -20.51 28.26 9.92
C ASN B 172 -19.97 27.07 9.17
N ALA B 173 -18.93 27.29 8.38
CA ALA B 173 -18.28 26.25 7.60
C ALA B 173 -16.80 26.20 7.96
N VAL B 174 -16.34 25.06 8.43
CA VAL B 174 -14.94 24.83 8.72
C VAL B 174 -14.34 24.08 7.54
N VAL B 175 -13.26 24.61 6.99
CA VAL B 175 -12.56 24.01 5.86
C VAL B 175 -11.16 23.66 6.30
N VAL B 176 -10.82 22.38 6.26
CA VAL B 176 -9.52 21.89 6.69
C VAL B 176 -8.75 21.46 5.45
N SER B 177 -7.78 22.27 5.05
CA SER B 177 -6.92 21.97 3.90
C SER B 177 -5.61 21.41 4.42
N THR B 178 -5.22 20.24 3.92
CA THR B 178 -3.97 19.65 4.38
C THR B 178 -3.47 18.65 3.35
N GLU B 179 -2.24 18.19 3.56
CA GLU B 179 -1.65 17.13 2.74
C GLU B 179 -0.77 16.29 3.66
N ILE B 180 -1.28 15.14 4.08
CA ILE B 180 -0.50 14.20 4.88
C ILE B 180 0.53 13.57 3.95
N ILE B 181 1.82 13.85 4.21
CA ILE B 181 2.87 13.47 3.28
C ILE B 181 3.54 12.16 3.66
N THR B 182 3.12 11.51 4.75
CA THR B 182 3.66 10.19 5.06
C THR B 182 3.29 9.17 3.99
N PRO B 183 2.01 9.03 3.59
CA PRO B 183 1.70 8.10 2.49
C PRO B 183 2.12 8.61 1.12
N ASN B 184 2.40 9.90 0.98
CA ASN B 184 2.77 10.48 -0.30
C ASN B 184 4.24 10.29 -0.63
N TYR B 185 5.04 9.79 0.30
CA TYR B 185 6.46 9.57 0.03
C TYR B 185 6.65 8.43 -0.95
N TYR B 186 7.52 8.66 -1.93
CA TYR B 186 7.76 7.70 -3.01
C TYR B 186 8.92 6.79 -2.62
N GLN B 187 8.64 5.49 -2.51
CA GLN B 187 9.63 4.50 -2.08
C GLN B 187 10.30 3.84 -3.28
N GLY B 188 10.93 4.66 -4.11
CA GLY B 188 11.56 4.14 -5.31
C GLY B 188 12.70 4.99 -5.81
N ASN B 189 13.19 4.69 -7.01
CA ASN B 189 14.34 5.38 -7.59
C ASN B 189 14.05 5.92 -8.99
N GLU B 190 12.81 5.87 -9.45
CA GLU B 190 12.46 6.47 -10.72
C GLU B 190 12.59 7.99 -10.61
N ARG B 191 13.34 8.59 -11.52
CA ARG B 191 13.66 10.00 -11.41
C ARG B 191 12.42 10.87 -11.48
N ALA B 192 11.49 10.55 -12.38
CA ALA B 192 10.33 11.40 -12.59
C ALA B 192 9.48 11.53 -11.33
N MET B 193 9.45 10.50 -10.49
CA MET B 193 8.59 10.45 -9.33
C MET B 193 9.28 10.88 -8.03
N LEU B 194 10.52 11.34 -8.10
CA LEU B 194 11.26 11.76 -6.92
C LEU B 194 11.11 13.24 -6.60
N LEU B 195 10.49 14.02 -7.48
CA LEU B 195 10.26 15.44 -7.20
C LEU B 195 9.40 15.63 -5.95
N PRO B 196 8.26 14.95 -5.78
CA PRO B 196 7.47 15.15 -4.57
C PRO B 196 8.26 14.92 -3.30
N ASN B 197 9.21 13.99 -3.31
CA ASN B 197 10.05 13.79 -2.13
C ASN B 197 10.87 15.04 -1.84
N CYS B 198 11.42 15.66 -2.88
CA CYS B 198 12.28 16.82 -2.68
C CYS B 198 11.50 18.06 -2.26
N LEU B 199 10.27 18.22 -2.76
CA LEU B 199 9.58 19.50 -2.66
C LEU B 199 8.50 19.53 -1.58
N PHE B 200 7.80 18.44 -1.35
CA PHE B 200 6.62 18.47 -0.49
C PHE B 200 7.00 18.37 0.98
N ARG B 201 6.39 19.22 1.80
CA ARG B 201 6.68 19.31 3.22
C ARG B 201 5.35 19.39 3.99
N MET B 202 5.45 19.33 5.30
CA MET B 202 4.26 19.27 6.14
C MET B 202 3.63 20.64 6.31
N GLY B 203 2.32 20.64 6.49
CA GLY B 203 1.57 21.88 6.64
C GLY B 203 0.09 21.57 6.78
N GLY B 204 -0.69 22.63 6.90
CA GLY B 204 -2.12 22.49 7.07
C GLY B 204 -2.74 23.81 7.47
N ALA B 205 -4.06 23.87 7.35
CA ALA B 205 -4.78 25.09 7.69
C ALA B 205 -6.24 24.76 7.96
N ALA B 206 -6.78 25.35 9.02
CA ALA B 206 -8.20 25.26 9.35
C ALA B 206 -8.80 26.65 9.20
N ILE B 207 -9.83 26.77 8.37
CA ILE B 207 -10.42 28.04 8.00
C ILE B 207 -11.85 28.05 8.48
N LEU B 208 -12.30 29.19 9.00
CA LEU B 208 -13.68 29.38 9.41
C LEU B 208 -14.34 30.38 8.47
N LEU B 209 -15.47 30.00 7.90
CA LEU B 209 -16.26 30.86 7.03
C LEU B 209 -17.66 30.96 7.59
N SER B 210 -18.33 32.08 7.33
CA SER B 210 -19.64 32.29 7.92
C SER B 210 -20.36 33.41 7.19
N ASN B 211 -21.65 33.22 6.95
CA ASN B 211 -22.52 34.25 6.42
C ASN B 211 -23.27 34.99 7.52
N ARG B 212 -23.08 34.62 8.77
CA ARG B 212 -23.78 35.28 9.87
C ARG B 212 -23.47 36.77 9.88
N ARG B 213 -24.51 37.58 10.10
CA ARG B 213 -24.33 39.02 10.14
C ARG B 213 -23.59 39.48 11.38
N ARG B 214 -23.58 38.68 12.44
CA ARG B 214 -22.82 39.02 13.63
C ARG B 214 -21.31 38.99 13.40
N ASN B 215 -20.86 38.44 12.27
CA ASN B 215 -19.44 38.38 11.93
C ASN B 215 -19.04 39.45 10.92
N ARG B 216 -19.92 40.42 10.65
CA ARG B 216 -19.58 41.48 9.72
C ARG B 216 -18.52 42.43 10.28
N SER B 217 -18.20 42.33 11.57
CA SER B 217 -17.14 43.13 12.18
C SER B 217 -15.95 42.31 12.62
N ARG B 218 -16.17 41.07 13.07
CA ARG B 218 -15.06 40.19 13.44
C ARG B 218 -14.33 39.64 12.24
N ALA B 219 -15.02 39.50 11.11
CA ALA B 219 -14.45 38.81 9.96
C ALA B 219 -13.17 39.49 9.49
N LYS B 220 -12.20 38.67 9.09
CA LYS B 220 -10.96 39.20 8.54
C LYS B 220 -11.14 39.63 7.08
N TYR B 221 -11.79 38.79 6.28
CA TYR B 221 -11.97 39.03 4.86
C TYR B 221 -13.42 38.77 4.49
N ARG B 222 -13.78 39.07 3.25
CA ARG B 222 -15.10 38.73 2.71
C ARG B 222 -14.88 38.17 1.31
N LEU B 223 -15.19 36.88 1.14
CA LEU B 223 -14.98 36.23 -0.14
C LEU B 223 -15.74 36.98 -1.23
N VAL B 224 -15.00 37.43 -2.25
CA VAL B 224 -15.58 38.09 -3.40
C VAL B 224 -15.85 37.08 -4.49
N HIS B 225 -14.81 36.39 -4.95
CA HIS B 225 -14.93 35.52 -6.11
C HIS B 225 -14.20 34.21 -5.90
N VAL B 226 -14.67 33.17 -6.59
CA VAL B 226 -13.93 31.91 -6.73
C VAL B 226 -14.10 31.41 -8.16
N VAL B 227 -13.08 31.61 -8.99
CA VAL B 227 -13.08 31.13 -10.36
C VAL B 227 -12.35 29.80 -10.42
N ARG B 228 -12.80 28.92 -11.31
CA ARG B 228 -12.26 27.58 -11.43
C ARG B 228 -11.98 27.27 -12.89
N THR B 229 -10.94 26.47 -13.14
CA THR B 229 -10.62 25.98 -14.46
C THR B 229 -10.21 24.53 -14.36
N HIS B 230 -10.68 23.71 -15.30
CA HIS B 230 -10.36 22.29 -15.34
C HIS B 230 -9.93 21.97 -16.77
N LYS B 231 -8.62 21.86 -16.97
CA LYS B 231 -8.05 21.49 -18.26
C LYS B 231 -7.98 19.98 -18.45
N GLY B 232 -8.78 19.22 -17.69
CA GLY B 232 -8.80 17.78 -17.83
C GLY B 232 -9.28 17.31 -19.18
N ALA B 233 -10.02 18.16 -19.91
CA ALA B 233 -10.49 17.77 -21.23
C ALA B 233 -9.32 17.48 -22.16
N ASP B 234 -8.29 18.33 -22.13
CA ASP B 234 -7.11 18.09 -22.93
C ASP B 234 -6.37 16.85 -22.41
N ASP B 235 -6.02 15.94 -23.31
CA ASP B 235 -5.38 14.71 -22.90
C ASP B 235 -3.98 14.97 -22.34
N LYS B 236 -3.22 15.87 -22.98
CA LYS B 236 -1.89 16.19 -22.48
C LYS B 236 -1.95 16.81 -21.10
N ALA B 237 -2.92 17.70 -20.87
CA ALA B 237 -3.05 18.37 -19.59
C ALA B 237 -3.69 17.48 -18.52
N TYR B 238 -4.17 16.29 -18.89
CA TYR B 238 -4.72 15.38 -17.90
C TYR B 238 -3.63 14.52 -17.28
N ARG B 239 -2.70 14.04 -18.10
CA ARG B 239 -1.62 13.18 -17.65
C ARG B 239 -0.45 13.94 -17.04
N CYS B 240 -0.54 15.26 -16.95
CA CYS B 240 0.57 16.06 -16.45
C CYS B 240 1.08 15.54 -15.11
N VAL B 241 0.24 15.57 -14.09
CA VAL B 241 0.60 15.09 -12.76
C VAL B 241 -0.18 13.82 -12.50
N PHE B 242 0.42 12.67 -12.83
CA PHE B 242 -0.30 11.40 -12.83
C PHE B 242 0.30 10.47 -11.79
N GLU B 243 -0.53 10.05 -10.83
CA GLU B 243 -0.12 9.00 -9.91
C GLU B 243 -0.14 7.66 -10.64
N GLU B 244 0.91 6.88 -10.47
CA GLU B 244 1.05 5.61 -11.18
C GLU B 244 2.08 4.76 -10.47
N GLU B 245 2.50 3.67 -11.10
CA GLU B 245 3.51 2.77 -10.58
C GLU B 245 4.73 2.77 -11.49
N ASP B 246 5.90 2.64 -10.87
CA ASP B 246 7.14 2.51 -11.63
C ASP B 246 7.32 1.05 -12.02
N LYS B 247 8.49 0.71 -12.55
CA LYS B 247 8.77 -0.65 -13.00
C LYS B 247 9.10 -1.60 -11.86
N GLU B 248 8.82 -1.21 -10.62
CA GLU B 248 9.09 -2.05 -9.46
C GLU B 248 7.90 -2.19 -8.51
N GLY B 249 6.73 -1.70 -8.88
CA GLY B 249 5.55 -1.84 -8.04
C GLY B 249 5.40 -0.77 -6.98
N LYS B 250 6.04 0.38 -7.14
CA LYS B 250 5.97 1.48 -6.20
C LYS B 250 5.12 2.60 -6.76
N VAL B 251 4.22 3.12 -5.94
CA VAL B 251 3.27 4.15 -6.37
C VAL B 251 3.89 5.52 -6.13
N GLY B 252 3.87 6.36 -7.16
CA GLY B 252 4.39 7.70 -7.05
C GLY B 252 3.75 8.62 -8.07
N ILE B 253 3.98 9.92 -7.89
CA ILE B 253 3.38 10.95 -8.73
C ILE B 253 4.38 11.29 -9.83
N SER B 254 4.16 10.75 -11.03
CA SER B 254 4.97 11.10 -12.18
C SER B 254 4.57 12.47 -12.70
N LEU B 255 5.56 13.33 -12.94
CA LEU B 255 5.37 14.67 -13.45
C LEU B 255 5.85 14.72 -14.89
N SER B 256 5.00 15.19 -15.79
CA SER B 256 5.34 15.24 -17.21
C SER B 256 6.43 16.27 -17.46
N LYS B 257 7.18 16.04 -18.54
CA LYS B 257 8.22 16.99 -18.92
C LYS B 257 7.62 18.35 -19.26
N ASP B 258 6.49 18.35 -19.96
CA ASP B 258 5.84 19.57 -20.37
C ASP B 258 4.99 20.19 -19.27
N LEU B 259 5.10 19.70 -18.04
CA LEU B 259 4.25 20.18 -16.96
C LEU B 259 4.29 21.71 -16.87
N MET B 260 5.44 22.31 -17.21
CA MET B 260 5.52 23.75 -17.24
C MET B 260 4.50 24.35 -18.20
N ALA B 261 4.64 24.04 -19.49
CA ALA B 261 3.83 24.73 -20.50
C ALA B 261 2.35 24.61 -20.21
N ILE B 262 1.87 23.38 -20.00
CA ILE B 262 0.44 23.19 -19.70
C ILE B 262 0.04 24.05 -18.52
N ALA B 263 0.83 24.00 -17.43
CA ALA B 263 0.49 24.81 -16.27
C ALA B 263 0.27 26.25 -16.71
N GLY B 264 1.22 26.81 -17.45
CA GLY B 264 1.09 28.15 -17.97
C GLY B 264 -0.28 28.35 -18.58
N GLU B 265 -0.61 27.51 -19.56
CA GLU B 265 -1.88 27.68 -20.25
C GLU B 265 -3.03 27.77 -19.26
N ALA B 266 -3.09 26.81 -18.32
CA ALA B 266 -4.17 26.82 -17.35
C ALA B 266 -4.25 28.17 -16.66
N LEU B 267 -3.13 28.63 -16.12
CA LEU B 267 -3.13 29.91 -15.43
C LEU B 267 -3.69 31.00 -16.32
N LYS B 268 -3.24 31.05 -17.57
CA LYS B 268 -3.72 32.08 -18.49
C LYS B 268 -5.24 32.04 -18.54
N SER B 269 -5.81 30.86 -18.77
CA SER B 269 -7.25 30.74 -18.85
C SER B 269 -7.91 31.35 -17.63
N ASN B 270 -7.38 31.05 -16.45
CA ASN B 270 -7.98 31.57 -15.23
C ASN B 270 -7.96 33.09 -15.22
N ILE B 271 -6.83 33.69 -15.61
CA ILE B 271 -6.74 35.15 -15.61
C ILE B 271 -7.52 35.76 -16.75
N THR B 272 -8.05 34.94 -17.66
CA THR B 272 -8.98 35.45 -18.66
C THR B 272 -10.41 35.43 -18.14
N THR B 273 -10.69 34.61 -17.13
CA THR B 273 -12.02 34.55 -16.54
C THR B 273 -12.16 35.45 -15.33
N ILE B 274 -11.04 35.78 -14.66
CA ILE B 274 -11.07 36.67 -13.51
C ILE B 274 -10.83 38.13 -13.89
N GLY B 275 -10.41 38.40 -15.13
CA GLY B 275 -10.10 39.74 -15.56
C GLY B 275 -11.32 40.63 -15.62
N PRO B 276 -12.28 40.28 -16.48
CA PRO B 276 -13.48 41.12 -16.62
C PRO B 276 -14.22 41.31 -15.30
N LEU B 277 -14.22 40.30 -14.43
CA LEU B 277 -14.95 40.42 -13.17
C LEU B 277 -14.38 41.55 -12.31
N VAL B 278 -13.06 41.65 -12.24
CA VAL B 278 -12.40 42.65 -11.40
C VAL B 278 -12.00 43.89 -12.18
N LEU B 279 -12.27 43.94 -13.48
CA LEU B 279 -11.91 45.10 -14.28
C LEU B 279 -12.73 46.30 -13.82
N PRO B 280 -12.09 47.42 -13.43
CA PRO B 280 -12.85 48.61 -13.04
C PRO B 280 -13.81 49.09 -14.13
N ASP B 307 -2.85 43.04 -17.13
CA ASP B 307 -3.20 44.30 -16.47
C ASP B 307 -3.79 44.02 -15.10
N PHE B 308 -3.12 43.16 -14.32
CA PHE B 308 -3.61 42.73 -13.02
C PHE B 308 -2.78 43.25 -11.86
N LYS B 309 -1.55 43.71 -12.10
CA LYS B 309 -0.73 44.22 -11.00
C LYS B 309 -1.37 45.43 -10.33
N GLN B 310 -2.32 46.08 -10.99
CA GLN B 310 -3.06 47.20 -10.41
C GLN B 310 -4.48 46.83 -10.01
N ALA B 311 -5.00 45.70 -10.47
CA ALA B 311 -6.35 45.29 -10.09
C ALA B 311 -6.39 44.86 -8.62
N PHE B 312 -5.38 44.12 -8.18
CA PHE B 312 -5.31 43.62 -6.82
C PHE B 312 -4.18 44.28 -6.06
N GLU B 313 -4.28 44.24 -4.73
CA GLU B 313 -3.22 44.75 -3.87
C GLU B 313 -2.26 43.67 -3.40
N HIS B 314 -2.71 42.42 -3.29
CA HIS B 314 -1.87 41.33 -2.82
C HIS B 314 -2.10 40.09 -3.66
N PHE B 315 -1.03 39.34 -3.89
CA PHE B 315 -1.06 38.11 -4.67
C PHE B 315 -0.53 36.96 -3.82
N CYS B 316 -1.23 35.83 -3.86
CA CYS B 316 -0.82 34.60 -3.19
C CYS B 316 -0.74 33.52 -4.26
N ILE B 317 0.41 33.42 -4.91
CA ILE B 317 0.64 32.38 -5.89
C ILE B 317 1.01 31.10 -5.17
N HIS B 318 0.37 30.00 -5.54
CA HIS B 318 0.64 28.72 -4.89
C HIS B 318 2.12 28.38 -5.01
N ALA B 319 2.72 27.97 -3.89
CA ALA B 319 4.15 27.69 -3.83
C ALA B 319 4.40 26.26 -4.31
N GLY B 320 4.33 26.11 -5.63
CA GLY B 320 4.51 24.81 -6.26
C GLY B 320 5.88 24.62 -6.86
N GLY B 321 6.84 25.44 -6.45
CA GLY B 321 8.17 25.41 -7.02
C GLY B 321 8.54 26.76 -7.59
N ARG B 322 9.79 27.19 -7.42
CA ARG B 322 10.16 28.54 -7.84
C ARG B 322 10.00 28.74 -9.33
N ALA B 323 9.99 27.67 -10.13
CA ALA B 323 9.87 27.82 -11.57
C ALA B 323 8.49 28.38 -11.95
N VAL B 324 7.43 27.83 -11.37
CA VAL B 324 6.09 28.30 -11.70
C VAL B 324 5.89 29.72 -11.19
N ILE B 325 6.45 30.04 -10.02
CA ILE B 325 6.34 31.39 -9.50
C ILE B 325 7.06 32.37 -10.43
N ASP B 326 8.24 31.99 -10.93
CA ASP B 326 8.94 32.86 -11.86
C ASP B 326 8.14 33.04 -13.14
N GLU B 327 7.54 31.96 -13.64
CA GLU B 327 6.73 32.04 -14.85
C GLU B 327 5.57 33.01 -14.65
N LEU B 328 4.85 32.89 -13.53
CA LEU B 328 3.73 33.77 -13.27
C LEU B 328 4.19 35.21 -13.10
N GLN B 329 5.31 35.42 -12.42
CA GLN B 329 5.83 36.78 -12.24
C GLN B 329 6.15 37.41 -13.59
N LYS B 330 6.78 36.65 -14.49
CA LYS B 330 7.13 37.20 -15.79
C LYS B 330 5.90 37.37 -16.67
N ASN B 331 4.85 36.58 -16.46
CA ASN B 331 3.63 36.73 -17.25
C ASN B 331 2.81 37.93 -16.81
N LEU B 332 2.44 37.97 -15.53
CA LEU B 332 1.63 39.05 -15.00
C LEU B 332 2.41 40.33 -14.74
N GLN B 333 3.74 40.31 -14.92
CA GLN B 333 4.58 41.48 -14.69
C GLN B 333 4.46 41.96 -13.24
N LEU B 334 4.58 41.02 -12.32
CA LEU B 334 4.58 41.35 -10.90
C LEU B 334 5.98 41.78 -10.47
N SER B 335 6.01 42.68 -9.48
CA SER B 335 7.27 43.16 -8.94
C SER B 335 7.83 42.15 -7.95
N ALA B 336 9.07 42.41 -7.50
CA ALA B 336 9.67 41.53 -6.50
C ALA B 336 8.87 41.52 -5.21
N GLU B 337 8.38 42.69 -4.80
CA GLU B 337 7.63 42.77 -3.54
C GLU B 337 6.23 42.19 -3.67
N GLN B 338 5.64 42.23 -4.86
CA GLN B 338 4.30 41.68 -5.04
C GLN B 338 4.33 40.16 -4.95
N VAL B 339 5.24 39.52 -5.68
CA VAL B 339 5.48 38.08 -5.53
C VAL B 339 6.61 37.94 -4.52
N GLU B 340 6.26 38.09 -3.26
CA GLU B 340 7.22 37.94 -2.17
C GLU B 340 6.70 37.01 -1.08
N ALA B 341 5.39 37.02 -0.82
CA ALA B 341 4.84 36.07 0.14
C ALA B 341 4.97 34.64 -0.38
N SER B 342 4.86 34.46 -1.70
CA SER B 342 4.96 33.12 -2.28
C SER B 342 6.38 32.59 -2.20
N ARG B 343 7.36 33.41 -2.57
CA ARG B 343 8.75 32.98 -2.49
C ARG B 343 9.14 32.68 -1.06
N MET B 344 8.75 33.55 -0.13
CA MET B 344 9.16 33.37 1.26
C MET B 344 8.41 32.21 1.91
N THR B 345 7.18 31.95 1.47
CA THR B 345 6.46 30.77 1.96
C THR B 345 7.08 29.49 1.44
N LEU B 346 7.49 29.46 0.18
CA LEU B 346 8.22 28.30 -0.34
C LEU B 346 9.52 28.11 0.43
N HIS B 347 10.22 29.20 0.73
CA HIS B 347 11.46 29.12 1.49
C HIS B 347 11.23 28.54 2.89
N ARG B 348 10.27 29.13 3.63
CA ARG B 348 10.12 28.77 5.03
C ARG B 348 9.46 27.42 5.21
N PHE B 349 8.43 27.11 4.42
CA PHE B 349 7.64 25.91 4.62
C PHE B 349 7.72 24.91 3.48
N GLY B 350 8.22 25.31 2.32
CA GLY B 350 8.25 24.42 1.18
C GLY B 350 6.88 24.34 0.51
N ASN B 351 6.67 23.24 -0.20
CA ASN B 351 5.41 23.00 -0.91
C ASN B 351 4.45 22.30 0.05
N THR B 352 3.75 23.10 0.86
CA THR B 352 2.76 22.57 1.79
C THR B 352 1.45 22.21 1.11
N SER B 353 1.41 22.19 -0.22
CA SER B 353 0.23 21.78 -0.97
C SER B 353 -0.87 22.83 -0.89
N SER B 354 -2.13 22.40 -0.88
CA SER B 354 -3.24 23.32 -1.00
C SER B 354 -3.31 24.33 0.13
N SER B 355 -2.70 24.03 1.28
CA SER B 355 -2.73 24.95 2.40
C SER B 355 -1.72 26.08 2.28
N SER B 356 -0.80 26.00 1.30
CA SER B 356 0.21 27.05 1.18
C SER B 356 -0.43 28.42 1.00
N LEU B 357 -1.52 28.48 0.24
CA LEU B 357 -2.20 29.76 0.02
C LEU B 357 -2.45 30.50 1.32
N TRP B 358 -2.58 29.77 2.43
CA TRP B 358 -2.89 30.41 3.69
C TRP B 358 -1.63 30.87 4.42
N TYR B 359 -0.55 30.11 4.34
CA TYR B 359 0.71 30.58 4.90
C TYR B 359 1.08 31.92 4.28
N GLU B 360 1.00 32.01 2.96
CA GLU B 360 1.22 33.29 2.29
C GLU B 360 0.35 34.37 2.90
N MET B 361 -0.94 34.08 3.10
CA MET B 361 -1.81 35.06 3.73
C MET B 361 -1.20 35.56 5.03
N SER B 362 -0.82 34.63 5.91
CA SER B 362 -0.26 35.01 7.19
C SER B 362 0.92 35.96 6.98
N TYR B 363 1.80 35.63 6.04
CA TYR B 363 2.95 36.48 5.80
C TYR B 363 2.50 37.91 5.57
N ILE B 364 1.57 38.10 4.65
CA ILE B 364 1.14 39.46 4.30
C ILE B 364 0.55 40.15 5.52
N GLU B 365 -0.15 39.39 6.36
CA GLU B 365 -0.75 39.98 7.56
C GLU B 365 0.31 40.39 8.57
N GLU B 366 1.40 39.63 8.68
CA GLU B 366 2.35 39.82 9.76
C GLU B 366 3.41 40.86 9.44
N LYS B 367 3.51 41.28 8.18
CA LYS B 367 4.36 42.40 7.81
C LYS B 367 3.64 43.74 7.94
N GLY B 368 2.40 43.73 8.41
CA GLY B 368 1.61 44.95 8.50
C GLY B 368 1.27 45.52 7.14
N ARG B 369 0.88 44.67 6.19
CA ARG B 369 0.53 45.10 4.85
C ARG B 369 -0.92 44.80 4.50
N MET B 370 -1.70 44.27 5.44
CA MET B 370 -3.10 43.90 5.20
C MET B 370 -4.00 45.02 5.70
N LYS B 371 -4.11 46.06 4.88
CA LYS B 371 -4.97 47.20 5.20
C LYS B 371 -6.41 46.90 4.81
N LYS B 372 -7.32 47.68 5.36
CA LYS B 372 -8.74 47.47 5.10
C LYS B 372 -9.07 47.82 3.65
N GLY B 373 -9.89 46.98 3.02
CA GLY B 373 -10.26 47.17 1.64
C GLY B 373 -9.26 46.67 0.63
N ASP B 374 -8.21 45.97 1.07
CA ASP B 374 -7.19 45.47 0.16
C ASP B 374 -7.66 44.19 -0.51
N ARG B 375 -7.44 44.11 -1.82
CA ARG B 375 -7.86 42.96 -2.60
C ARG B 375 -6.75 41.92 -2.62
N VAL B 376 -7.10 40.69 -2.22
CA VAL B 376 -6.15 39.57 -2.21
C VAL B 376 -6.58 38.59 -3.28
N TRP B 377 -5.63 38.17 -4.12
CA TRP B 377 -5.90 37.22 -5.19
C TRP B 377 -5.05 35.97 -4.95
N GLN B 378 -5.71 34.86 -4.65
CA GLN B 378 -5.05 33.58 -4.45
C GLN B 378 -5.16 32.74 -5.71
N ILE B 379 -4.04 32.13 -6.12
CA ILE B 379 -4.01 31.24 -7.28
C ILE B 379 -3.49 29.88 -6.82
N ALA B 380 -4.24 28.83 -7.11
CA ALA B 380 -3.84 27.47 -6.75
C ALA B 380 -4.05 26.57 -7.96
N PHE B 381 -2.97 25.97 -8.45
CA PHE B 381 -3.00 25.11 -9.62
C PHE B 381 -2.43 23.75 -9.24
N GLY B 382 -3.12 22.70 -9.67
CA GLY B 382 -2.71 21.35 -9.35
C GLY B 382 -3.16 20.33 -10.37
N SER B 383 -3.01 19.05 -10.05
CA SER B 383 -3.36 17.99 -10.97
C SER B 383 -4.82 18.11 -11.41
N GLY B 384 -5.13 17.46 -12.53
CA GLY B 384 -6.47 17.49 -13.09
C GLY B 384 -6.59 17.75 -14.57
N PHE B 385 -5.84 18.69 -15.16
CA PHE B 385 -5.05 19.72 -14.48
C PHE B 385 -5.92 20.92 -14.11
N LYS B 386 -6.21 21.07 -12.83
CA LYS B 386 -7.07 22.15 -12.36
C LYS B 386 -6.25 23.40 -12.06
N CYS B 387 -6.88 24.55 -12.26
CA CYS B 387 -6.31 25.84 -11.89
C CYS B 387 -7.44 26.72 -11.37
N ASN B 388 -7.45 26.98 -10.07
CA ASN B 388 -8.48 27.79 -9.45
C ASN B 388 -7.87 29.06 -8.90
N SER B 389 -8.71 30.05 -8.70
CA SER B 389 -8.29 31.29 -8.07
C SER B 389 -9.46 31.84 -7.27
N ALA B 390 -9.12 32.65 -6.27
CA ALA B 390 -10.10 33.27 -5.40
C ALA B 390 -9.71 34.71 -5.17
N VAL B 391 -10.72 35.56 -4.98
CA VAL B 391 -10.53 36.96 -4.69
C VAL B 391 -11.22 37.25 -3.37
N TRP B 392 -10.47 37.80 -2.42
CA TRP B 392 -10.98 38.24 -1.13
C TRP B 392 -10.78 39.75 -1.00
N LYS B 393 -11.56 40.36 -0.12
CA LYS B 393 -11.43 41.77 0.21
C LYS B 393 -11.28 41.89 1.73
N CYS B 394 -10.31 42.69 2.16
CA CYS B 394 -9.99 42.80 3.58
C CYS B 394 -11.14 43.47 4.30
N ASN B 395 -11.87 42.69 5.11
CA ASN B 395 -12.98 43.24 5.88
C ASN B 395 -12.50 44.29 6.88
N LYS B 396 -11.40 44.01 7.57
CA LYS B 396 -10.87 44.91 8.59
C LYS B 396 -9.35 44.89 8.54
N THR B 397 -8.73 45.99 8.95
CA THR B 397 -7.28 46.04 9.04
C THR B 397 -6.78 44.97 10.01
N ILE B 398 -5.80 44.19 9.58
CA ILE B 398 -5.31 43.05 10.35
C ILE B 398 -4.10 43.48 11.16
N LYS B 399 -4.16 43.26 12.47
CA LYS B 399 -3.06 43.59 13.36
C LYS B 399 -2.07 42.42 13.43
N THR B 400 -0.80 42.77 13.54
CA THR B 400 0.22 41.74 13.73
C THR B 400 -0.02 40.99 15.04
N THR B 401 0.11 39.67 14.98
CA THR B 401 -0.18 38.80 16.11
C THR B 401 1.02 37.93 16.42
N THR B 402 0.97 37.24 17.55
CA THR B 402 2.05 36.35 17.98
C THR B 402 1.74 34.88 17.74
N ASP B 403 0.47 34.49 17.70
CA ASP B 403 0.09 33.11 17.44
C ASP B 403 -0.08 32.94 15.94
N ASN B 404 0.93 32.35 15.30
CA ASN B 404 0.93 32.22 13.84
C ASN B 404 2.12 31.39 13.38
N PRO B 405 2.12 30.91 12.14
CA PRO B 405 3.26 30.11 11.66
C PRO B 405 4.52 30.92 11.39
N TRP B 406 4.46 32.25 11.46
CA TRP B 406 5.62 33.09 11.20
C TRP B 406 6.10 33.81 12.45
N SER B 407 5.64 33.40 13.63
CA SER B 407 5.84 34.21 14.83
C SER B 407 7.32 34.49 15.09
N ASP B 408 8.21 33.59 14.69
CA ASP B 408 9.63 33.73 14.99
C ASP B 408 10.47 34.16 13.80
N CYS B 409 10.21 33.63 12.62
CA CYS B 409 11.05 33.88 11.46
C CYS B 409 10.63 35.10 10.66
N ILE B 410 9.52 35.74 11.00
CA ILE B 410 9.03 36.87 10.23
C ILE B 410 10.03 38.01 10.24
N ASP B 411 10.83 38.12 11.31
CA ASP B 411 11.78 39.22 11.42
C ASP B 411 12.86 39.13 10.36
N ARG B 412 13.40 37.93 10.13
CA ARG B 412 14.49 37.79 9.17
C ARG B 412 14.00 38.03 7.75
N TYR B 413 12.81 37.55 7.42
CA TYR B 413 12.31 37.65 6.06
C TYR B 413 11.99 39.11 5.72
N PRO B 414 12.09 39.49 4.44
CA PRO B 414 12.42 38.66 3.27
C PRO B 414 13.90 38.33 3.16
N VAL B 415 14.26 37.06 3.32
CA VAL B 415 15.64 36.63 3.16
C VAL B 415 16.02 36.71 1.69
N HIS B 416 17.30 36.60 1.39
CA HIS B 416 17.77 36.52 0.02
C HIS B 416 17.88 35.05 -0.37
N ILE B 417 16.96 34.59 -1.21
CA ILE B 417 16.97 33.21 -1.66
C ILE B 417 18.03 33.07 -2.75
N PRO B 418 19.05 32.26 -2.57
CA PRO B 418 20.11 32.16 -3.58
C PRO B 418 19.65 31.33 -4.78
N GLU B 419 20.35 31.54 -5.90
CA GLU B 419 20.04 30.77 -7.10
C GLU B 419 20.34 29.30 -6.90
N ILE B 420 21.46 28.99 -6.25
CA ILE B 420 21.87 27.62 -5.96
C ILE B 420 22.38 27.56 -4.54
N VAL B 421 21.99 26.52 -3.81
CA VAL B 421 22.43 26.31 -2.44
C VAL B 421 23.34 25.09 -2.41
N LYS B 422 24.13 25.01 -1.35
CA LYS B 422 25.06 23.89 -1.17
C LYS B 422 25.12 23.45 0.28
N GLY C 8 6.93 -18.04 -12.34
CA GLY C 8 6.00 -16.97 -12.06
C GLY C 8 4.62 -17.23 -12.62
N ILE C 9 4.23 -18.51 -12.63
CA ILE C 9 2.92 -18.88 -13.16
C ILE C 9 1.82 -18.15 -12.40
N LYS C 10 0.67 -17.99 -13.06
CA LYS C 10 -0.50 -17.36 -12.47
C LYS C 10 -1.68 -18.30 -12.59
N LEU C 11 -2.39 -18.52 -11.49
CA LEU C 11 -3.52 -19.44 -11.46
C LEU C 11 -4.82 -18.67 -11.26
N SER C 12 -5.79 -18.92 -12.13
CA SER C 12 -7.13 -18.34 -12.01
C SER C 12 -8.13 -19.45 -12.27
N SER C 13 -9.41 -19.11 -12.13
CA SER C 13 -10.49 -20.07 -12.37
C SER C 13 -11.43 -19.51 -13.44
N VAL C 14 -12.06 -20.43 -14.16
CA VAL C 14 -13.07 -20.09 -15.15
C VAL C 14 -14.32 -20.92 -14.87
N VAL C 15 -15.46 -20.26 -14.78
CA VAL C 15 -16.71 -20.93 -14.44
C VAL C 15 -17.67 -20.80 -15.62
N PRO C 16 -18.63 -21.72 -15.78
CA PRO C 16 -19.58 -21.60 -16.89
C PRO C 16 -20.38 -20.31 -16.80
N ALA C 17 -20.71 -19.75 -17.97
CA ALA C 17 -21.50 -18.53 -18.00
C ALA C 17 -22.89 -18.77 -17.41
N LYS C 18 -23.48 -19.92 -17.69
CA LYS C 18 -24.83 -20.26 -17.24
C LYS C 18 -24.73 -21.17 -16.03
N ALA C 19 -25.38 -20.77 -14.93
CA ALA C 19 -25.34 -21.57 -13.72
C ALA C 19 -26.02 -22.91 -13.95
N THR C 20 -25.41 -23.97 -13.40
CA THR C 20 -25.93 -25.32 -13.57
C THR C 20 -26.93 -25.72 -12.48
N GLY C 21 -26.97 -24.99 -11.37
CA GLY C 21 -27.91 -25.30 -10.31
C GLY C 21 -27.55 -26.49 -9.46
N ASN C 22 -26.28 -26.87 -9.41
CA ASN C 22 -25.83 -27.98 -8.56
C ASN C 22 -26.44 -29.31 -9.02
N GLN C 23 -26.29 -29.60 -10.30
CA GLN C 23 -26.72 -30.88 -10.84
C GLN C 23 -25.85 -32.01 -10.27
N ASP C 24 -26.17 -33.24 -10.67
CA ASP C 24 -25.41 -34.41 -10.28
C ASP C 24 -25.16 -35.28 -11.51
N TYR C 25 -23.92 -35.69 -11.69
CA TYR C 25 -23.53 -36.60 -12.76
C TYR C 25 -23.08 -37.92 -12.13
N GLU C 26 -23.83 -38.97 -12.40
CA GLU C 26 -23.47 -40.31 -11.93
C GLU C 26 -22.31 -40.85 -12.75
N LEU C 27 -21.34 -41.45 -12.07
CA LEU C 27 -20.16 -42.01 -12.72
C LEU C 27 -20.35 -43.51 -12.87
N LYS C 28 -20.46 -43.98 -14.11
CA LYS C 28 -20.62 -45.40 -14.35
C LYS C 28 -19.45 -46.17 -13.76
N ASN C 29 -19.64 -47.48 -13.58
CA ASN C 29 -18.59 -48.30 -12.99
C ASN C 29 -17.28 -48.17 -13.77
N ILE C 30 -17.37 -47.99 -15.09
CA ILE C 30 -16.15 -47.83 -15.88
C ILE C 30 -15.39 -46.58 -15.44
N ASP C 31 -16.10 -45.47 -15.24
CA ASP C 31 -15.44 -44.23 -14.86
C ASP C 31 -14.80 -44.34 -13.48
N LEU C 32 -15.53 -44.93 -12.52
CA LEU C 32 -14.98 -45.08 -11.19
C LEU C 32 -13.76 -45.99 -11.20
N ALA C 33 -13.81 -47.08 -11.97
CA ALA C 33 -12.68 -47.99 -12.06
C ALA C 33 -11.45 -47.28 -12.62
N MET C 34 -11.64 -46.44 -13.62
CA MET C 34 -10.55 -45.78 -14.33
C MET C 34 -10.37 -44.33 -13.88
N LYS C 35 -10.88 -43.98 -12.71
CA LYS C 35 -10.73 -42.63 -12.18
C LYS C 35 -9.30 -42.28 -11.84
N LEU C 36 -8.43 -43.28 -11.67
CA LEU C 36 -7.08 -43.04 -11.18
C LEU C 36 -6.17 -42.46 -12.25
N HIS C 37 -6.53 -42.57 -13.52
CA HIS C 37 -5.68 -42.12 -14.61
C HIS C 37 -5.95 -40.66 -14.95
N TYR C 38 -4.97 -40.04 -15.61
CA TYR C 38 -5.07 -38.65 -16.01
C TYR C 38 -4.45 -38.48 -17.39
N ILE C 39 -5.15 -37.79 -18.29
CA ILE C 39 -4.63 -37.50 -19.61
C ILE C 39 -3.95 -36.14 -19.56
N LYS C 40 -2.84 -36.01 -20.29
CA LYS C 40 -2.13 -34.74 -20.39
C LYS C 40 -1.81 -34.51 -21.86
N GLY C 41 -2.49 -33.55 -22.48
CA GLY C 41 -2.30 -33.26 -23.89
C GLY C 41 -1.75 -31.87 -24.12
N VAL C 42 -0.61 -31.77 -24.79
CA VAL C 42 0.06 -30.49 -25.01
C VAL C 42 0.10 -30.24 -26.52
N TYR C 43 -0.42 -29.10 -26.93
CA TYR C 43 -0.39 -28.66 -28.31
C TYR C 43 0.52 -27.44 -28.45
N PHE C 44 1.13 -27.29 -29.62
CA PHE C 44 2.06 -26.21 -29.90
C PHE C 44 1.56 -25.38 -31.07
N PHE C 45 1.72 -24.06 -30.97
CA PHE C 45 1.26 -23.14 -32.01
C PHE C 45 2.38 -22.14 -32.32
N ASN C 46 2.55 -21.85 -33.60
CA ASN C 46 3.66 -21.02 -34.07
C ASN C 46 3.35 -19.54 -33.88
N ARG C 47 4.28 -18.69 -34.34
CA ARG C 47 4.15 -17.25 -34.14
C ARG C 47 2.91 -16.71 -34.84
N GLU C 48 2.71 -17.08 -36.10
CA GLU C 48 1.61 -16.51 -36.87
C GLU C 48 0.25 -16.90 -36.31
N ALA C 49 0.16 -18.01 -35.58
CA ALA C 49 -1.10 -18.44 -35.01
C ALA C 49 -1.57 -17.57 -33.86
N VAL C 50 -0.74 -16.65 -33.38
CA VAL C 50 -1.03 -15.90 -32.17
C VAL C 50 -1.14 -14.42 -32.49
N ARG C 51 -0.02 -13.82 -32.91
CA ARG C 51 0.06 -12.40 -33.21
C ARG C 51 -0.66 -11.56 -32.15
N GLY C 52 -0.20 -11.72 -30.92
CA GLY C 52 -0.71 -10.92 -29.82
C GLY C 52 -2.09 -11.32 -29.35
N LEU C 53 -2.21 -12.52 -28.78
CA LEU C 53 -3.47 -12.98 -28.22
C LEU C 53 -3.51 -12.65 -26.73
N THR C 54 -4.45 -11.80 -26.34
CA THR C 54 -4.63 -11.47 -24.93
C THR C 54 -5.23 -12.64 -24.18
N ILE C 55 -4.81 -12.83 -22.93
CA ILE C 55 -5.32 -13.94 -22.14
C ILE C 55 -6.83 -13.83 -21.96
N PHE C 56 -7.35 -12.60 -21.86
CA PHE C 56 -8.79 -12.44 -21.78
C PHE C 56 -9.47 -12.97 -23.04
N ASP C 57 -8.89 -12.72 -24.21
CA ASP C 57 -9.44 -13.26 -25.44
C ASP C 57 -9.42 -14.78 -25.42
N LEU C 58 -8.34 -15.37 -24.92
CA LEU C 58 -8.26 -16.83 -24.84
C LEU C 58 -9.29 -17.39 -23.88
N LYS C 59 -9.51 -16.71 -22.74
CA LYS C 59 -10.42 -17.22 -21.74
C LYS C 59 -11.89 -17.00 -22.11
N ARG C 60 -12.18 -15.99 -22.92
CA ARG C 60 -13.57 -15.72 -23.29
C ARG C 60 -14.27 -16.93 -23.89
N PRO C 61 -13.70 -17.64 -24.86
CA PRO C 61 -14.42 -18.80 -25.41
C PRO C 61 -14.72 -19.86 -24.37
N MET C 62 -13.89 -19.99 -23.33
CA MET C 62 -14.12 -21.02 -22.32
C MET C 62 -15.46 -20.85 -21.61
N PHE C 63 -15.92 -19.61 -21.46
CA PHE C 63 -17.17 -19.39 -20.74
C PHE C 63 -18.34 -20.05 -21.44
N GLN C 64 -18.40 -19.94 -22.77
CA GLN C 64 -19.43 -20.64 -23.53
C GLN C 64 -19.09 -22.12 -23.69
N LEU C 65 -17.81 -22.46 -23.81
CA LEU C 65 -17.43 -23.85 -24.03
C LEU C 65 -17.83 -24.72 -22.83
N LEU C 66 -17.63 -24.22 -21.62
CA LEU C 66 -17.99 -24.98 -20.43
C LEU C 66 -19.48 -25.26 -20.34
N ASP C 67 -20.31 -24.49 -21.04
CA ASP C 67 -21.74 -24.75 -21.02
C ASP C 67 -22.05 -26.11 -21.63
N ILE C 68 -21.41 -26.45 -22.74
CA ILE C 68 -21.59 -27.77 -23.35
C ILE C 68 -20.71 -28.82 -22.70
N PHE C 69 -19.74 -28.42 -21.90
CA PHE C 69 -18.92 -29.34 -21.12
C PHE C 69 -19.09 -29.04 -19.64
N TYR C 70 -20.33 -28.90 -19.20
CA TYR C 70 -20.60 -28.47 -17.82
C TYR C 70 -19.99 -29.43 -16.81
N THR C 71 -20.00 -30.74 -17.08
CA THR C 71 -19.43 -31.69 -16.13
C THR C 71 -17.95 -31.42 -15.86
N ALA C 72 -17.27 -30.72 -16.77
CA ALA C 72 -15.86 -30.36 -16.60
C ALA C 72 -15.66 -29.19 -15.66
N SER C 73 -16.70 -28.76 -14.94
CA SER C 73 -16.57 -27.72 -13.93
C SER C 73 -16.99 -28.18 -12.54
N GLY C 74 -17.55 -29.38 -12.41
CA GLY C 74 -17.97 -29.89 -11.13
C GLY C 74 -16.82 -30.47 -10.33
N ARG C 75 -17.16 -30.93 -9.12
CA ARG C 75 -16.20 -31.51 -8.20
C ARG C 75 -16.70 -32.88 -7.75
N ILE C 76 -15.76 -33.78 -7.48
CA ILE C 76 -16.11 -35.09 -6.97
C ILE C 76 -16.77 -34.94 -5.61
N ARG C 77 -17.72 -35.82 -5.31
CA ARG C 77 -18.39 -35.81 -4.02
C ARG C 77 -18.93 -37.20 -3.74
N ARG C 78 -19.22 -37.46 -2.46
CA ARG C 78 -19.81 -38.73 -2.06
C ARG C 78 -21.20 -38.51 -1.49
N PRO C 79 -22.10 -39.48 -1.62
CA PRO C 79 -23.46 -39.30 -1.10
C PRO C 79 -23.48 -39.15 0.40
N GLU C 80 -24.45 -38.40 0.90
CA GLU C 80 -24.62 -38.20 2.34
C GLU C 80 -25.04 -39.49 3.04
N THR C 81 -25.41 -40.54 2.30
CA THR C 81 -25.81 -41.79 2.93
C THR C 81 -24.66 -42.37 3.75
N ALA C 82 -23.44 -42.32 3.22
CA ALA C 82 -22.28 -42.86 3.91
C ALA C 82 -21.04 -42.09 3.46
N GLY C 83 -19.97 -42.21 4.27
CA GLY C 83 -18.72 -41.57 3.98
C GLY C 83 -17.86 -42.26 2.94
N ALA C 84 -18.27 -43.43 2.47
CA ALA C 84 -17.57 -44.17 1.43
C ALA C 84 -18.53 -44.61 0.34
N GLY C 85 -19.42 -43.71 -0.07
CA GLY C 85 -20.42 -44.01 -1.06
C GLY C 85 -19.88 -43.90 -2.47
N ARG C 86 -20.80 -43.99 -3.43
CA ARG C 86 -20.44 -43.95 -4.84
C ARG C 86 -20.10 -42.52 -5.23
N PRO C 87 -18.87 -42.23 -5.66
CA PRO C 87 -18.53 -40.86 -6.06
C PRO C 87 -19.38 -40.40 -7.24
N PHE C 88 -19.67 -39.10 -7.27
CA PHE C 88 -20.41 -38.49 -8.36
C PHE C 88 -19.91 -37.06 -8.54
N ILE C 89 -20.13 -36.52 -9.73
CA ILE C 89 -19.65 -35.19 -10.08
C ILE C 89 -20.77 -34.20 -9.77
N LYS C 90 -20.59 -33.38 -8.73
CA LYS C 90 -21.53 -32.31 -8.42
C LYS C 90 -21.17 -31.09 -9.26
N CYS C 91 -22.15 -30.61 -10.03
CA CYS C 91 -21.93 -29.45 -10.90
C CYS C 91 -22.13 -28.16 -10.11
N ASN C 92 -21.27 -27.98 -9.10
CA ASN C 92 -21.29 -26.79 -8.27
C ASN C 92 -20.54 -25.62 -8.91
N ASP C 93 -20.18 -25.73 -10.19
CA ASP C 93 -19.58 -24.63 -10.93
C ASP C 93 -18.26 -24.20 -10.30
N GLY C 94 -17.46 -25.18 -9.89
CA GLY C 94 -16.14 -24.87 -9.37
C GLY C 94 -15.24 -24.27 -10.43
N GLY C 95 -15.38 -24.70 -11.67
CA GLY C 95 -14.65 -24.14 -12.79
C GLY C 95 -13.35 -24.86 -13.06
N VAL C 96 -12.83 -24.63 -14.26
CA VAL C 96 -11.53 -25.17 -14.65
C VAL C 96 -10.44 -24.21 -14.19
N ARG C 97 -9.24 -24.76 -14.02
CA ARG C 97 -8.10 -24.00 -13.49
C ARG C 97 -7.25 -23.54 -14.66
N ILE C 98 -7.19 -22.23 -14.87
CA ILE C 98 -6.45 -21.64 -15.98
C ILE C 98 -5.09 -21.19 -15.46
N VAL C 99 -4.04 -21.65 -16.12
CA VAL C 99 -2.66 -21.34 -15.76
C VAL C 99 -2.08 -20.45 -16.84
N GLU C 100 -1.43 -19.37 -16.44
CA GLU C 100 -0.74 -18.46 -17.35
C GLU C 100 0.75 -18.55 -17.05
N ALA C 101 1.54 -18.87 -18.08
CA ALA C 101 2.98 -19.02 -17.92
C ALA C 101 3.69 -18.31 -19.07
N PHE C 102 4.84 -17.73 -18.77
CA PHE C 102 5.66 -17.04 -19.74
C PHE C 102 7.05 -17.66 -19.75
N CYS C 103 7.55 -17.98 -20.94
CA CYS C 103 8.86 -18.60 -21.11
C CYS C 103 9.76 -17.56 -21.77
N ASP C 104 10.42 -16.74 -20.94
CA ASP C 104 11.31 -15.70 -21.41
C ASP C 104 12.75 -16.17 -21.55
N ASP C 105 12.96 -17.47 -21.69
CA ASP C 105 14.31 -18.03 -21.82
C ASP C 105 14.42 -18.95 -23.02
N GLN C 106 13.32 -19.62 -23.38
CA GLN C 106 13.32 -20.60 -24.46
C GLN C 106 12.21 -20.27 -25.46
N THR C 107 12.44 -20.65 -26.71
CA THR C 107 11.49 -20.43 -27.79
C THR C 107 10.66 -21.67 -28.05
N ILE C 108 9.68 -21.53 -28.95
CA ILE C 108 8.86 -22.67 -29.34
C ILE C 108 9.71 -23.73 -30.03
N ALA C 109 10.61 -23.31 -30.91
CA ALA C 109 11.47 -24.26 -31.61
C ALA C 109 12.40 -24.97 -30.62
N GLU C 110 12.93 -24.23 -29.65
CA GLU C 110 13.80 -24.85 -28.66
C GLU C 110 13.08 -25.93 -27.87
N TRP C 111 11.83 -25.68 -27.47
CA TRP C 111 11.05 -26.70 -26.80
C TRP C 111 10.76 -27.88 -27.72
N LEU C 112 10.47 -27.60 -29.00
CA LEU C 112 10.23 -28.68 -29.94
C LEU C 112 11.44 -29.59 -30.07
N ALA C 113 12.64 -29.01 -30.11
CA ALA C 113 13.87 -29.79 -30.15
C ALA C 113 14.27 -30.31 -28.77
N MET C 114 13.68 -29.78 -27.70
CA MET C 114 14.01 -30.24 -26.36
C MET C 114 13.66 -31.72 -26.20
N ASP C 115 14.53 -32.46 -25.54
CA ASP C 115 14.44 -33.91 -25.50
C ASP C 115 13.61 -34.36 -24.29
N HIS C 116 13.71 -35.64 -23.93
CA HIS C 116 12.85 -36.28 -22.94
C HIS C 116 13.26 -35.89 -21.52
N GLU C 117 12.82 -36.67 -20.52
CA GLU C 117 12.92 -36.31 -19.12
C GLU C 117 12.01 -35.14 -18.76
N SER C 118 10.69 -35.35 -18.88
CA SER C 118 9.69 -34.41 -18.40
C SER C 118 9.63 -33.15 -19.25
N ARG C 119 9.68 -33.33 -20.57
CA ARG C 119 9.54 -32.20 -21.49
C ARG C 119 8.18 -31.54 -21.35
N ASP C 120 7.12 -32.34 -21.27
CA ASP C 120 5.76 -31.83 -21.31
C ASP C 120 5.13 -31.66 -19.93
N ASP C 121 5.74 -32.21 -18.87
CA ASP C 121 5.22 -31.98 -17.54
C ASP C 121 5.26 -30.50 -17.18
N CYS C 122 6.37 -29.83 -17.50
CA CYS C 122 6.46 -28.39 -17.29
C CYS C 122 5.49 -27.61 -18.16
N LEU C 123 5.02 -28.20 -19.26
CA LEU C 123 4.17 -27.52 -20.21
C LEU C 123 2.69 -27.71 -19.96
N ALA C 124 2.31 -28.54 -18.99
CA ALA C 124 0.90 -28.80 -18.68
C ALA C 124 0.75 -29.02 -17.19
N TYR C 125 0.29 -27.99 -16.48
CA TYR C 125 0.05 -28.11 -15.06
C TYR C 125 -1.02 -29.17 -14.79
N GLY C 126 -0.88 -29.87 -13.67
CA GLY C 126 -1.87 -30.85 -13.28
C GLY C 126 -1.74 -31.18 -11.82
N SER C 127 -2.76 -31.86 -11.31
CA SER C 127 -2.78 -32.28 -9.92
C SER C 127 -3.72 -33.47 -9.77
N GLU C 128 -3.47 -34.28 -8.75
CA GLU C 128 -4.31 -35.43 -8.49
C GLU C 128 -5.59 -35.00 -7.80
N LEU C 129 -6.65 -35.77 -8.01
CA LEU C 129 -7.95 -35.49 -7.40
C LEU C 129 -7.90 -35.95 -5.95
N GLY C 130 -7.29 -35.11 -5.11
CA GLY C 130 -7.18 -35.40 -3.70
C GLY C 130 -5.94 -34.78 -3.09
N PRO C 131 -5.76 -34.98 -1.78
CA PRO C 131 -6.63 -35.72 -0.86
C PRO C 131 -7.91 -34.96 -0.56
N ASP C 132 -8.04 -33.73 -1.02
CA ASP C 132 -9.25 -32.93 -0.84
C ASP C 132 -10.07 -33.02 -2.12
N LEU C 133 -10.92 -34.04 -2.20
CA LEU C 133 -11.72 -34.25 -3.40
C LEU C 133 -12.69 -33.09 -3.63
N ALA C 134 -13.24 -32.55 -2.54
CA ALA C 134 -14.29 -31.53 -2.68
C ALA C 134 -13.78 -30.26 -3.36
N PHE C 135 -12.47 -30.06 -3.44
CA PHE C 135 -11.90 -28.86 -4.03
C PHE C 135 -10.72 -29.20 -4.92
N SER C 136 -10.87 -30.23 -5.74
CA SER C 136 -9.83 -30.64 -6.68
C SER C 136 -10.29 -30.34 -8.10
N PRO C 137 -9.71 -29.38 -8.81
CA PRO C 137 -10.13 -29.14 -10.19
C PRO C 137 -9.96 -30.37 -11.06
N LEU C 138 -10.92 -30.60 -11.95
CA LEU C 138 -10.85 -31.74 -12.86
C LEU C 138 -10.10 -31.41 -14.13
N VAL C 139 -10.04 -30.14 -14.52
CA VAL C 139 -9.43 -29.73 -15.78
C VAL C 139 -8.51 -28.54 -15.53
N PHE C 140 -7.25 -28.68 -15.93
CA PHE C 140 -6.29 -27.57 -15.92
C PHE C 140 -5.94 -27.23 -17.35
N VAL C 141 -6.11 -25.96 -17.72
CA VAL C 141 -5.74 -25.47 -19.04
C VAL C 141 -4.65 -24.43 -18.86
N GLN C 142 -3.47 -24.70 -19.40
CA GLN C 142 -2.29 -23.85 -19.22
C GLN C 142 -1.89 -23.24 -20.55
N PHE C 143 -1.76 -21.93 -20.58
CA PHE C 143 -1.27 -21.19 -21.74
C PHE C 143 0.15 -20.76 -21.44
N THR C 144 1.11 -21.34 -22.16
CA THR C 144 2.52 -21.00 -22.04
C THR C 144 2.90 -20.15 -23.26
N SER C 145 3.15 -18.87 -23.04
CA SER C 145 3.56 -17.95 -24.09
C SER C 145 5.09 -17.90 -24.11
N PHE C 146 5.67 -18.29 -25.23
CA PHE C 146 7.11 -18.33 -25.37
C PHE C 146 7.64 -16.99 -25.87
N LYS C 147 8.92 -16.74 -25.59
CA LYS C 147 9.53 -15.48 -25.98
C LYS C 147 9.51 -15.31 -27.50
N CYS C 148 9.61 -16.42 -28.24
CA CYS C 148 9.53 -16.33 -29.70
C CYS C 148 8.18 -15.79 -30.13
N GLY C 149 7.09 -16.28 -29.54
CA GLY C 149 5.76 -15.81 -29.88
C GLY C 149 4.73 -16.93 -29.94
N GLY C 150 5.17 -18.14 -30.24
CA GLY C 150 4.27 -19.27 -30.25
C GLY C 150 3.80 -19.63 -28.85
N MET C 151 2.70 -20.37 -28.78
CA MET C 151 2.13 -20.78 -27.51
C MET C 151 2.15 -22.30 -27.38
N SER C 152 1.99 -22.74 -26.14
CA SER C 152 1.75 -24.14 -25.83
C SER C 152 0.50 -24.23 -24.95
N LEU C 153 -0.47 -25.03 -25.40
CA LEU C 153 -1.70 -25.27 -24.67
C LEU C 153 -1.59 -26.62 -24.00
N GLY C 154 -1.52 -26.63 -22.67
CA GLY C 154 -1.44 -27.87 -21.93
C GLY C 154 -2.74 -28.18 -21.21
N LEU C 155 -3.34 -29.32 -21.50
CA LEU C 155 -4.62 -29.72 -20.93
C LEU C 155 -4.38 -30.93 -20.05
N SER C 156 -4.56 -30.75 -18.74
CA SER C 156 -4.55 -31.85 -17.78
C SER C 156 -6.00 -32.21 -17.47
N TRP C 157 -6.39 -33.43 -17.80
CA TRP C 157 -7.78 -33.86 -17.86
C TRP C 157 -7.94 -35.12 -17.03
N ALA C 158 -8.68 -35.03 -15.93
CA ALA C 158 -8.95 -36.21 -15.14
C ALA C 158 -9.63 -37.27 -15.99
N HIS C 159 -9.10 -38.48 -15.98
CA HIS C 159 -9.67 -39.54 -16.80
C HIS C 159 -11.06 -39.94 -16.34
N VAL C 160 -11.39 -39.71 -15.07
CA VAL C 160 -12.76 -39.93 -14.60
C VAL C 160 -13.72 -39.07 -15.40
N LEU C 161 -13.28 -37.89 -15.82
CA LEU C 161 -14.13 -37.00 -16.60
C LEU C 161 -14.42 -37.60 -17.99
N GLY C 162 -13.39 -38.12 -18.65
CA GLY C 162 -13.58 -38.68 -19.98
C GLY C 162 -12.29 -39.28 -20.48
N ASP C 163 -12.40 -39.93 -21.63
CA ASP C 163 -11.26 -40.57 -22.29
C ASP C 163 -10.44 -39.53 -23.05
N PRO C 164 -9.26 -39.90 -23.54
CA PRO C 164 -8.44 -38.92 -24.27
C PRO C 164 -9.17 -38.26 -25.43
N PHE C 165 -10.03 -39.02 -26.11
CA PHE C 165 -10.77 -38.43 -27.22
C PHE C 165 -11.76 -37.38 -26.74
N SER C 166 -12.26 -37.53 -25.51
CA SER C 166 -13.12 -36.49 -24.93
C SER C 166 -12.35 -35.19 -24.73
N ALA C 167 -11.10 -35.28 -24.24
CA ALA C 167 -10.27 -34.09 -24.13
C ALA C 167 -9.98 -33.51 -25.51
N SER C 168 -9.74 -34.39 -26.50
CA SER C 168 -9.54 -33.92 -27.86
C SER C 168 -10.74 -33.12 -28.34
N ALA C 169 -11.95 -33.64 -28.10
CA ALA C 169 -13.16 -32.93 -28.49
C ALA C 169 -13.31 -31.63 -27.73
N PHE C 170 -12.95 -31.62 -26.45
CA PHE C 170 -12.99 -30.40 -25.66
C PHE C 170 -12.14 -29.31 -26.30
N VAL C 171 -10.88 -29.62 -26.59
CA VAL C 171 -10.01 -28.61 -27.19
C VAL C 171 -10.46 -28.29 -28.61
N SER C 172 -11.03 -29.26 -29.32
CA SER C 172 -11.53 -28.99 -30.66
C SER C 172 -12.64 -27.97 -30.63
N MET C 173 -13.62 -28.15 -29.76
CA MET C 173 -14.71 -27.19 -29.66
C MET C 173 -14.22 -25.86 -29.11
N TRP C 174 -13.21 -25.89 -28.23
CA TRP C 174 -12.58 -24.64 -27.81
C TRP C 174 -12.04 -23.86 -29.01
N ALA C 175 -11.29 -24.54 -29.88
CA ALA C 175 -10.74 -23.89 -31.05
C ALA C 175 -11.85 -23.39 -31.98
N GLN C 176 -12.88 -24.22 -32.18
CA GLN C 176 -13.97 -23.82 -33.06
C GLN C 176 -14.66 -22.56 -32.56
N ILE C 177 -15.01 -22.54 -31.26
CA ILE C 177 -15.70 -21.37 -30.72
C ILE C 177 -14.76 -20.17 -30.68
N MET C 178 -13.46 -20.40 -30.53
CA MET C 178 -12.51 -19.30 -30.66
C MET C 178 -12.56 -18.71 -32.07
N ALA C 179 -12.67 -19.57 -33.08
CA ALA C 179 -12.83 -19.10 -34.45
C ALA C 179 -14.17 -18.43 -34.70
N GLY C 180 -15.11 -18.56 -33.78
CA GLY C 180 -16.43 -17.94 -33.90
C GLY C 180 -17.56 -18.90 -34.12
N ARG C 181 -17.27 -20.18 -34.40
CA ARG C 181 -18.34 -21.13 -34.66
C ARG C 181 -19.22 -21.30 -33.43
N VAL C 182 -20.53 -21.38 -33.68
CA VAL C 182 -21.49 -21.57 -32.58
C VAL C 182 -21.31 -22.97 -32.00
N PRO C 183 -21.25 -23.13 -30.66
CA PRO C 183 -21.14 -24.49 -30.11
C PRO C 183 -22.43 -25.30 -30.25
N GLY C 209 -7.22 -65.04 -14.64
CA GLY C 209 -6.76 -64.19 -13.56
C GLY C 209 -5.83 -63.08 -14.04
N ASN C 210 -4.71 -63.48 -14.63
CA ASN C 210 -3.74 -62.52 -15.15
C ASN C 210 -4.10 -61.99 -16.54
N LEU C 211 -5.14 -62.54 -17.17
CA LEU C 211 -5.54 -62.11 -18.50
C LEU C 211 -6.48 -60.92 -18.50
N TYR C 212 -6.95 -60.48 -17.34
CA TYR C 212 -7.89 -59.37 -17.27
C TYR C 212 -7.12 -58.05 -17.32
N PRO C 213 -7.35 -57.20 -18.33
CA PRO C 213 -6.59 -55.95 -18.40
C PRO C 213 -6.83 -55.00 -17.24
N ILE C 214 -7.95 -55.14 -16.53
CA ILE C 214 -8.27 -54.30 -15.39
C ILE C 214 -7.91 -55.06 -14.13
N LYS C 215 -7.07 -54.45 -13.28
CA LYS C 215 -6.55 -55.08 -12.09
C LYS C 215 -7.04 -54.33 -10.86
N ARG C 216 -7.54 -55.09 -9.88
CA ARG C 216 -7.91 -54.50 -8.60
C ARG C 216 -6.65 -54.15 -7.81
N VAL C 217 -6.69 -53.00 -7.14
CA VAL C 217 -5.53 -52.48 -6.42
C VAL C 217 -5.97 -52.03 -5.04
N ASP C 218 -4.99 -51.83 -4.17
CA ASP C 218 -5.28 -51.41 -2.80
C ASP C 218 -6.00 -50.07 -2.81
N PRO C 219 -7.07 -49.89 -2.03
CA PRO C 219 -7.77 -48.61 -2.03
C PRO C 219 -6.85 -47.46 -1.62
N VAL C 220 -7.08 -46.31 -2.25
CA VAL C 220 -6.31 -45.10 -1.98
C VAL C 220 -7.12 -44.07 -1.20
N GLY C 221 -8.24 -44.49 -0.60
CA GLY C 221 -9.05 -43.56 0.16
C GLY C 221 -9.56 -42.42 -0.70
N ASP C 222 -9.43 -41.20 -0.20
CA ASP C 222 -9.90 -40.02 -0.90
C ASP C 222 -8.81 -39.33 -1.70
N HIS C 223 -7.61 -39.89 -1.77
CA HIS C 223 -6.51 -39.35 -2.55
C HIS C 223 -6.30 -40.26 -3.75
N TRP C 224 -6.71 -39.79 -4.92
CA TRP C 224 -6.68 -40.59 -6.14
C TRP C 224 -5.32 -40.45 -6.80
N GLN C 225 -4.39 -41.31 -6.40
CA GLN C 225 -3.07 -41.35 -7.02
C GLN C 225 -2.46 -42.73 -6.77
N PHE C 226 -1.63 -43.17 -7.72
CA PHE C 226 -0.99 -44.47 -7.62
C PHE C 226 0.50 -44.30 -7.37
N PRO C 227 1.01 -44.65 -6.18
CA PRO C 227 2.46 -44.62 -5.99
C PRO C 227 3.15 -45.64 -6.89
N ASN C 228 4.37 -45.31 -7.28
CA ASN C 228 5.17 -46.16 -8.17
C ASN C 228 6.11 -47.03 -7.34
N ASN C 229 5.96 -48.34 -7.46
CA ASN C 229 6.81 -49.27 -6.72
C ASN C 229 8.18 -49.44 -7.34
N CYS C 230 8.37 -49.01 -8.59
CA CYS C 230 9.65 -49.13 -9.28
C CYS C 230 10.06 -47.79 -9.86
N ASN C 231 11.15 -47.79 -10.64
CA ASN C 231 11.62 -46.57 -11.32
C ASN C 231 10.79 -46.37 -12.58
N MET C 232 9.62 -45.76 -12.39
CA MET C 232 8.64 -45.62 -13.46
C MET C 232 8.97 -44.36 -14.25
N LYS C 233 9.40 -44.52 -15.50
CA LYS C 233 9.86 -43.39 -16.32
C LYS C 233 9.25 -43.47 -17.70
N THR C 234 9.13 -42.30 -18.34
CA THR C 234 8.52 -42.17 -19.65
C THR C 234 9.52 -41.61 -20.66
N HIS C 235 9.29 -41.94 -21.93
CA HIS C 235 10.11 -41.44 -23.03
C HIS C 235 9.23 -41.27 -24.26
N THR C 236 9.40 -40.16 -24.97
CA THR C 236 8.62 -39.83 -26.15
C THR C 236 9.54 -39.72 -27.36
N PHE C 237 9.10 -40.28 -28.48
CA PHE C 237 9.89 -40.24 -29.70
C PHE C 237 8.96 -40.27 -30.91
N GLN C 238 9.45 -39.74 -32.03
CA GLN C 238 8.66 -39.62 -33.24
C GLN C 238 9.32 -40.37 -34.39
N PHE C 239 8.49 -40.95 -35.25
CA PHE C 239 8.93 -41.68 -36.43
C PHE C 239 8.46 -40.93 -37.67
N THR C 240 9.39 -40.63 -38.57
CA THR C 240 9.08 -39.95 -39.81
C THR C 240 8.44 -40.93 -40.79
N LYS C 241 7.71 -40.38 -41.77
CA LYS C 241 6.99 -41.21 -42.73
C LYS C 241 7.93 -42.17 -43.45
N LYS C 242 9.17 -41.73 -43.71
CA LYS C 242 10.12 -42.59 -44.41
C LYS C 242 10.42 -43.84 -43.61
N GLN C 243 10.79 -43.68 -42.34
CA GLN C 243 11.09 -44.85 -41.51
C GLN C 243 9.85 -45.70 -41.30
N LEU C 244 8.67 -45.09 -41.23
CA LEU C 244 7.45 -45.86 -41.11
C LEU C 244 7.24 -46.73 -42.34
N ASP C 245 7.48 -46.18 -43.54
CA ASP C 245 7.37 -46.98 -44.75
C ASP C 245 8.41 -48.10 -44.77
N GLN C 246 9.64 -47.81 -44.33
CA GLN C 246 10.65 -48.85 -44.30
C GLN C 246 10.25 -49.99 -43.37
N MET C 247 9.74 -49.66 -42.18
CA MET C 247 9.34 -50.70 -41.23
C MET C 247 8.12 -51.46 -41.74
N ALA C 248 7.18 -50.77 -42.39
CA ALA C 248 6.04 -51.47 -42.98
C ALA C 248 6.48 -52.45 -44.05
N SER C 249 7.44 -52.04 -44.88
CA SER C 249 8.01 -52.97 -45.87
C SER C 249 8.68 -54.15 -45.18
N ASN C 250 9.40 -53.89 -44.09
CA ASN C 250 9.99 -54.98 -43.31
C ASN C 250 8.93 -55.92 -42.78
N LEU C 251 7.74 -55.41 -42.47
CA LEU C 251 6.66 -56.21 -41.92
C LEU C 251 5.63 -56.53 -43.00
N SER C 263 -0.14 -50.83 -41.95
CA SER C 263 -0.55 -49.67 -41.16
C SER C 263 0.47 -49.38 -40.06
N HIS C 264 0.51 -48.11 -39.62
CA HIS C 264 1.46 -47.72 -38.58
C HIS C 264 1.18 -48.44 -37.27
N PHE C 265 -0.08 -48.74 -36.98
CA PHE C 265 -0.42 -49.40 -35.72
C PHE C 265 0.25 -50.77 -35.63
N GLU C 266 0.06 -51.61 -36.65
CA GLU C 266 0.66 -52.94 -36.63
C GLU C 266 2.18 -52.86 -36.62
N VAL C 267 2.74 -51.96 -37.42
CA VAL C 267 4.20 -51.85 -37.50
C VAL C 267 4.77 -51.49 -36.14
N ILE C 268 4.19 -50.48 -35.49
CA ILE C 268 4.68 -50.03 -34.20
C ILE C 268 4.51 -51.13 -33.15
N SER C 269 3.35 -51.79 -33.14
CA SER C 269 3.12 -52.85 -32.17
C SER C 269 4.16 -53.95 -32.32
N ALA C 270 4.35 -54.44 -33.55
CA ALA C 270 5.31 -55.51 -33.78
C ALA C 270 6.72 -55.07 -33.42
N THR C 271 7.11 -53.86 -33.82
CA THR C 271 8.46 -53.39 -33.52
C THR C 271 8.71 -53.34 -32.02
N ILE C 272 7.79 -52.72 -31.28
CA ILE C 272 7.99 -52.57 -29.84
C ILE C 272 7.99 -53.93 -29.16
N TRP C 273 7.04 -54.80 -29.53
CA TRP C 273 6.96 -56.11 -28.88
C TRP C 273 8.22 -56.93 -29.15
N LYS C 274 8.70 -56.93 -30.40
CA LYS C 274 9.90 -57.68 -30.72
C LYS C 274 11.13 -57.10 -30.02
N LEU C 275 11.23 -55.77 -29.95
CA LEU C 275 12.37 -55.16 -29.29
C LEU C 275 12.38 -55.49 -27.81
N LEU C 276 11.23 -55.43 -27.14
CA LEU C 276 11.17 -55.75 -25.73
C LEU C 276 11.42 -57.23 -25.48
N ALA C 277 10.88 -58.09 -26.34
CA ALA C 277 11.06 -59.53 -26.16
C ALA C 277 12.52 -59.93 -26.36
N LYS C 278 13.21 -59.28 -27.28
CA LYS C 278 14.61 -59.61 -27.59
C LYS C 278 15.55 -58.92 -26.61
N VAL C 287 0.57 -60.17 -21.21
CA VAL C 287 -0.59 -59.66 -21.94
C VAL C 287 -0.35 -58.23 -22.38
N VAL C 288 -0.73 -57.92 -23.62
CA VAL C 288 -0.44 -56.64 -24.24
C VAL C 288 -1.73 -55.96 -24.67
N THR C 289 -2.80 -56.19 -23.91
CA THR C 289 -4.13 -55.67 -24.25
C THR C 289 -4.05 -54.29 -24.87
N ILE C 290 -4.75 -54.11 -25.99
CA ILE C 290 -4.68 -52.89 -26.79
C ILE C 290 -5.95 -52.09 -26.56
N CYS C 291 -5.79 -50.78 -26.35
CA CYS C 291 -6.89 -49.87 -26.14
C CYS C 291 -7.12 -49.04 -27.40
N ARG C 292 -8.37 -49.01 -27.87
CA ARG C 292 -8.71 -48.32 -29.10
C ARG C 292 -10.01 -47.54 -28.91
N TYR C 293 -10.20 -46.55 -29.78
CA TYR C 293 -11.43 -45.75 -29.74
C TYR C 293 -12.59 -46.55 -30.33
N ASN C 294 -13.81 -46.10 -30.00
CA ASN C 294 -15.00 -46.80 -30.47
C ASN C 294 -15.08 -46.82 -31.99
N GLY C 295 -14.78 -45.69 -32.63
CA GLY C 295 -14.80 -45.59 -34.08
C GLY C 295 -15.87 -44.67 -34.64
N GLN C 296 -16.63 -44.00 -33.79
CA GLN C 296 -17.64 -43.05 -34.26
C GLN C 296 -17.84 -41.97 -33.21
N ARG C 297 -18.02 -40.73 -33.68
CA ARG C 297 -18.18 -39.60 -32.78
C ARG C 297 -18.55 -38.37 -33.59
N GLU C 298 -19.32 -37.48 -32.97
CA GLU C 298 -19.64 -36.19 -33.56
C GLU C 298 -19.98 -35.22 -32.43
N ASN C 299 -19.04 -34.35 -32.08
CA ASN C 299 -19.25 -33.37 -31.01
C ASN C 299 -19.67 -34.06 -29.71
N GLU C 300 -19.03 -35.19 -29.41
CA GLU C 300 -19.34 -35.93 -28.20
C GLU C 300 -18.95 -35.13 -26.96
N THR C 301 -19.74 -35.26 -25.92
CA THR C 301 -19.45 -34.61 -24.65
C THR C 301 -18.49 -35.47 -23.83
N ALA C 302 -18.22 -35.03 -22.59
CA ALA C 302 -17.32 -35.77 -21.72
C ALA C 302 -17.88 -37.15 -21.42
N SER C 303 -17.25 -38.19 -21.96
CA SER C 303 -17.70 -39.56 -21.77
C SER C 303 -16.51 -40.48 -21.95
N ASN C 304 -16.77 -41.78 -22.00
CA ASN C 304 -15.73 -42.80 -22.17
C ASN C 304 -16.28 -43.90 -23.06
N ASP C 305 -15.63 -44.14 -24.19
CA ASP C 305 -16.05 -45.14 -25.17
C ASP C 305 -14.86 -45.94 -25.67
N MET C 306 -13.90 -46.22 -24.78
CA MET C 306 -12.74 -47.01 -25.15
C MET C 306 -13.10 -48.49 -25.22
N VAL C 307 -12.31 -49.22 -26.00
CA VAL C 307 -12.51 -50.65 -26.22
C VAL C 307 -11.18 -51.36 -26.04
N LEU C 308 -11.22 -52.52 -25.40
CA LEU C 308 -10.02 -53.31 -25.11
C LEU C 308 -10.02 -54.56 -25.98
N SER C 309 -8.84 -54.92 -26.47
CA SER C 309 -8.67 -56.10 -27.30
C SER C 309 -7.50 -56.95 -26.80
N LYS C 334 -8.15 -59.91 -27.47
CA LYS C 334 -9.04 -60.48 -26.46
C LYS C 334 -9.92 -59.40 -25.84
N ASP C 335 -11.18 -59.33 -26.31
CA ASP C 335 -12.13 -58.34 -25.82
C ASP C 335 -12.77 -58.87 -24.54
N VAL C 336 -12.16 -58.52 -23.41
CA VAL C 336 -12.68 -58.96 -22.11
C VAL C 336 -13.90 -58.12 -21.76
N ASP C 337 -14.97 -58.78 -21.32
CA ASP C 337 -16.19 -58.08 -20.97
C ASP C 337 -15.93 -57.12 -19.81
N GLU C 338 -16.60 -55.96 -19.87
CA GLU C 338 -16.44 -54.94 -18.84
C GLU C 338 -17.07 -55.34 -17.51
N LYS C 339 -17.85 -56.41 -17.48
CA LYS C 339 -18.51 -56.85 -16.24
C LYS C 339 -17.59 -57.80 -15.46
N VAL C 340 -16.41 -57.29 -15.15
CA VAL C 340 -15.40 -58.05 -14.41
C VAL C 340 -14.92 -57.23 -13.22
N LEU C 341 -15.76 -56.30 -12.75
CA LEU C 341 -15.38 -55.42 -11.67
C LEU C 341 -16.62 -54.99 -10.89
N SER C 342 -16.37 -54.44 -9.70
CA SER C 342 -17.43 -53.96 -8.83
C SER C 342 -17.00 -52.60 -8.27
N GLU C 343 -17.69 -52.12 -7.24
CA GLU C 343 -17.35 -50.88 -6.57
C GLU C 343 -16.64 -51.13 -5.24
N SER C 344 -16.26 -52.37 -4.95
CA SER C 344 -15.67 -52.68 -3.66
C SER C 344 -14.33 -51.97 -3.46
N SER C 345 -13.49 -51.94 -4.50
CA SER C 345 -12.16 -51.38 -4.38
C SER C 345 -11.86 -50.59 -5.65
N ASP C 346 -10.60 -50.15 -5.78
CA ASP C 346 -10.14 -49.37 -6.92
C ASP C 346 -9.50 -50.28 -7.97
N PHE C 347 -9.49 -49.79 -9.21
CA PHE C 347 -9.03 -50.56 -10.35
C PHE C 347 -8.07 -49.73 -11.18
N ILE C 348 -7.23 -50.44 -11.94
CA ILE C 348 -6.28 -49.82 -12.85
C ILE C 348 -6.36 -50.55 -14.19
N MET C 349 -6.41 -49.79 -15.28
CA MET C 349 -6.43 -50.33 -16.63
C MET C 349 -5.16 -50.01 -17.40
N TYR C 350 -4.81 -48.73 -17.52
CA TYR C 350 -3.62 -48.35 -18.26
C TYR C 350 -2.38 -48.84 -17.53
N GLY C 351 -1.52 -49.57 -18.26
CA GLY C 351 -0.29 -50.07 -17.72
C GLY C 351 -0.42 -51.31 -16.86
N ALA C 352 -1.63 -51.83 -16.70
CA ALA C 352 -1.81 -53.06 -15.92
C ALA C 352 -1.08 -54.23 -16.57
N ASN C 353 -1.32 -54.44 -17.87
CA ASN C 353 -0.61 -55.48 -18.64
C ASN C 353 -0.20 -54.87 -19.99
N LEU C 354 0.97 -54.23 -20.01
CA LEU C 354 1.60 -53.74 -21.23
C LEU C 354 0.56 -53.20 -22.22
N THR C 355 -0.18 -52.19 -21.77
CA THR C 355 -1.20 -51.58 -22.61
C THR C 355 -0.58 -50.92 -23.83
N PHE C 356 -1.29 -51.00 -24.94
CA PHE C 356 -0.81 -50.45 -26.21
C PHE C 356 -1.79 -49.41 -26.74
N VAL C 357 -2.21 -48.47 -25.88
CA VAL C 357 -3.15 -47.44 -26.28
C VAL C 357 -2.73 -46.85 -27.62
N ASP C 358 -3.68 -46.80 -28.55
CA ASP C 358 -3.42 -46.27 -29.89
C ASP C 358 -4.62 -45.45 -30.32
N MET C 359 -4.41 -44.15 -30.54
CA MET C 359 -5.47 -43.26 -30.99
C MET C 359 -5.60 -43.23 -32.50
N GLU C 360 -4.52 -43.49 -33.23
CA GLU C 360 -4.54 -43.45 -34.69
C GLU C 360 -5.12 -42.13 -35.18
N GLU C 361 -6.25 -42.17 -35.86
CA GLU C 361 -6.87 -40.95 -36.37
C GLU C 361 -7.39 -40.09 -35.23
N ALA C 362 -7.30 -38.78 -35.41
CA ALA C 362 -7.82 -37.82 -34.44
C ALA C 362 -7.72 -36.43 -35.04
N ASP C 363 -8.64 -35.55 -34.65
CA ASP C 363 -8.65 -34.18 -35.14
C ASP C 363 -7.64 -33.29 -34.43
N VAL C 364 -6.67 -33.88 -33.73
CA VAL C 364 -5.69 -33.08 -32.99
C VAL C 364 -4.95 -32.14 -33.93
N TYR C 365 -4.49 -32.65 -35.07
CA TYR C 365 -3.81 -31.82 -36.05
C TYR C 365 -4.77 -31.13 -37.03
N GLY C 366 -6.05 -31.52 -37.03
CA GLY C 366 -7.00 -30.90 -37.93
C GLY C 366 -7.53 -29.57 -37.46
N LEU C 367 -7.32 -29.23 -36.19
CA LEU C 367 -7.81 -27.96 -35.65
C LEU C 367 -6.96 -26.81 -36.18
N LYS C 368 -7.57 -25.64 -36.20
CA LYS C 368 -6.91 -24.42 -36.64
C LYS C 368 -7.15 -23.31 -35.63
N LEU C 369 -6.10 -22.54 -35.35
CA LEU C 369 -6.17 -21.38 -34.47
C LEU C 369 -5.65 -20.19 -35.28
N GLN C 370 -6.55 -19.27 -35.61
CA GLN C 370 -6.24 -18.16 -36.52
C GLN C 370 -5.77 -18.68 -37.88
N GLY C 371 -6.26 -19.86 -38.26
CA GLY C 371 -5.93 -20.46 -39.54
C GLY C 371 -4.64 -21.25 -39.57
N GLN C 372 -3.92 -21.34 -38.45
CA GLN C 372 -2.65 -22.04 -38.39
C GLN C 372 -2.83 -23.37 -37.66
N LYS C 373 -2.42 -24.46 -38.32
CA LYS C 373 -2.54 -25.77 -37.71
C LYS C 373 -1.49 -25.94 -36.61
N PRO C 374 -1.77 -26.79 -35.61
CA PRO C 374 -0.78 -27.01 -34.56
C PRO C 374 0.48 -27.66 -35.10
N VAL C 375 1.63 -27.19 -34.61
CA VAL C 375 2.91 -27.75 -35.04
C VAL C 375 3.08 -29.18 -34.52
N ASP C 376 2.80 -29.38 -33.24
CA ASP C 376 3.06 -30.67 -32.60
C ASP C 376 2.06 -30.84 -31.47
N VAL C 377 1.59 -32.07 -31.29
CA VAL C 377 0.73 -32.44 -30.17
C VAL C 377 1.30 -33.70 -29.53
N ASN C 378 1.30 -33.74 -28.21
CA ASN C 378 1.80 -34.91 -27.47
C ASN C 378 0.84 -35.25 -26.34
N TYR C 379 0.55 -36.54 -26.20
CA TYR C 379 -0.33 -37.05 -25.15
C TYR C 379 0.45 -37.93 -24.19
N SER C 380 0.10 -37.84 -22.91
CA SER C 380 0.72 -38.65 -21.87
C SER C 380 -0.36 -39.13 -20.91
N ILE C 381 -0.09 -40.26 -20.26
CA ILE C 381 -0.99 -40.86 -19.29
C ILE C 381 -0.28 -40.92 -17.95
N ASN C 382 -0.95 -40.41 -16.91
CA ASN C 382 -0.44 -40.45 -15.55
C ASN C 382 -1.29 -41.40 -14.72
N GLY C 383 -0.64 -42.14 -13.84
CA GLY C 383 -1.31 -43.21 -13.11
C GLY C 383 -1.11 -44.53 -13.82
N VAL C 384 0.04 -44.70 -14.45
CA VAL C 384 0.34 -45.89 -15.23
C VAL C 384 0.60 -47.06 -14.31
N GLY C 385 0.21 -48.25 -14.76
CA GLY C 385 0.41 -49.45 -13.98
C GLY C 385 1.86 -49.88 -13.95
N GLU C 386 2.12 -50.91 -13.14
CA GLU C 386 3.49 -51.35 -12.94
C GLU C 386 4.13 -51.83 -14.25
N GLN C 387 3.39 -52.60 -15.05
CA GLN C 387 3.98 -53.20 -16.24
C GLN C 387 4.43 -52.14 -17.24
N GLY C 388 3.60 -51.12 -17.47
CA GLY C 388 3.96 -50.07 -18.41
C GLY C 388 2.95 -49.88 -19.53
N VAL C 389 3.04 -48.74 -20.21
CA VAL C 389 2.07 -48.36 -21.23
C VAL C 389 2.79 -47.84 -22.46
N VAL C 390 2.09 -47.91 -23.59
CA VAL C 390 2.54 -47.34 -24.85
C VAL C 390 1.37 -46.58 -25.47
N LEU C 391 1.59 -45.31 -25.80
CA LEU C 391 0.58 -44.46 -26.42
C LEU C 391 1.09 -44.04 -27.79
N VAL C 392 0.30 -44.33 -28.83
CA VAL C 392 0.68 -44.07 -30.21
C VAL C 392 -0.35 -43.11 -30.80
N LEU C 393 0.14 -42.04 -31.43
CA LEU C 393 -0.71 -41.05 -32.07
C LEU C 393 -0.15 -40.70 -33.44
N ALA C 394 -1.04 -40.33 -34.35
CA ALA C 394 -0.64 -39.91 -35.69
C ALA C 394 -0.06 -38.50 -35.62
N GLY C 395 1.17 -38.34 -36.12
CA GLY C 395 1.84 -37.06 -36.11
C GLY C 395 1.43 -36.16 -37.26
N GLY C 407 4.26 -38.16 -39.61
CA GLY C 407 4.93 -39.22 -38.86
C GLY C 407 4.04 -39.87 -37.82
N SER C 408 4.62 -40.22 -36.67
CA SER C 408 3.85 -40.82 -35.59
C SER C 408 4.59 -40.57 -34.28
N THR C 409 3.86 -40.16 -33.26
CA THR C 409 4.43 -39.86 -31.95
C THR C 409 4.08 -40.98 -30.98
N VAL C 410 5.09 -41.52 -30.31
CA VAL C 410 4.93 -42.64 -29.41
C VAL C 410 5.52 -42.26 -28.05
N THR C 411 4.73 -42.42 -27.00
CA THR C 411 5.15 -42.20 -25.63
C THR C 411 5.08 -43.53 -24.88
N VAL C 412 6.22 -44.02 -24.42
CA VAL C 412 6.33 -45.32 -23.77
C VAL C 412 6.78 -45.10 -22.34
N VAL C 413 6.05 -45.69 -21.39
CA VAL C 413 6.31 -45.52 -19.96
C VAL C 413 6.56 -46.91 -19.39
N LEU C 414 7.73 -47.09 -18.76
CA LEU C 414 8.19 -48.40 -18.31
C LEU C 414 8.69 -48.34 -16.88
N PRO C 415 8.60 -49.45 -16.13
CA PRO C 415 9.00 -49.46 -14.72
C PRO C 415 10.46 -49.79 -14.45
N GLU C 416 11.07 -50.60 -15.31
CA GLU C 416 12.28 -51.33 -14.96
C GLU C 416 13.44 -50.91 -15.86
N ASN C 417 14.56 -51.65 -15.76
CA ASN C 417 15.74 -51.36 -16.57
C ASN C 417 15.47 -51.53 -18.05
N GLN C 418 14.37 -52.20 -18.42
CA GLN C 418 13.99 -52.26 -19.84
C GLN C 418 13.87 -50.86 -20.42
N LEU C 419 13.52 -49.88 -19.59
CA LEU C 419 13.59 -48.48 -19.98
C LEU C 419 14.84 -48.20 -20.80
N GLU C 420 16.01 -48.49 -20.22
CA GLU C 420 17.26 -48.31 -20.94
C GLU C 420 17.37 -49.29 -22.09
N LYS C 421 17.02 -50.55 -21.87
CA LYS C 421 17.26 -51.59 -22.86
C LYS C 421 16.66 -51.19 -24.21
N LEU C 422 15.33 -51.12 -24.26
CA LEU C 422 14.67 -50.71 -25.49
C LEU C 422 15.28 -49.42 -26.02
N MET C 423 15.54 -48.46 -25.14
CA MET C 423 16.09 -47.17 -25.57
C MET C 423 17.34 -47.40 -26.43
N ASN C 424 18.28 -48.19 -25.90
CA ASN C 424 19.53 -48.40 -26.62
C ASN C 424 19.27 -49.05 -27.97
N GLU C 425 18.32 -49.98 -28.04
CA GLU C 425 17.98 -50.58 -29.32
C GLU C 425 17.66 -49.50 -30.34
N LEU C 426 16.79 -48.55 -29.96
CA LEU C 426 16.48 -47.47 -30.88
C LEU C 426 17.72 -46.66 -31.21
N ASN C 427 18.58 -46.42 -30.22
CA ASN C 427 19.80 -45.66 -30.46
C ASN C 427 20.69 -46.34 -31.48
N GLN C 428 20.53 -47.65 -31.69
CA GLN C 428 21.32 -48.36 -32.68
C GLN C 428 20.67 -48.40 -34.06
N GLU C 429 19.37 -48.18 -34.14
CA GLU C 429 18.65 -48.25 -35.41
C GLU C 429 18.35 -46.86 -35.98
N TRP C 430 17.64 -46.03 -35.23
CA TRP C 430 17.26 -44.69 -35.66
C TRP C 430 18.00 -43.60 -34.90
N ASN C 431 19.02 -43.95 -34.13
CA ASN C 431 19.79 -42.96 -33.35
C ASN C 431 18.88 -42.14 -32.43
N LEU C 432 17.89 -42.82 -31.84
CA LEU C 432 16.97 -42.16 -30.92
C LEU C 432 17.51 -42.27 -29.50
N ALA C 433 17.81 -41.12 -28.90
CA ALA C 433 18.33 -41.08 -27.54
C ALA C 433 18.33 -39.65 -27.00
N ASN D 1 27.82 -15.99 17.09
CA ASN D 1 28.29 -14.66 16.70
C ASN D 1 27.63 -13.59 17.55
N PRO D 2 28.38 -12.99 18.49
CA PRO D 2 27.80 -11.91 19.31
C PRO D 2 27.30 -10.73 18.49
N GLU D 3 27.84 -10.51 17.28
CA GLU D 3 27.40 -9.39 16.46
C GLU D 3 25.94 -9.53 16.03
N ASN D 4 25.38 -10.73 16.09
CA ASN D 4 24.00 -10.98 15.70
C ASN D 4 23.04 -10.94 16.89
N ARG D 5 23.52 -10.59 18.08
CA ARG D 5 22.65 -10.55 19.24
C ARG D 5 21.50 -9.57 19.05
N VAL D 6 21.71 -8.52 18.26
CA VAL D 6 20.68 -7.55 17.93
C VAL D 6 20.20 -7.82 16.52
N SER D 7 18.89 -8.01 16.35
CA SER D 7 18.27 -8.36 15.08
C SER D 7 17.38 -7.20 14.64
N GLY D 8 17.91 -6.34 13.78
CA GLY D 8 17.14 -5.23 13.24
C GLY D 8 17.28 -3.95 14.04
N ILE D 9 17.79 -2.91 13.39
CA ILE D 9 17.95 -1.59 14.00
C ILE D 9 17.34 -0.55 13.07
N LYS D 10 16.70 0.45 13.67
CA LYS D 10 16.09 1.55 12.93
C LYS D 10 17.02 2.76 13.01
N LEU D 11 17.46 3.24 11.86
CA LEU D 11 18.35 4.38 11.78
C LEU D 11 17.56 5.64 11.45
N SER D 12 17.93 6.76 12.06
CA SER D 12 17.36 8.06 11.75
C SER D 12 18.39 9.12 12.10
N SER D 13 18.05 10.38 11.89
CA SER D 13 18.96 11.47 12.15
C SER D 13 18.31 12.49 13.08
N VAL D 14 19.15 13.25 13.79
CA VAL D 14 18.71 14.33 14.65
C VAL D 14 19.59 15.53 14.41
N VAL D 15 18.98 16.71 14.30
CA VAL D 15 19.68 17.92 13.87
C VAL D 15 19.45 19.02 14.89
N PRO D 16 20.32 20.03 14.90
CA PRO D 16 20.13 21.15 15.84
C PRO D 16 18.79 21.84 15.61
N ALA D 17 18.22 22.35 16.71
CA ALA D 17 16.95 23.06 16.61
C ALA D 17 17.08 24.32 15.77
N LYS D 18 18.18 25.05 15.95
CA LYS D 18 18.41 26.30 15.23
C LYS D 18 19.53 26.07 14.23
N ALA D 19 19.29 26.38 12.97
CA ALA D 19 20.29 26.20 11.93
C ALA D 19 21.58 26.90 12.29
N THR D 20 22.66 26.12 12.40
CA THR D 20 23.92 26.67 12.86
C THR D 20 24.39 27.82 11.97
N GLY D 21 24.23 27.67 10.66
CA GLY D 21 24.61 28.70 9.71
C GLY D 21 25.62 28.27 8.67
N ASN D 22 26.03 27.01 8.63
CA ASN D 22 26.99 26.50 7.65
C ASN D 22 28.36 27.14 7.82
N GLN D 23 28.62 27.76 8.97
CA GLN D 23 29.92 28.37 9.21
C GLN D 23 31.00 27.31 9.31
N ASP D 24 32.21 27.67 8.89
CA ASP D 24 33.34 26.77 8.98
C ASP D 24 33.81 26.65 10.42
N TYR D 25 34.60 25.60 10.67
CA TYR D 25 35.14 25.35 12.02
C TYR D 25 36.51 24.69 11.83
N GLU D 26 37.56 25.52 11.87
CA GLU D 26 38.90 25.02 11.63
C GLU D 26 39.32 24.03 12.71
N LEU D 27 40.05 23.00 12.32
CA LEU D 27 40.51 21.97 13.22
C LEU D 27 41.99 22.18 13.52
N LYS D 28 42.35 22.09 14.80
CA LYS D 28 43.74 22.29 15.18
C LYS D 28 44.57 21.08 14.77
N ASN D 29 45.90 21.28 14.76
CA ASN D 29 46.80 20.21 14.34
C ASN D 29 46.62 18.96 15.18
N ILE D 30 46.35 19.15 16.48
CA ILE D 30 46.12 18.00 17.35
C ILE D 30 44.90 17.22 16.90
N ASP D 31 43.82 17.92 16.53
CA ASP D 31 42.60 17.24 16.10
C ASP D 31 42.85 16.41 14.85
N LEU D 32 43.51 16.99 13.86
CA LEU D 32 43.83 16.25 12.64
C LEU D 32 44.79 15.09 12.91
N ALA D 33 45.51 15.12 14.04
CA ALA D 33 46.43 14.05 14.38
C ALA D 33 45.74 12.86 15.04
N MET D 34 44.47 13.00 15.41
CA MET D 34 43.68 11.89 15.96
C MET D 34 42.40 11.70 15.18
N LYS D 35 42.47 11.89 13.86
CA LYS D 35 41.33 11.67 12.98
C LYS D 35 41.16 10.21 12.59
N LEU D 36 41.87 9.30 13.26
CA LEU D 36 41.77 7.87 12.99
C LEU D 36 41.21 7.07 14.15
N HIS D 37 41.05 7.66 15.32
CA HIS D 37 40.60 6.98 16.52
C HIS D 37 39.17 7.37 16.84
N TYR D 38 38.46 6.46 17.52
CA TYR D 38 37.05 6.68 17.83
C TYR D 38 36.75 6.17 19.24
N ILE D 39 35.79 6.81 19.88
CA ILE D 39 35.38 6.47 21.25
C ILE D 39 34.08 5.69 21.18
N LYS D 40 34.01 4.58 21.92
CA LYS D 40 32.78 3.82 22.07
C LYS D 40 32.44 3.78 23.55
N GLY D 41 31.41 4.52 23.95
CA GLY D 41 30.99 4.58 25.33
C GLY D 41 29.59 4.05 25.53
N VAL D 42 29.43 2.98 26.30
CA VAL D 42 28.14 2.33 26.51
C VAL D 42 27.75 2.51 27.97
N TYR D 43 26.59 3.10 28.21
CA TYR D 43 26.00 3.23 29.53
C TYR D 43 24.80 2.31 29.62
N PHE D 44 24.65 1.63 30.76
CA PHE D 44 23.54 0.72 31.00
C PHE D 44 22.63 1.31 32.06
N PHE D 45 21.32 1.17 31.86
CA PHE D 45 20.33 1.67 32.80
C PHE D 45 19.28 0.59 33.04
N ASN D 46 18.93 0.40 34.30
CA ASN D 46 18.01 -0.66 34.69
C ASN D 46 16.59 -0.28 34.27
N ARG D 47 15.62 -1.09 34.71
CA ARG D 47 14.25 -0.89 34.26
C ARG D 47 13.61 0.33 34.90
N GLU D 48 14.05 0.71 36.10
CA GLU D 48 13.47 1.87 36.78
C GLU D 48 13.77 3.16 36.02
N ALA D 49 15.01 3.33 35.57
CA ALA D 49 15.42 4.57 34.93
C ALA D 49 14.72 4.78 33.59
N VAL D 50 14.11 3.74 33.02
CA VAL D 50 13.48 3.82 31.71
C VAL D 50 11.98 3.69 31.87
N ARG D 51 11.46 4.10 33.02
CA ARG D 51 10.04 3.94 33.33
C ARG D 51 9.20 4.78 32.38
N GLY D 52 8.51 4.13 31.45
CA GLY D 52 7.64 4.83 30.52
C GLY D 52 8.36 5.85 29.66
N LEU D 53 9.53 5.49 29.12
CA LEU D 53 10.29 6.36 28.25
C LEU D 53 10.22 5.83 26.83
N THR D 54 9.72 6.66 25.91
CA THR D 54 9.56 6.29 24.51
C THR D 54 10.73 6.81 23.69
N ILE D 55 10.69 6.55 22.38
CA ILE D 55 11.74 7.03 21.50
C ILE D 55 11.75 8.55 21.48
N PHE D 56 10.58 9.18 21.38
CA PHE D 56 10.52 10.62 21.31
C PHE D 56 11.09 11.26 22.58
N ASP D 57 10.80 10.67 23.74
CA ASP D 57 11.33 11.21 24.98
C ASP D 57 12.86 11.22 24.97
N LEU D 58 13.47 10.16 24.45
CA LEU D 58 14.92 10.09 24.41
C LEU D 58 15.49 11.04 23.36
N LYS D 59 14.81 11.20 22.22
CA LYS D 59 15.33 12.03 21.15
C LYS D 59 15.09 13.52 21.36
N ARG D 60 14.14 13.88 22.23
CA ARG D 60 13.80 15.28 22.41
C ARG D 60 14.97 16.13 22.90
N PRO D 61 15.69 15.74 23.95
CA PRO D 61 16.79 16.60 24.42
C PRO D 61 17.90 16.78 23.40
N MET D 62 17.97 15.88 22.41
CA MET D 62 19.08 15.91 21.46
C MET D 62 19.13 17.20 20.67
N PHE D 63 17.97 17.81 20.38
CA PHE D 63 17.96 19.03 19.57
C PHE D 63 18.63 20.18 20.31
N GLN D 64 18.24 20.40 21.57
CA GLN D 64 18.92 21.40 22.38
C GLN D 64 20.39 21.05 22.58
N LEU D 65 20.68 19.77 22.83
CA LEU D 65 22.05 19.35 23.08
C LEU D 65 22.94 19.65 21.89
N LEU D 66 22.45 19.39 20.68
CA LEU D 66 23.24 19.70 19.48
C LEU D 66 23.25 21.19 19.20
N ASP D 67 22.22 21.91 19.63
CA ASP D 67 22.30 23.37 19.61
C ASP D 67 23.48 23.85 20.41
N ILE D 68 23.81 23.15 21.50
CA ILE D 68 25.01 23.48 22.27
C ILE D 68 26.25 23.01 21.52
N PHE D 69 26.37 21.69 21.30
CA PHE D 69 27.46 21.11 20.51
C PHE D 69 27.12 21.29 19.04
N TYR D 70 27.39 22.48 18.53
CA TYR D 70 27.07 22.78 17.14
C TYR D 70 27.98 22.05 16.17
N THR D 71 29.15 21.57 16.62
CA THR D 71 30.05 20.84 15.76
C THR D 71 29.77 19.34 15.74
N ALA D 72 28.98 18.84 16.69
CA ALA D 72 28.67 17.41 16.71
C ALA D 72 27.79 16.99 15.54
N SER D 73 27.13 17.95 14.88
CA SER D 73 26.29 17.68 13.73
C SER D 73 26.93 18.15 12.43
N GLY D 74 28.19 18.57 12.46
CA GLY D 74 28.88 19.02 11.27
C GLY D 74 29.46 17.86 10.48
N ARG D 75 30.05 18.20 9.34
CA ARG D 75 30.63 17.22 8.44
C ARG D 75 32.00 17.67 7.99
N ILE D 76 32.89 16.70 7.76
CA ILE D 76 34.24 17.02 7.33
C ILE D 76 34.22 17.49 5.88
N ARG D 77 34.89 18.61 5.62
CA ARG D 77 35.00 19.15 4.27
C ARG D 77 36.45 19.58 4.05
N ARG D 78 36.84 19.63 2.77
CA ARG D 78 38.18 20.04 2.40
C ARG D 78 38.10 21.09 1.31
N PRO D 79 38.99 22.09 1.32
CA PRO D 79 38.95 23.12 0.28
C PRO D 79 39.11 22.54 -1.13
N ALA D 84 42.29 18.59 -0.85
CA ALA D 84 43.74 18.58 -0.72
C ALA D 84 44.19 19.37 0.51
N GLY D 85 43.40 20.39 0.87
CA GLY D 85 43.72 21.21 2.02
C GLY D 85 43.42 20.51 3.32
N ARG D 86 43.60 21.24 4.41
CA ARG D 86 43.35 20.69 5.73
C ARG D 86 41.84 20.56 5.96
N PRO D 87 41.36 19.40 6.40
CA PRO D 87 39.92 19.27 6.65
C PRO D 87 39.42 20.20 7.73
N PHE D 88 38.16 20.60 7.61
CA PHE D 88 37.49 21.40 8.62
C PHE D 88 36.06 20.92 8.77
N ILE D 89 35.48 21.15 9.95
CA ILE D 89 34.12 20.68 10.24
C ILE D 89 33.17 21.78 9.78
N LYS D 90 32.66 21.63 8.57
CA LYS D 90 31.57 22.51 8.13
C LYS D 90 30.34 22.26 8.98
N CYS D 91 29.75 23.33 9.49
CA CYS D 91 28.67 23.22 10.45
C CYS D 91 27.32 22.98 9.79
N ASN D 92 27.28 22.60 8.52
CA ASN D 92 26.01 22.23 7.92
C ASN D 92 25.37 21.10 8.73
N ASP D 93 24.06 21.20 8.94
CA ASP D 93 23.39 20.37 9.94
C ASP D 93 23.03 19.01 9.34
N GLY D 94 24.04 18.16 9.19
CA GLY D 94 23.79 16.77 8.87
C GLY D 94 23.26 15.97 10.02
N GLY D 95 23.49 16.43 11.25
CA GLY D 95 22.95 15.81 12.43
C GLY D 95 23.77 14.63 12.90
N VAL D 96 23.41 14.13 14.08
CA VAL D 96 23.95 12.89 14.59
C VAL D 96 22.99 11.78 14.20
N ARG D 97 23.50 10.55 14.19
CA ARG D 97 22.73 9.40 13.74
C ARG D 97 22.19 8.64 14.94
N ILE D 98 20.87 8.56 15.05
CA ILE D 98 20.20 7.86 16.14
C ILE D 98 19.85 6.46 15.67
N VAL D 99 20.15 5.46 16.49
CA VAL D 99 19.95 4.05 16.16
C VAL D 99 19.10 3.43 17.25
N GLU D 100 17.89 3.02 16.91
CA GLU D 100 17.01 2.34 17.85
C GLU D 100 17.18 0.83 17.66
N ALA D 101 17.58 0.14 18.73
CA ALA D 101 17.88 -1.29 18.67
C ALA D 101 17.05 -2.02 19.72
N PHE D 102 16.69 -3.26 19.39
CA PHE D 102 15.90 -4.11 20.27
C PHE D 102 16.61 -5.43 20.45
N CYS D 103 16.67 -5.91 21.69
CA CYS D 103 17.41 -7.10 22.07
C CYS D 103 16.50 -8.08 22.79
N ASP D 104 15.35 -8.36 22.19
CA ASP D 104 14.37 -9.26 22.81
C ASP D 104 14.98 -10.60 23.19
N ASP D 105 16.12 -10.98 22.59
CA ASP D 105 16.71 -12.28 22.87
C ASP D 105 17.21 -12.37 24.31
N GLN D 106 17.86 -11.32 24.82
CA GLN D 106 18.56 -11.37 26.09
C GLN D 106 18.16 -10.16 26.94
N THR D 107 18.71 -10.10 28.14
CA THR D 107 18.48 -9.02 29.09
C THR D 107 19.81 -8.37 29.47
N ILE D 108 19.75 -7.36 30.33
CA ILE D 108 20.95 -6.64 30.74
C ILE D 108 21.90 -7.57 31.50
N ALA D 109 21.35 -8.38 32.41
CA ALA D 109 22.21 -9.26 33.20
C ALA D 109 22.96 -10.24 32.30
N GLU D 110 22.29 -10.79 31.29
CA GLU D 110 22.96 -11.70 30.37
C GLU D 110 24.12 -11.00 29.68
N TRP D 111 23.91 -9.75 29.25
CA TRP D 111 25.01 -8.99 28.66
C TRP D 111 26.15 -8.82 29.65
N LEU D 112 25.83 -8.46 30.89
CA LEU D 112 26.86 -8.29 31.90
C LEU D 112 27.62 -9.58 32.18
N ALA D 113 27.00 -10.74 31.92
CA ALA D 113 27.63 -12.02 32.18
C ALA D 113 28.17 -12.71 30.92
N MET D 114 27.97 -12.12 29.75
CA MET D 114 28.43 -12.73 28.51
C MET D 114 29.90 -12.39 28.26
N ASP D 115 30.52 -13.14 27.36
CA ASP D 115 31.91 -12.90 27.02
C ASP D 115 32.10 -11.54 26.37
N HIS D 116 33.26 -10.93 26.60
CA HIS D 116 33.54 -9.57 26.16
C HIS D 116 34.05 -9.49 24.73
N GLU D 117 34.25 -10.61 24.05
CA GLU D 117 34.69 -10.58 22.66
C GLU D 117 33.52 -10.18 21.77
N SER D 118 33.69 -9.09 21.02
CA SER D 118 32.64 -8.58 20.14
C SER D 118 31.35 -8.34 20.92
N ARG D 119 31.50 -7.86 22.16
CA ARG D 119 30.37 -7.74 23.06
C ARG D 119 29.62 -6.42 22.86
N ASP D 120 30.31 -5.29 23.03
CA ASP D 120 29.69 -3.98 22.94
C ASP D 120 29.80 -3.34 21.56
N ASP D 121 30.45 -4.00 20.60
CA ASP D 121 30.48 -3.48 19.25
C ASP D 121 29.10 -3.43 18.62
N CYS D 122 28.14 -4.18 19.17
CA CYS D 122 26.77 -4.18 18.68
C CYS D 122 25.82 -3.41 19.58
N LEU D 123 26.31 -2.86 20.69
CA LEU D 123 25.52 -1.94 21.50
C LEU D 123 25.76 -0.48 21.16
N ALA D 124 26.95 -0.16 20.65
CA ALA D 124 27.30 1.20 20.23
C ALA D 124 27.59 1.15 18.73
N TYR D 125 26.54 1.29 17.93
CA TYR D 125 26.70 1.30 16.49
C TYR D 125 27.44 2.55 16.05
N GLY D 126 28.05 2.48 14.87
CA GLY D 126 28.76 3.61 14.31
C GLY D 126 29.97 3.19 13.50
N SER D 127 30.08 3.74 12.30
CA SER D 127 31.20 3.44 11.41
C SER D 127 32.27 4.52 11.56
N GLU D 128 33.26 4.48 10.68
CA GLU D 128 34.31 5.48 10.64
C GLU D 128 33.95 6.58 9.65
N LEU D 129 34.81 7.58 9.54
CA LEU D 129 34.60 8.70 8.62
C LEU D 129 35.23 8.33 7.28
N GLY D 130 34.39 7.94 6.33
CA GLY D 130 34.86 7.60 5.01
C GLY D 130 34.23 6.32 4.49
N PRO D 131 34.49 6.00 3.21
CA PRO D 131 35.32 6.74 2.25
C PRO D 131 34.64 8.01 1.74
N ASP D 132 33.38 8.21 2.09
CA ASP D 132 32.64 9.42 1.73
C ASP D 132 32.68 10.35 2.95
N LEU D 133 33.73 11.16 3.03
CA LEU D 133 33.90 12.02 4.19
C LEU D 133 32.77 13.04 4.30
N ALA D 134 32.35 13.60 3.17
CA ALA D 134 31.36 14.68 3.20
C ALA D 134 30.03 14.23 3.77
N PHE D 135 29.76 12.93 3.82
CA PHE D 135 28.48 12.41 4.30
C PHE D 135 28.71 11.34 5.36
N SER D 136 29.62 11.59 6.30
CA SER D 136 29.91 10.65 7.36
C SER D 136 29.49 11.24 8.70
N PRO D 137 28.52 10.66 9.40
CA PRO D 137 28.15 11.19 10.72
C PRO D 137 29.34 11.16 11.67
N LEU D 138 29.46 12.21 12.48
CA LEU D 138 30.51 12.27 13.49
C LEU D 138 30.10 11.64 14.82
N VAL D 139 28.80 11.48 15.06
CA VAL D 139 28.31 10.93 16.32
C VAL D 139 27.16 9.98 16.03
N PHE D 140 27.23 8.79 16.61
CA PHE D 140 26.14 7.81 16.58
C PHE D 140 25.67 7.56 18.00
N VAL D 141 24.38 7.75 18.24
CA VAL D 141 23.78 7.49 19.54
C VAL D 141 22.77 6.36 19.37
N GLN D 142 23.01 5.25 20.05
CA GLN D 142 22.17 4.07 19.92
C GLN D 142 21.45 3.79 21.24
N PHE D 143 20.13 3.77 21.18
CA PHE D 143 19.29 3.38 22.31
C PHE D 143 18.85 1.94 22.09
N THR D 144 19.29 1.04 22.96
CA THR D 144 18.97 -0.37 22.88
C THR D 144 18.05 -0.75 24.03
N SER D 145 16.91 -1.34 23.69
CA SER D 145 15.94 -1.81 24.66
C SER D 145 15.98 -3.33 24.72
N PHE D 146 16.15 -3.88 25.92
CA PHE D 146 16.34 -5.31 26.08
C PHE D 146 15.00 -6.01 26.28
N LYS D 147 15.05 -7.32 26.56
CA LYS D 147 13.83 -8.10 26.71
C LYS D 147 13.05 -7.68 27.93
N CYS D 148 13.63 -7.83 29.12
CA CYS D 148 12.95 -7.45 30.35
C CYS D 148 12.80 -5.95 30.47
N GLY D 149 13.57 -5.17 29.72
CA GLY D 149 13.50 -3.72 29.79
C GLY D 149 14.87 -3.08 29.90
N GLY D 150 14.96 -1.94 30.55
CA GLY D 150 16.22 -1.24 30.70
C GLY D 150 16.71 -0.72 29.37
N MET D 151 17.65 0.23 29.38
CA MET D 151 18.12 0.84 28.16
C MET D 151 19.64 0.97 28.16
N SER D 152 20.24 0.74 27.01
CA SER D 152 21.67 0.92 26.82
C SER D 152 21.89 2.07 25.85
N LEU D 153 22.67 3.05 26.28
CA LEU D 153 23.04 4.20 25.45
C LEU D 153 24.47 4.00 24.96
N GLY D 154 24.61 3.76 23.66
CA GLY D 154 25.91 3.59 23.06
C GLY D 154 26.30 4.76 22.19
N LEU D 155 27.39 5.43 22.54
CA LEU D 155 27.86 6.61 21.83
C LEU D 155 29.13 6.25 21.07
N SER D 156 29.08 6.36 19.74
CA SER D 156 30.24 6.27 18.88
C SER D 156 30.64 7.69 18.48
N TRP D 157 31.82 8.12 18.92
CA TRP D 157 32.25 9.51 18.85
C TRP D 157 33.54 9.59 18.05
N ALA D 158 33.56 10.45 17.03
CA ALA D 158 34.77 10.64 16.24
C ALA D 158 35.77 11.44 17.06
N HIS D 159 36.97 10.89 17.24
CA HIS D 159 37.94 11.55 18.12
C HIS D 159 38.38 12.89 17.55
N VAL D 160 38.32 13.07 16.24
CA VAL D 160 38.64 14.37 15.66
C VAL D 160 37.71 15.43 16.23
N LEU D 161 36.45 15.07 16.46
CA LEU D 161 35.50 16.00 17.07
C LEU D 161 35.94 16.39 18.47
N GLY D 162 36.36 15.42 19.28
CA GLY D 162 36.75 15.71 20.64
C GLY D 162 37.27 14.47 21.34
N ASP D 163 37.91 14.69 22.48
CA ASP D 163 38.46 13.63 23.31
C ASP D 163 37.35 12.89 24.03
N PRO D 164 37.64 11.71 24.60
CA PRO D 164 36.58 10.96 25.29
C PRO D 164 35.91 11.75 26.41
N PHE D 165 36.63 12.66 27.06
CA PHE D 165 35.99 13.50 28.07
C PHE D 165 34.89 14.34 27.45
N SER D 166 35.09 14.79 26.21
CA SER D 166 34.04 15.51 25.51
C SER D 166 32.82 14.62 25.27
N ALA D 167 33.05 13.35 24.94
CA ALA D 167 31.93 12.43 24.76
C ALA D 167 31.17 12.22 26.07
N SER D 168 31.90 12.06 27.18
CA SER D 168 31.25 11.93 28.47
C SER D 168 30.46 13.17 28.82
N ALA D 169 31.01 14.35 28.52
CA ALA D 169 30.29 15.59 28.74
C ALA D 169 29.05 15.67 27.86
N PHE D 170 29.13 15.18 26.62
CA PHE D 170 27.98 15.14 25.75
C PHE D 170 26.86 14.30 26.37
N VAL D 171 27.20 13.10 26.84
CA VAL D 171 26.18 12.24 27.44
C VAL D 171 25.64 12.86 28.72
N SER D 172 26.51 13.47 29.53
CA SER D 172 26.05 14.09 30.78
C SER D 172 25.11 15.25 30.50
N MET D 173 25.43 16.07 29.50
CA MET D 173 24.55 17.18 29.15
C MET D 173 23.23 16.66 28.59
N TRP D 174 23.28 15.57 27.83
CA TRP D 174 22.04 14.94 27.39
C TRP D 174 21.16 14.58 28.58
N ALA D 175 21.75 13.89 29.56
CA ALA D 175 20.97 13.46 30.72
C ALA D 175 20.44 14.67 31.51
N GLN D 176 21.29 15.68 31.70
CA GLN D 176 20.87 16.85 32.46
C GLN D 176 19.73 17.59 31.75
N ILE D 177 19.84 17.77 30.43
CA ILE D 177 18.79 18.46 29.69
C ILE D 177 17.51 17.65 29.73
N MET D 178 17.62 16.32 29.68
CA MET D 178 16.42 15.49 29.80
C MET D 178 15.78 15.65 31.16
N ALA D 179 16.60 15.76 32.22
CA ALA D 179 16.05 15.96 33.55
C ALA D 179 15.29 17.27 33.64
N GLY D 180 15.82 18.34 33.06
CA GLY D 180 15.17 19.63 33.06
C GLY D 180 16.11 20.80 33.22
N ARG D 181 17.36 20.54 33.54
CA ARG D 181 18.33 21.62 33.74
C ARG D 181 18.42 22.47 32.48
N VAL D 182 18.38 23.79 32.67
CA VAL D 182 18.48 24.75 31.58
C VAL D 182 19.95 25.11 31.39
N PRO D 183 20.53 24.89 30.20
CA PRO D 183 21.94 25.26 29.99
C PRO D 183 22.25 26.70 30.37
N LEU D 211 61.52 6.33 19.37
CA LEU D 211 60.33 6.05 20.17
C LEU D 211 59.45 7.29 20.29
N TYR D 212 58.99 7.79 19.15
CA TYR D 212 58.16 8.99 19.15
C TYR D 212 56.79 8.66 19.73
N PRO D 213 56.30 9.45 20.71
CA PRO D 213 55.00 9.12 21.30
C PRO D 213 53.87 9.07 20.28
N ILE D 214 53.91 9.93 19.26
CA ILE D 214 52.88 9.98 18.24
C ILE D 214 53.50 9.47 16.94
N LYS D 215 53.11 8.26 16.55
CA LYS D 215 53.62 7.65 15.34
C LYS D 215 53.06 8.34 14.10
N ARG D 216 53.85 8.33 13.02
CA ARG D 216 53.40 8.74 11.70
C ARG D 216 53.28 7.50 10.83
N VAL D 217 52.18 7.43 10.06
CA VAL D 217 51.85 6.24 9.29
C VAL D 217 51.53 6.66 7.86
N ASP D 218 51.26 5.65 7.02
CA ASP D 218 51.04 5.90 5.60
C ASP D 218 49.75 6.70 5.40
N PRO D 219 49.67 7.47 4.30
CA PRO D 219 48.43 8.21 4.03
C PRO D 219 47.24 7.28 3.89
N VAL D 220 46.08 7.76 4.35
CA VAL D 220 44.83 7.01 4.27
C VAL D 220 43.86 7.62 3.27
N GLY D 221 44.17 8.76 2.69
CA GLY D 221 43.31 9.37 1.70
C GLY D 221 42.09 10.02 2.31
N ASP D 222 40.91 9.44 2.06
CA ASP D 222 39.65 9.96 2.57
C ASP D 222 38.82 8.86 3.22
N HIS D 223 39.47 7.82 3.74
CA HIS D 223 38.78 6.78 4.48
C HIS D 223 38.96 6.90 5.98
N TRP D 224 40.09 7.45 6.43
CA TRP D 224 40.33 7.77 7.83
C TRP D 224 40.03 6.57 8.73
N GLN D 225 40.74 5.47 8.46
CA GLN D 225 40.64 4.27 9.29
C GLN D 225 41.99 3.56 9.28
N PHE D 226 42.53 3.32 10.45
CA PHE D 226 43.80 2.61 10.55
C PHE D 226 43.61 1.16 10.11
N PRO D 227 44.44 0.64 9.22
CA PRO D 227 44.31 -0.77 8.83
C PRO D 227 44.59 -1.70 10.00
N ASN D 228 43.90 -2.85 9.99
CA ASN D 228 44.07 -3.86 11.02
C ASN D 228 45.15 -4.85 10.54
N ASN D 229 46.41 -4.46 10.72
CA ASN D 229 47.52 -5.28 10.27
C ASN D 229 47.54 -6.63 10.99
N CYS D 230 47.16 -6.65 12.26
CA CYS D 230 47.19 -7.85 13.08
C CYS D 230 45.76 -8.21 13.48
N ASN D 231 45.65 -9.19 14.39
CA ASN D 231 44.36 -9.67 14.89
C ASN D 231 44.23 -9.39 16.37
N MET D 232 44.59 -8.18 16.79
CA MET D 232 44.51 -7.81 18.20
C MET D 232 43.07 -7.93 18.69
N LYS D 233 42.93 -8.38 19.94
CA LYS D 233 41.63 -8.61 20.57
C LYS D 233 41.44 -7.65 21.73
N THR D 234 40.16 -7.39 22.03
CA THR D 234 39.73 -6.52 23.11
C THR D 234 39.09 -7.35 24.21
N HIS D 235 39.22 -6.86 25.45
CA HIS D 235 38.64 -7.54 26.60
C HIS D 235 38.38 -6.54 27.71
N THR D 236 37.37 -6.83 28.52
CA THR D 236 37.00 -5.99 29.64
C THR D 236 37.23 -6.77 30.93
N PHE D 237 38.01 -6.18 31.84
CA PHE D 237 38.25 -6.73 33.16
C PHE D 237 37.53 -5.90 34.20
N GLN D 238 37.07 -6.57 35.27
CA GLN D 238 36.39 -5.92 36.38
C GLN D 238 37.21 -6.16 37.64
N PHE D 239 37.53 -5.08 38.36
CA PHE D 239 38.32 -5.16 39.58
C PHE D 239 37.49 -4.63 40.74
N THR D 240 37.51 -5.34 41.86
CA THR D 240 36.82 -4.92 43.06
C THR D 240 37.73 -4.03 43.90
N LYS D 241 37.13 -3.36 44.90
CA LYS D 241 37.92 -2.53 45.80
C LYS D 241 38.95 -3.36 46.56
N LYS D 242 38.51 -4.49 47.11
CA LYS D 242 39.41 -5.32 47.90
C LYS D 242 40.58 -5.83 47.06
N GLN D 243 40.30 -6.30 45.84
CA GLN D 243 41.37 -6.79 44.99
C GLN D 243 42.36 -5.69 44.65
N LEU D 244 41.85 -4.50 44.31
CA LEU D 244 42.73 -3.40 43.94
C LEU D 244 43.60 -2.98 45.10
N ASP D 245 43.03 -2.92 46.31
CA ASP D 245 43.83 -2.53 47.46
C ASP D 245 44.79 -3.62 47.89
N GLN D 246 44.45 -4.90 47.63
CA GLN D 246 45.35 -5.99 47.99
C GLN D 246 46.54 -6.07 47.05
N MET D 247 46.30 -5.97 45.74
CA MET D 247 47.39 -6.04 44.77
C MET D 247 48.24 -4.77 44.75
N ALA D 248 47.82 -3.72 45.45
CA ALA D 248 48.63 -2.51 45.56
C ALA D 248 49.74 -2.65 46.59
N SER D 249 49.66 -3.65 47.47
CA SER D 249 50.67 -3.79 48.52
C SER D 249 52.04 -4.08 47.93
N ASN D 250 52.10 -4.97 46.93
CA ASN D 250 53.38 -5.34 46.33
C ASN D 250 53.99 -4.22 45.51
N LEU D 251 53.24 -3.16 45.22
CA LEU D 251 53.76 -2.04 44.45
C LEU D 251 54.32 -0.96 45.36
N SER D 263 47.53 6.14 43.36
CA SER D 263 46.14 5.81 43.62
C SER D 263 45.73 4.54 42.86
N HIS D 264 44.43 4.37 42.66
CA HIS D 264 43.95 3.19 41.94
C HIS D 264 44.57 3.10 40.54
N PHE D 265 44.64 4.24 39.84
CA PHE D 265 45.20 4.23 38.48
C PHE D 265 46.65 3.77 38.47
N GLU D 266 47.46 4.28 39.39
CA GLU D 266 48.86 3.88 39.42
C GLU D 266 48.98 2.39 39.72
N VAL D 267 48.16 1.88 40.64
CA VAL D 267 48.20 0.46 40.97
C VAL D 267 47.89 -0.39 39.75
N ILE D 268 46.78 -0.08 39.08
CA ILE D 268 46.38 -0.89 37.92
C ILE D 268 47.42 -0.80 36.83
N SER D 269 47.92 0.40 36.54
CA SER D 269 48.89 0.56 35.47
C SER D 269 50.16 -0.23 35.78
N ALA D 270 50.66 -0.13 37.01
CA ALA D 270 51.86 -0.88 37.37
C ALA D 270 51.63 -2.38 37.28
N THR D 271 50.48 -2.86 37.76
CA THR D 271 50.20 -4.28 37.69
C THR D 271 50.15 -4.77 36.24
N ILE D 272 49.47 -4.01 35.38
CA ILE D 272 49.37 -4.40 33.97
C ILE D 272 50.74 -4.39 33.32
N TRP D 273 51.54 -3.37 33.58
CA TRP D 273 52.87 -3.31 32.98
C TRP D 273 53.74 -4.48 33.44
N LYS D 274 53.65 -4.82 34.73
CA LYS D 274 54.46 -5.93 35.24
C LYS D 274 54.01 -7.26 34.68
N LEU D 275 52.70 -7.47 34.54
CA LEU D 275 52.16 -8.73 34.05
C LEU D 275 52.07 -8.79 32.54
N LEU D 276 52.48 -7.73 31.83
CA LEU D 276 52.42 -7.68 30.38
C LEU D 276 53.78 -7.88 29.73
N ALA D 277 54.80 -7.14 30.17
CA ALA D 277 56.13 -7.26 29.60
C ALA D 277 56.76 -8.62 29.86
N LYS D 278 56.20 -9.42 30.77
CA LYS D 278 56.72 -10.74 31.06
C LYS D 278 56.82 -11.58 29.79
N GLY D 286 59.07 0.01 25.44
CA GLY D 286 60.13 0.68 26.17
C GLY D 286 59.63 1.87 26.96
N VAL D 287 58.58 2.52 26.45
CA VAL D 287 57.99 3.69 27.10
C VAL D 287 56.48 3.50 27.16
N VAL D 288 55.85 4.24 28.07
CA VAL D 288 54.41 4.22 28.26
C VAL D 288 53.91 5.66 28.18
N THR D 289 52.84 5.88 27.41
CA THR D 289 52.29 7.20 27.14
C THR D 289 50.96 7.32 27.89
N ILE D 290 51.04 7.77 29.15
CA ILE D 290 49.84 7.99 29.95
C ILE D 290 49.10 9.21 29.43
N CYS D 291 47.77 9.13 29.43
CA CYS D 291 46.90 10.23 29.02
C CYS D 291 45.96 10.57 30.17
N ARG D 292 45.77 11.86 30.42
CA ARG D 292 45.03 12.31 31.60
C ARG D 292 43.87 13.23 31.22
N TYR D 293 44.03 14.00 30.14
CA TYR D 293 43.03 14.98 29.74
C TYR D 293 42.90 16.08 30.80
N ASN D 294 41.91 16.96 30.63
CA ASN D 294 41.68 18.07 31.54
C ASN D 294 40.18 18.13 31.83
N GLY D 295 39.78 17.64 33.01
CA GLY D 295 38.38 17.54 33.36
C GLY D 295 37.74 18.81 33.86
N GLN D 296 38.43 19.95 33.77
CA GLN D 296 37.89 21.23 34.19
C GLN D 296 37.06 21.83 33.05
N ARG D 297 35.91 21.21 32.81
CA ARG D 297 35.02 21.61 31.75
C ARG D 297 33.58 21.36 32.18
N GLU D 298 32.67 22.24 31.76
CA GLU D 298 31.26 22.07 32.05
C GLU D 298 30.42 23.01 31.19
N ASN D 299 29.38 22.48 30.55
CA ASN D 299 28.52 23.27 29.67
C ASN D 299 29.33 23.91 28.55
N GLU D 300 30.28 23.15 28.00
CA GLU D 300 31.16 23.62 26.94
C GLU D 300 31.04 22.72 25.72
N THR D 301 31.35 23.28 24.57
CA THR D 301 31.35 22.50 23.34
C THR D 301 32.52 21.50 23.35
N ALA D 302 32.40 20.49 22.51
CA ALA D 302 33.43 19.45 22.45
C ALA D 302 34.78 20.07 22.14
N SER D 303 35.78 19.73 22.97
CA SER D 303 37.14 20.20 22.78
C SER D 303 38.10 19.04 22.95
N ASN D 304 39.28 19.20 22.39
CA ASN D 304 40.33 18.17 22.45
C ASN D 304 41.54 18.81 23.12
N ASP D 305 41.74 18.49 24.40
CA ASP D 305 42.80 19.09 25.21
C ASP D 305 43.50 18.02 26.03
N MET D 306 43.86 16.91 25.38
CA MET D 306 44.49 15.81 26.10
C MET D 306 45.87 16.22 26.61
N VAL D 307 46.32 15.53 27.65
CA VAL D 307 47.63 15.74 28.25
C VAL D 307 48.39 14.43 28.21
N LEU D 308 49.57 14.45 27.60
CA LEU D 308 50.42 13.27 27.48
C LEU D 308 51.51 13.27 28.54
N SER D 309 51.95 12.07 28.90
CA SER D 309 53.08 11.92 29.83
C SER D 309 53.81 10.64 29.44
N THR D 310 55.04 10.79 28.95
CA THR D 310 55.85 9.66 28.50
C THR D 310 56.79 9.24 29.62
N ALA D 311 56.70 7.98 30.04
CA ALA D 311 57.55 7.43 31.08
C ALA D 311 58.40 6.31 30.49
N GLU D 312 59.70 6.35 30.75
CA GLU D 312 60.63 5.36 30.21
C GLU D 312 60.96 4.31 31.25
N LEU D 325 58.44 -0.40 38.13
CA LEU D 325 57.67 0.21 37.05
C LEU D 325 56.60 1.16 37.61
N SER D 326 56.21 0.93 38.86
CA SER D 326 55.21 1.79 39.49
C SER D 326 55.71 3.23 39.58
N THR D 327 57.00 3.41 39.88
CA THR D 327 57.55 4.76 39.96
C THR D 327 57.45 5.46 38.62
N LEU D 328 57.74 4.76 37.52
CA LEU D 328 57.62 5.36 36.21
C LEU D 328 56.20 5.84 35.94
N ILE D 329 55.20 5.08 36.37
CA ILE D 329 53.81 5.47 36.17
C ILE D 329 53.47 6.68 37.03
N ALA D 330 53.83 6.64 38.32
CA ALA D 330 53.43 7.69 39.24
C ALA D 330 54.01 9.04 38.83
N ASP D 331 55.28 9.08 38.43
CA ASP D 331 55.94 10.33 38.06
C ASP D 331 56.66 10.19 36.73
N GLU D 338 56.07 17.83 22.30
CA GLU D 338 54.76 18.34 21.94
C GLU D 338 54.72 18.74 20.47
N LYS D 339 55.89 19.02 19.89
CA LYS D 339 56.01 19.45 18.50
C LYS D 339 56.23 18.27 17.55
N VAL D 340 55.78 17.06 17.93
CA VAL D 340 55.98 15.91 17.08
C VAL D 340 55.22 16.06 15.76
N LEU D 341 53.97 16.54 15.84
CA LEU D 341 53.15 16.71 14.65
C LEU D 341 53.73 17.83 13.79
N SER D 342 54.08 17.53 12.54
CA SER D 342 54.81 18.52 11.75
C SER D 342 53.87 19.56 11.14
N GLU D 343 53.09 19.19 10.12
CA GLU D 343 51.98 20.03 9.72
C GLU D 343 50.72 19.27 9.33
N SER D 344 50.85 18.23 8.49
CA SER D 344 49.69 17.68 7.81
C SER D 344 49.77 16.16 7.61
N SER D 345 50.59 15.46 8.36
CA SER D 345 50.72 14.03 8.15
C SER D 345 49.52 13.30 8.77
N ASP D 346 49.52 11.98 8.65
CA ASP D 346 48.50 11.13 9.27
C ASP D 346 49.14 10.45 10.48
N PHE D 347 48.67 10.80 11.67
CA PHE D 347 49.29 10.38 12.92
C PHE D 347 48.41 9.39 13.67
N ILE D 348 49.00 8.78 14.69
CA ILE D 348 48.32 7.84 15.57
C ILE D 348 49.12 7.75 16.87
N MET D 349 48.42 7.78 18.01
CA MET D 349 49.11 7.68 19.29
C MET D 349 48.46 6.61 20.17
N TYR D 350 47.17 6.33 19.97
CA TYR D 350 46.56 5.21 20.68
C TYR D 350 47.16 3.91 20.15
N GLY D 351 47.57 3.04 21.06
CA GLY D 351 48.21 1.81 20.67
C GLY D 351 49.48 2.02 19.88
N ALA D 352 50.17 3.14 20.10
CA ALA D 352 51.45 3.42 19.46
C ALA D 352 52.63 3.13 20.36
N ASN D 353 52.56 3.54 21.62
CA ASN D 353 53.62 3.30 22.60
C ASN D 353 53.01 2.87 23.93
N LEU D 354 52.03 1.96 23.87
CA LEU D 354 51.39 1.40 25.06
C LEU D 354 50.71 2.50 25.87
N THR D 355 49.74 3.17 25.25
CA THR D 355 49.01 4.22 25.93
C THR D 355 48.16 3.64 27.05
N PHE D 356 48.05 4.38 28.14
CA PHE D 356 47.30 3.96 29.32
C PHE D 356 46.16 4.92 29.60
N VAL D 357 45.39 5.24 28.55
CA VAL D 357 44.31 6.22 28.63
C VAL D 357 43.46 5.96 29.86
N ASP D 358 42.94 7.03 30.46
CA ASP D 358 42.11 6.91 31.65
C ASP D 358 40.94 7.87 31.57
N MET D 359 39.87 7.52 32.29
CA MET D 359 38.70 8.37 32.45
C MET D 359 38.29 8.45 33.92
N GLU D 360 39.20 8.13 34.83
CA GLU D 360 38.89 8.20 36.26
C GLU D 360 38.54 9.62 36.68
N GLU D 361 39.05 10.62 35.96
CA GLU D 361 38.74 12.01 36.22
C GLU D 361 37.42 12.46 35.59
N ALA D 362 36.57 11.51 35.23
CA ALA D 362 35.25 11.78 34.66
C ALA D 362 34.17 11.41 35.68
N ASP D 363 32.92 11.59 35.26
CA ASP D 363 31.76 11.33 36.10
C ASP D 363 30.71 10.54 35.32
N VAL D 364 31.15 9.45 34.69
CA VAL D 364 30.24 8.66 33.86
C VAL D 364 29.09 8.11 34.69
N TYR D 365 29.36 7.73 35.93
CA TYR D 365 28.33 7.16 36.80
C TYR D 365 27.50 8.23 37.49
N GLY D 366 27.79 9.51 37.26
CA GLY D 366 26.99 10.59 37.81
C GLY D 366 25.76 10.96 37.00
N LEU D 367 25.46 10.22 35.93
CA LEU D 367 24.28 10.50 35.14
C LEU D 367 23.02 10.31 35.99
N LYS D 368 22.00 11.12 35.71
CA LYS D 368 20.73 11.04 36.40
C LYS D 368 19.63 10.85 35.35
N LEU D 369 19.17 9.61 35.21
CA LEU D 369 18.08 9.26 34.29
C LEU D 369 16.90 8.82 35.14
N GLN D 370 15.83 9.64 35.14
CA GLN D 370 14.64 9.35 35.92
C GLN D 370 15.00 9.10 37.39
N GLY D 371 15.89 9.93 37.91
CA GLY D 371 16.32 9.78 39.30
C GLY D 371 17.03 8.48 39.56
N GLN D 372 17.81 7.99 38.60
CA GLN D 372 18.54 6.74 38.74
C GLN D 372 19.93 6.92 38.13
N LYS D 373 20.79 5.94 38.37
CA LYS D 373 22.16 5.98 37.89
C LYS D 373 22.48 4.75 37.07
N PRO D 374 23.45 4.83 36.15
CA PRO D 374 23.77 3.66 35.32
C PRO D 374 24.33 2.51 36.15
N VAL D 375 24.03 1.28 35.70
CA VAL D 375 24.52 0.08 36.37
C VAL D 375 25.84 -0.39 35.79
N ASP D 376 26.30 0.18 34.67
CA ASP D 376 27.57 -0.21 34.08
C ASP D 376 27.95 0.81 33.02
N VAL D 377 29.25 1.11 32.93
CA VAL D 377 29.78 1.99 31.90
C VAL D 377 31.02 1.33 31.30
N ASN D 378 31.04 1.20 29.98
CA ASN D 378 32.15 0.59 29.28
C ASN D 378 32.65 1.55 28.21
N TYR D 379 33.92 1.93 28.30
CA TYR D 379 34.55 2.84 27.35
C TYR D 379 35.67 2.10 26.62
N SER D 380 35.69 2.22 25.29
CA SER D 380 36.68 1.54 24.48
C SER D 380 37.13 2.45 23.35
N ILE D 381 38.27 2.11 22.77
CA ILE D 381 38.93 2.90 21.75
C ILE D 381 39.04 2.06 20.47
N ASN D 382 38.62 2.64 19.35
CA ASN D 382 38.79 2.03 18.04
C ASN D 382 39.86 2.80 17.27
N GLY D 383 40.55 2.08 16.39
CA GLY D 383 41.71 2.62 15.71
C GLY D 383 43.01 2.36 16.43
N VAL D 384 43.03 1.40 17.36
CA VAL D 384 44.24 1.12 18.12
C VAL D 384 45.38 0.73 17.17
N GLY D 385 46.60 1.12 17.53
CA GLY D 385 47.76 0.81 16.74
C GLY D 385 48.22 -0.63 16.90
N GLU D 386 49.54 -0.85 16.90
CA GLU D 386 50.10 -2.19 16.95
C GLU D 386 50.48 -2.64 18.35
N GLN D 387 50.66 -1.71 19.29
CA GLN D 387 51.11 -2.04 20.64
C GLN D 387 49.97 -2.47 21.54
N GLY D 388 49.01 -1.60 21.77
CA GLY D 388 47.87 -1.90 22.62
C GLY D 388 47.43 -0.67 23.41
N VAL D 389 46.19 -0.71 23.88
CA VAL D 389 45.58 0.39 24.62
C VAL D 389 44.99 -0.16 25.91
N VAL D 390 45.24 0.52 27.01
CA VAL D 390 44.68 0.17 28.32
C VAL D 390 43.79 1.33 28.75
N LEU D 391 42.50 1.06 28.91
CA LEU D 391 41.53 2.06 29.36
C LEU D 391 41.12 1.73 30.78
N VAL D 392 41.19 2.73 31.67
CA VAL D 392 40.86 2.57 33.07
C VAL D 392 39.71 3.50 33.39
N LEU D 393 38.66 2.96 34.01
CA LEU D 393 37.45 3.72 34.30
C LEU D 393 36.97 3.40 35.71
N ALA D 394 36.27 4.36 36.32
CA ALA D 394 35.73 4.14 37.65
C ALA D 394 34.71 3.01 37.63
N GLY D 395 34.69 2.23 38.72
CA GLY D 395 33.77 1.12 38.82
C GLY D 395 32.37 1.57 39.18
N PRO D 396 31.44 0.61 39.20
CA PRO D 396 30.02 0.91 39.50
C PRO D 396 29.77 1.11 40.99
N GLU D 397 30.24 2.24 41.51
CA GLU D 397 30.05 2.58 42.93
C GLU D 397 30.44 1.40 43.82
N GLU D 398 29.48 0.85 44.56
CA GLU D 398 29.75 -0.28 45.45
C GLU D 398 29.23 -1.57 44.82
N ASP D 405 33.50 0.49 48.44
CA ASP D 405 33.69 -0.68 47.60
C ASP D 405 33.79 -0.28 46.13
N ARG D 406 34.62 0.72 45.85
CA ARG D 406 34.79 1.19 44.49
C ARG D 406 35.51 0.15 43.65
N GLY D 407 35.01 -0.07 42.44
CA GLY D 407 35.61 -1.01 41.51
C GLY D 407 36.43 -0.33 40.45
N SER D 408 36.58 -1.01 39.31
CA SER D 408 37.31 -0.46 38.17
C SER D 408 36.99 -1.29 36.95
N THR D 409 36.54 -0.64 35.88
CA THR D 409 36.32 -1.27 34.59
C THR D 409 37.54 -1.01 33.70
N VAL D 410 38.05 -2.05 33.08
CA VAL D 410 39.31 -1.99 32.35
C VAL D 410 39.06 -2.55 30.96
N THR D 411 38.75 -1.68 30.00
CA THR D 411 38.59 -2.09 28.61
C THR D 411 39.94 -1.92 27.92
N VAL D 412 40.52 -3.04 27.50
CA VAL D 412 41.91 -3.05 27.03
C VAL D 412 42.00 -3.89 25.77
N VAL D 413 42.78 -3.40 24.81
CA VAL D 413 43.00 -4.08 23.53
C VAL D 413 44.49 -4.39 23.43
N LEU D 414 44.82 -5.65 23.18
CA LEU D 414 46.19 -6.10 22.99
C LEU D 414 46.29 -7.00 21.78
N PRO D 415 47.49 -7.19 21.24
CA PRO D 415 47.68 -8.29 20.29
C PRO D 415 47.38 -9.62 20.95
N GLU D 416 46.82 -10.54 20.17
CA GLU D 416 46.25 -11.78 20.72
C GLU D 416 47.17 -12.43 21.76
N ASN D 417 48.46 -12.54 21.45
CA ASN D 417 49.37 -13.22 22.37
C ASN D 417 49.49 -12.49 23.69
N GLN D 418 49.68 -11.16 23.63
CA GLN D 418 49.80 -10.38 24.86
C GLN D 418 48.52 -10.44 25.68
N LEU D 419 47.37 -10.39 25.01
CA LEU D 419 46.11 -10.52 25.72
C LEU D 419 46.00 -11.86 26.41
N GLU D 420 46.44 -12.94 25.74
CA GLU D 420 46.39 -14.25 26.36
C GLU D 420 47.30 -14.32 27.58
N LYS D 421 48.51 -13.75 27.48
CA LYS D 421 49.39 -13.77 28.65
C LYS D 421 48.79 -12.98 29.81
N LEU D 422 48.24 -11.80 29.51
CA LEU D 422 47.61 -11.00 30.56
C LEU D 422 46.44 -11.75 31.19
N MET D 423 45.63 -12.41 30.37
CA MET D 423 44.50 -13.19 30.89
C MET D 423 44.99 -14.30 31.79
N ASN D 424 46.04 -15.00 31.38
CA ASN D 424 46.57 -16.10 32.20
C ASN D 424 47.07 -15.58 33.54
N GLU D 425 47.84 -14.48 33.51
CA GLU D 425 48.37 -13.95 34.77
C GLU D 425 47.25 -13.46 35.68
N LEU D 426 46.25 -12.78 35.13
CA LEU D 426 45.17 -12.26 35.96
C LEU D 426 44.28 -13.39 36.47
N ASN D 427 44.15 -14.48 35.71
CA ASN D 427 43.42 -15.64 36.23
C ASN D 427 44.19 -16.32 37.34
N GLN D 428 45.52 -16.36 37.22
CA GLN D 428 46.33 -16.92 38.30
C GLN D 428 46.19 -16.08 39.56
N GLU D 429 46.16 -14.75 39.41
CA GLU D 429 46.15 -13.87 40.58
C GLU D 429 44.75 -13.73 41.18
N TRP D 430 43.83 -13.14 40.42
CA TRP D 430 42.47 -12.85 40.89
C TRP D 430 41.41 -13.71 40.22
N ASN D 431 41.80 -14.76 39.48
CA ASN D 431 40.84 -15.59 38.76
C ASN D 431 40.00 -14.77 37.81
N LEU D 432 40.61 -13.77 37.19
CA LEU D 432 39.95 -12.88 36.24
C LEU D 432 40.30 -13.30 34.82
N ALA D 433 39.28 -13.63 34.03
CA ALA D 433 39.48 -14.03 32.64
C ALA D 433 38.15 -14.11 31.90
C1 D12 E . -10.64 -15.77 -1.51
C2 D12 E . -11.63 -15.09 -2.46
C3 D12 E . -11.06 -15.13 -3.86
C4 D12 E . -12.14 -14.70 -4.86
C5 D12 E . -11.73 -15.21 -6.23
C6 D12 E . -12.79 -14.84 -7.27
C7 D12 E . -13.06 -16.08 -8.12
C8 D12 E . -14.04 -15.74 -9.24
C9 D12 E . -13.55 -16.38 -10.54
C10 D12 E . -14.58 -16.12 -11.63
C11 D12 E . -13.96 -16.44 -12.98
C12 D12 E . -14.99 -16.15 -14.08
H11 D12 E . -10.85 -15.54 -0.59
H12 D12 E . -9.74 -15.49 -1.72
H13 D12 E . -10.71 -16.73 -1.61
H21 D12 E . -11.77 -14.17 -2.18
H22 D12 E . -12.47 -15.57 -2.43
H31 D12 E . -10.77 -16.02 -4.07
H32 D12 E . -10.30 -14.52 -3.93
H41 D12 E . -12.22 -13.73 -4.88
H42 D12 E . -12.99 -15.08 -4.61
H51 D12 E . -11.64 -16.17 -6.21
H52 D12 E . -10.88 -14.81 -6.50
H61 D12 E . -12.48 -14.11 -7.83
H62 D12 E . -13.61 -14.57 -6.82
H71 D12 E . -13.43 -16.77 -7.56
H72 D12 E . -12.22 -16.39 -8.51
H81 D12 E . -14.08 -14.77 -9.35
H82 D12 E . -14.91 -16.07 -9.02
H91 D12 E . -13.45 -17.34 -10.41
H92 D12 E . -12.69 -15.99 -10.79
H101 D12 E . -14.86 -15.20 -11.61
H102 D12 E . -15.35 -16.69 -11.49
H111 D12 E . -13.71 -17.37 -13.02
H112 D12 E . -13.18 -15.88 -13.12
H121 D12 E . -14.55 -16.16 -14.95
H122 D12 E . -15.39 -15.27 -13.93
H123 D12 E . -15.68 -16.83 -14.05
C1 D12 F . 15.17 15.82 12.32
C2 D12 F . 15.91 15.43 11.04
C3 D12 F . 14.92 14.87 10.03
C4 D12 F . 15.68 14.52 8.74
C5 D12 F . 14.68 14.06 7.67
C6 D12 F . 15.48 13.65 6.43
C7 D12 F . 14.53 13.19 5.33
C8 D12 F . 15.34 12.44 4.28
C9 D12 F . 14.54 12.29 2.99
C10 D12 F . 15.29 11.37 2.02
C11 D12 F . 14.92 11.75 0.59
C12 D12 F . 15.31 10.64 -0.38
H11 D12 F . 15.79 16.17 12.97
H12 D12 F . 14.72 15.04 12.69
H13 D12 F . 14.50 16.50 12.11
H21 D12 F . 16.58 14.77 11.25
H22 D12 F . 16.33 16.22 10.67
H31 D12 F . 14.23 15.52 9.84
H32 D12 F . 14.51 14.06 10.39
H41 D12 F . 16.31 13.81 8.92
H42 D12 F . 16.15 15.30 8.43
H51 D12 F . 14.08 14.79 7.46
H52 D12 F . 14.18 13.30 8.00
H61 D12 F . 16.09 12.94 6.66
H62 D12 F . 15.99 14.42 6.11
H71 D12 F . 14.10 13.95 4.92
H72 D12 F . 13.86 12.59 5.70
H81 D12 F . 15.59 11.57 4.62
H82 D12 F . 16.15 12.94 4.08
H91 D12 F . 14.41 13.16 2.58
H92 D12 F . 13.68 11.90 3.19
H101 D12 F . 15.05 10.45 2.20
H102 D12 F . 16.25 11.49 2.14
H111 D12 F . 13.96 11.90 0.54
H112 D12 F . 15.38 12.56 0.35
H121 D12 F . 14.89 10.79 -1.23
H122 D12 F . 15.03 9.78 -0.02
H123 D12 F . 16.28 10.64 -0.49
#